data_2MPL
#
_entry.id   2MPL
#
_entity_poly.entity_id   1
_entity_poly.type   'polypeptide(L)'
_entity_poly.pdbx_seq_one_letter_code
;PWSGPEELELALQDGQRCVRARLSLTEGLSWGPFYGSIQTRALSPEREEPGPAVTLMVDESCWLRMLPQVLTEEAANSEI
YRKDDALWCRVTKVVPSGGLLYVRLVTEPHGAPRHPVQEPVEPGGLA
;
_entity_poly.pdbx_strand_id   A
#
# COMPACT_ATOMS: atom_id res chain seq x y z
N PRO A 1 20.49 2.32 -3.29
CA PRO A 1 19.75 1.32 -2.54
C PRO A 1 18.30 1.29 -2.97
N TRP A 2 17.58 2.35 -2.68
CA TRP A 2 16.20 2.51 -3.04
C TRP A 2 15.83 3.94 -2.72
N SER A 3 14.68 4.37 -3.12
CA SER A 3 14.21 5.66 -2.74
C SER A 3 13.20 5.47 -1.61
N GLY A 4 13.69 5.48 -0.40
CA GLY A 4 12.86 5.22 0.74
C GLY A 4 13.19 6.11 1.91
N PRO A 5 12.39 6.04 2.97
CA PRO A 5 12.55 6.89 4.14
C PRO A 5 13.57 6.33 5.13
N GLU A 6 13.98 7.16 6.07
CA GLU A 6 14.99 6.79 7.07
C GLU A 6 14.42 5.87 8.14
N GLU A 7 13.12 5.73 8.14
CA GLU A 7 12.42 4.91 9.11
C GLU A 7 12.44 3.45 8.67
N LEU A 8 12.67 3.28 7.39
CA LEU A 8 12.70 2.00 6.73
C LEU A 8 14.11 1.72 6.28
N GLU A 9 14.42 0.47 5.97
CA GLU A 9 15.74 0.14 5.49
C GLU A 9 15.70 -1.03 4.52
N LEU A 10 16.39 -0.86 3.41
CA LEU A 10 16.52 -1.90 2.42
C LEU A 10 17.84 -2.60 2.73
N ALA A 11 17.75 -3.82 3.14
CA ALA A 11 18.92 -4.54 3.53
C ALA A 11 19.22 -5.59 2.51
N LEU A 12 20.46 -5.71 2.16
CA LEU A 12 20.86 -6.71 1.22
C LEU A 12 21.49 -7.84 1.96
N GLN A 13 20.73 -8.86 2.11
CA GLN A 13 21.14 -10.02 2.85
C GLN A 13 21.23 -11.20 1.91
N ASP A 14 22.46 -11.56 1.57
CA ASP A 14 22.80 -12.68 0.65
C ASP A 14 22.48 -12.27 -0.81
N GLY A 15 22.26 -10.99 -1.00
CA GLY A 15 21.92 -10.48 -2.32
C GLY A 15 20.45 -10.21 -2.43
N GLN A 16 19.72 -10.62 -1.43
CA GLN A 16 18.30 -10.47 -1.38
C GLN A 16 17.96 -9.09 -0.86
N ARG A 17 17.00 -8.46 -1.47
CA ARG A 17 16.54 -7.19 -1.03
C ARG A 17 15.44 -7.39 0.01
N CYS A 18 15.75 -7.08 1.22
CA CYS A 18 14.82 -7.25 2.31
C CYS A 18 14.38 -5.89 2.82
N VAL A 19 13.08 -5.66 2.79
CA VAL A 19 12.51 -4.42 3.29
C VAL A 19 12.18 -4.55 4.77
N ARG A 20 13.08 -4.08 5.59
CA ARG A 20 12.92 -4.24 7.00
C ARG A 20 12.70 -2.91 7.68
N ALA A 21 12.03 -2.96 8.80
CA ALA A 21 11.83 -1.81 9.61
C ALA A 21 13.15 -1.42 10.23
N ARG A 22 13.57 -0.22 9.98
CA ARG A 22 14.83 0.26 10.50
C ARG A 22 14.54 0.75 11.89
N LEU A 23 13.53 1.58 11.97
CA LEU A 23 13.01 2.08 13.19
C LEU A 23 11.83 1.20 13.55
N SER A 24 11.26 1.39 14.69
CA SER A 24 10.06 0.70 15.03
C SER A 24 8.90 1.56 14.55
N LEU A 25 8.23 1.10 13.50
CA LEU A 25 7.13 1.84 12.92
C LEU A 25 5.91 1.72 13.78
N THR A 26 5.55 2.79 14.40
CA THR A 26 4.43 2.85 15.28
C THR A 26 3.13 3.05 14.53
N GLU A 27 2.13 2.27 14.91
CA GLU A 27 0.79 2.38 14.37
C GLU A 27 0.28 3.81 14.56
N GLY A 28 -0.10 4.45 13.49
CA GLY A 28 -0.60 5.80 13.56
C GLY A 28 0.35 6.77 12.88
N LEU A 29 1.62 6.39 12.79
CA LEU A 29 2.62 7.20 12.13
C LEU A 29 2.34 7.17 10.64
N SER A 30 2.60 8.24 9.98
CA SER A 30 2.38 8.31 8.56
C SER A 30 3.45 9.15 7.91
N TRP A 31 3.53 9.03 6.61
CA TRP A 31 4.43 9.83 5.82
C TRP A 31 3.62 10.80 4.99
N GLY A 32 4.29 11.73 4.38
CA GLY A 32 3.63 12.71 3.56
C GLY A 32 3.22 12.15 2.22
N PRO A 33 2.54 12.92 1.40
CA PRO A 33 2.04 12.46 0.10
C PRO A 33 3.15 12.16 -0.90
N PHE A 34 2.93 11.16 -1.70
CA PHE A 34 3.84 10.76 -2.74
C PHE A 34 3.12 10.90 -4.06
N TYR A 35 3.85 11.09 -5.13
CA TYR A 35 3.24 11.20 -6.40
C TYR A 35 3.33 9.93 -7.18
N GLY A 36 2.19 9.53 -7.63
CA GLY A 36 2.01 8.34 -8.35
C GLY A 36 0.55 8.07 -8.36
N SER A 37 0.16 6.86 -8.56
CA SER A 37 -1.25 6.54 -8.54
C SER A 37 -1.40 5.05 -8.26
N ILE A 38 -2.60 4.64 -7.97
CA ILE A 38 -2.92 3.25 -7.73
C ILE A 38 -4.22 2.97 -8.41
N GLN A 39 -4.22 2.09 -9.37
CA GLN A 39 -5.45 1.76 -10.02
C GLN A 39 -6.18 0.66 -9.26
N THR A 40 -7.15 1.10 -8.49
CA THR A 40 -7.95 0.25 -7.65
C THR A 40 -8.76 -0.75 -8.49
N ARG A 41 -9.11 -1.87 -7.92
CA ARG A 41 -9.85 -2.84 -8.67
C ARG A 41 -11.33 -2.62 -8.50
N ALA A 42 -11.97 -2.27 -9.58
CA ALA A 42 -13.41 -2.06 -9.60
C ALA A 42 -14.09 -3.29 -10.15
N LEU A 43 -13.31 -4.32 -10.25
CA LEU A 43 -13.73 -5.59 -10.77
C LEU A 43 -13.44 -6.64 -9.74
N SER A 44 -13.96 -7.79 -9.98
CA SER A 44 -13.74 -8.92 -9.14
C SER A 44 -12.68 -9.82 -9.78
N PRO A 45 -11.48 -9.94 -9.16
CA PRO A 45 -10.33 -10.71 -9.72
C PRO A 45 -10.63 -12.21 -9.86
N GLU A 46 -11.67 -12.67 -9.20
CA GLU A 46 -12.07 -14.06 -9.30
C GLU A 46 -12.81 -14.27 -10.64
N ARG A 47 -13.14 -13.18 -11.27
CA ARG A 47 -13.77 -13.17 -12.55
C ARG A 47 -12.81 -12.64 -13.60
N GLU A 48 -12.61 -11.33 -13.60
CA GLU A 48 -11.73 -10.68 -14.54
C GLU A 48 -10.70 -9.87 -13.79
N GLU A 49 -9.52 -9.80 -14.38
CA GLU A 49 -8.40 -8.97 -13.94
C GLU A 49 -7.84 -9.35 -12.56
N PRO A 50 -7.13 -10.50 -12.46
CA PRO A 50 -6.49 -10.93 -11.23
C PRO A 50 -4.96 -10.73 -11.26
N GLY A 51 -4.47 -10.07 -12.27
CA GLY A 51 -3.05 -9.91 -12.43
C GLY A 51 -2.56 -8.46 -12.32
N PRO A 52 -1.81 -7.97 -13.33
CA PRO A 52 -1.22 -6.60 -13.32
C PRO A 52 -2.23 -5.48 -13.52
N ALA A 53 -3.48 -5.85 -13.57
CA ALA A 53 -4.58 -4.92 -13.72
C ALA A 53 -4.62 -3.98 -12.54
N VAL A 54 -4.23 -4.49 -11.40
CA VAL A 54 -4.13 -3.70 -10.21
C VAL A 54 -2.66 -3.54 -9.93
N THR A 55 -2.20 -2.33 -9.98
CA THR A 55 -0.82 -2.02 -9.75
C THR A 55 -0.70 -0.61 -9.20
N LEU A 56 0.37 -0.37 -8.50
CA LEU A 56 0.66 0.95 -8.07
C LEU A 56 1.66 1.56 -9.02
N MET A 57 1.36 2.73 -9.45
CA MET A 57 2.16 3.42 -10.41
C MET A 57 3.00 4.44 -9.71
N VAL A 58 4.14 4.03 -9.25
CA VAL A 58 5.08 4.90 -8.57
C VAL A 58 6.43 4.73 -9.20
N ASP A 59 7.33 5.65 -8.91
CA ASP A 59 8.70 5.60 -9.41
C ASP A 59 9.31 4.25 -9.12
N GLU A 60 10.07 3.73 -10.06
CA GLU A 60 10.60 2.39 -9.94
C GLU A 60 11.61 2.23 -8.80
N SER A 61 12.10 3.34 -8.26
CA SER A 61 13.05 3.28 -7.16
C SER A 61 12.30 3.43 -5.83
N CYS A 62 11.04 3.88 -5.90
CA CYS A 62 10.24 4.19 -4.73
C CYS A 62 9.97 2.96 -3.88
N TRP A 63 10.18 3.12 -2.59
CA TRP A 63 10.04 2.06 -1.61
C TRP A 63 8.63 1.43 -1.58
N LEU A 64 7.63 2.18 -2.00
CA LEU A 64 6.23 1.71 -1.96
C LEU A 64 6.05 0.43 -2.78
N ARG A 65 6.81 0.30 -3.86
CA ARG A 65 6.72 -0.87 -4.72
C ARG A 65 7.77 -1.91 -4.35
N MET A 66 8.56 -1.62 -3.35
CA MET A 66 9.63 -2.49 -2.92
C MET A 66 9.13 -3.46 -1.85
N LEU A 67 8.04 -3.08 -1.21
CA LEU A 67 7.42 -3.93 -0.21
C LEU A 67 6.47 -4.93 -0.87
N PRO A 68 6.33 -6.14 -0.31
CA PRO A 68 5.41 -7.14 -0.83
C PRO A 68 3.97 -6.68 -0.66
N GLN A 69 3.19 -6.83 -1.68
CA GLN A 69 1.84 -6.31 -1.68
C GLN A 69 0.87 -7.30 -1.10
N VAL A 70 -0.01 -6.79 -0.28
CA VAL A 70 -1.02 -7.58 0.37
C VAL A 70 -2.37 -6.88 0.33
N LEU A 71 -3.39 -7.68 0.39
CA LEU A 71 -4.77 -7.21 0.43
C LEU A 71 -5.29 -7.37 1.86
N THR A 72 -4.53 -8.06 2.67
CA THR A 72 -4.90 -8.34 4.01
C THR A 72 -4.31 -7.33 4.98
N GLU A 73 -4.77 -7.38 6.20
CA GLU A 73 -4.40 -6.45 7.24
C GLU A 73 -3.28 -7.01 8.10
N GLU A 74 -3.27 -8.32 8.30
CA GLU A 74 -2.28 -8.96 9.15
C GLU A 74 -0.88 -8.88 8.62
N ALA A 75 -0.74 -9.03 7.34
CA ALA A 75 0.56 -8.95 6.74
C ALA A 75 0.95 -7.50 6.53
N ALA A 76 -0.03 -6.67 6.31
CA ALA A 76 0.21 -5.28 6.05
C ALA A 76 0.49 -4.54 7.30
N ASN A 77 1.61 -3.96 7.37
CA ASN A 77 1.94 -3.16 8.51
C ASN A 77 1.85 -1.69 8.14
N SER A 78 1.64 -1.43 6.87
CA SER A 78 1.47 -0.10 6.34
C SER A 78 0.57 -0.18 5.11
N GLU A 79 -0.25 0.83 4.90
CA GLU A 79 -1.13 0.86 3.76
C GLU A 79 -0.93 2.14 2.96
N ILE A 80 -1.11 2.05 1.66
CA ILE A 80 -1.00 3.19 0.78
C ILE A 80 -2.37 3.52 0.29
N TYR A 81 -2.78 4.73 0.48
CA TYR A 81 -4.07 5.16 0.07
C TYR A 81 -3.95 6.49 -0.62
N ARG A 82 -4.88 6.81 -1.46
CA ARG A 82 -4.83 8.07 -2.13
C ARG A 82 -5.81 9.02 -1.50
N LYS A 83 -5.37 10.21 -1.33
CA LYS A 83 -6.13 11.26 -0.74
C LYS A 83 -5.84 12.50 -1.52
N ASP A 84 -6.84 12.97 -2.20
CA ASP A 84 -6.76 14.16 -3.06
C ASP A 84 -5.67 13.98 -4.12
N ASP A 85 -5.84 12.92 -4.91
CA ASP A 85 -5.04 12.58 -6.11
C ASP A 85 -3.62 12.04 -5.77
N ALA A 86 -3.18 12.23 -4.53
CA ALA A 86 -1.84 11.87 -4.12
C ALA A 86 -1.87 10.68 -3.19
N LEU A 87 -0.76 9.98 -3.07
CA LEU A 87 -0.68 8.78 -2.26
C LEU A 87 -0.14 9.10 -0.90
N TRP A 88 -0.73 8.56 0.09
CA TRP A 88 -0.29 8.72 1.46
C TRP A 88 -0.05 7.35 2.06
N CYS A 89 0.94 7.26 2.91
CA CYS A 89 1.27 6.01 3.57
C CYS A 89 1.09 6.16 5.06
N ARG A 90 0.40 5.22 5.66
CA ARG A 90 0.21 5.22 7.09
C ARG A 90 0.62 3.88 7.64
N VAL A 91 1.12 3.87 8.83
CA VAL A 91 1.52 2.66 9.50
C VAL A 91 0.32 2.15 10.27
N THR A 92 -0.12 0.98 9.94
CA THR A 92 -1.28 0.42 10.55
C THR A 92 -0.94 -0.51 11.72
N LYS A 93 0.21 -1.14 11.68
CA LYS A 93 0.62 -2.05 12.73
C LYS A 93 2.02 -1.71 13.18
N VAL A 94 2.28 -1.83 14.46
CA VAL A 94 3.58 -1.48 15.00
C VAL A 94 4.62 -2.55 14.67
N VAL A 95 5.57 -2.18 13.85
CA VAL A 95 6.59 -3.08 13.36
C VAL A 95 7.84 -2.94 14.20
N PRO A 96 8.35 -4.03 14.76
CA PRO A 96 9.61 -4.00 15.49
C PRO A 96 10.78 -3.85 14.50
N SER A 97 11.86 -3.24 14.95
CA SER A 97 13.00 -3.04 14.11
C SER A 97 13.59 -4.38 13.67
N GLY A 98 13.83 -4.51 12.40
CA GLY A 98 14.33 -5.74 11.87
C GLY A 98 13.23 -6.55 11.25
N GLY A 99 12.00 -6.27 11.62
CA GLY A 99 10.87 -6.99 11.11
C GLY A 99 10.54 -6.54 9.71
N LEU A 100 10.02 -7.44 8.91
CA LEU A 100 9.65 -7.13 7.55
C LEU A 100 8.20 -6.66 7.54
N LEU A 101 7.85 -5.88 6.57
CA LEU A 101 6.52 -5.39 6.48
C LEU A 101 6.01 -5.48 5.06
N TYR A 102 4.72 -5.66 4.94
CA TYR A 102 4.06 -5.77 3.67
C TYR A 102 3.23 -4.52 3.47
N VAL A 103 2.95 -4.19 2.23
CA VAL A 103 2.22 -2.98 1.89
C VAL A 103 0.78 -3.31 1.43
N ARG A 104 -0.18 -2.65 2.03
CA ARG A 104 -1.59 -2.84 1.71
C ARG A 104 -1.97 -1.77 0.70
N LEU A 105 -2.33 -2.17 -0.48
CA LEU A 105 -2.78 -1.22 -1.50
C LEU A 105 -4.22 -0.92 -1.29
N VAL A 106 -4.57 0.35 -1.35
CA VAL A 106 -5.94 0.77 -1.24
C VAL A 106 -6.81 0.19 -2.36
N THR A 107 -7.85 -0.49 -1.97
CA THR A 107 -8.79 -1.02 -2.91
C THR A 107 -10.18 -0.70 -2.44
N GLU A 108 -10.52 0.56 -2.50
CA GLU A 108 -11.83 0.97 -2.10
C GLU A 108 -12.70 0.98 -3.32
N PRO A 109 -13.82 0.25 -3.31
CA PRO A 109 -14.80 0.34 -4.37
C PRO A 109 -15.45 1.71 -4.31
N HIS A 110 -14.88 2.64 -5.06
CA HIS A 110 -15.32 4.04 -5.07
C HIS A 110 -16.68 4.14 -5.70
N GLY A 111 -16.99 3.16 -6.51
CA GLY A 111 -18.22 3.10 -7.22
C GLY A 111 -18.01 3.55 -8.61
N ALA A 112 -17.27 4.65 -8.73
CA ALA A 112 -16.93 5.29 -10.00
C ALA A 112 -18.18 5.55 -10.85
N PRO A 113 -19.05 6.47 -10.41
CA PRO A 113 -20.28 6.76 -11.09
C PRO A 113 -20.19 8.03 -11.91
N ARG A 114 -18.94 8.48 -12.18
CA ARG A 114 -18.66 9.73 -12.87
C ARG A 114 -19.12 10.90 -12.02
N HIS A 115 -19.09 12.07 -12.56
CA HIS A 115 -19.56 13.22 -11.83
C HIS A 115 -20.97 13.52 -12.29
N PRO A 116 -21.90 13.77 -11.35
CA PRO A 116 -23.30 14.03 -11.67
C PRO A 116 -23.48 15.24 -12.59
N VAL A 117 -23.68 14.98 -13.86
CA VAL A 117 -23.91 16.01 -14.82
C VAL A 117 -25.38 16.42 -14.75
N GLN A 118 -26.20 15.47 -14.36
CA GLN A 118 -27.58 15.76 -14.18
C GLN A 118 -27.80 16.24 -12.78
N GLU A 119 -28.10 17.51 -12.69
CA GLU A 119 -28.29 18.23 -11.45
C GLU A 119 -29.44 17.65 -10.61
N PRO A 120 -29.37 17.74 -9.28
CA PRO A 120 -30.47 17.32 -8.42
C PRO A 120 -31.70 18.18 -8.69
N VAL A 121 -32.85 17.54 -8.85
CA VAL A 121 -34.06 18.28 -9.15
C VAL A 121 -34.47 19.15 -7.95
N GLU A 122 -34.42 20.44 -8.19
CA GLU A 122 -34.71 21.48 -7.22
C GLU A 122 -33.67 21.45 -6.07
N PRO A 123 -32.46 21.98 -6.34
CA PRO A 123 -31.38 22.00 -5.36
C PRO A 123 -31.62 23.06 -4.28
N GLY A 124 -30.71 23.12 -3.35
CA GLY A 124 -30.80 24.07 -2.27
C GLY A 124 -31.10 23.35 -0.99
N GLY A 125 -32.29 22.80 -0.90
CA GLY A 125 -32.69 22.12 0.30
C GLY A 125 -32.57 20.62 0.21
N LEU A 126 -33.35 19.93 1.05
CA LEU A 126 -33.41 18.45 1.16
C LEU A 126 -32.15 17.86 1.80
N ALA A 127 -31.02 18.25 1.30
CA ALA A 127 -29.75 17.77 1.75
C ALA A 127 -28.71 18.82 1.46
N PRO A 1 20.23 4.08 -4.70
CA PRO A 1 19.49 4.05 -3.45
C PRO A 1 18.12 3.49 -3.74
N TRP A 2 17.26 3.41 -2.73
CA TRP A 2 15.91 2.89 -2.95
C TRP A 2 14.88 3.98 -2.68
N SER A 3 15.38 5.18 -2.29
CA SER A 3 14.58 6.39 -2.07
C SER A 3 13.61 6.25 -0.89
N GLY A 4 13.94 5.38 0.04
CA GLY A 4 13.10 5.16 1.17
C GLY A 4 13.55 5.96 2.37
N PRO A 5 12.59 6.52 3.16
CA PRO A 5 12.86 7.27 4.40
C PRO A 5 13.89 6.57 5.31
N GLU A 6 14.63 7.36 6.07
CA GLU A 6 15.74 6.87 6.90
C GLU A 6 15.29 6.08 8.11
N GLU A 7 13.98 6.01 8.30
CA GLU A 7 13.40 5.23 9.36
C GLU A 7 13.37 3.77 8.91
N LEU A 8 13.47 3.63 7.61
CA LEU A 8 13.44 2.37 6.92
C LEU A 8 14.78 2.09 6.32
N GLU A 9 14.98 0.88 5.91
CA GLU A 9 16.13 0.50 5.16
C GLU A 9 15.80 -0.76 4.39
N LEU A 10 16.27 -0.81 3.18
CA LEU A 10 16.05 -1.95 2.32
C LEU A 10 17.18 -2.91 2.58
N ALA A 11 16.86 -4.06 3.07
CA ALA A 11 17.85 -5.06 3.31
C ALA A 11 17.76 -6.10 2.23
N LEU A 12 18.87 -6.52 1.75
CA LEU A 12 18.90 -7.54 0.74
C LEU A 12 19.17 -8.89 1.39
N GLN A 13 18.14 -9.67 1.53
CA GLN A 13 18.27 -11.00 2.09
C GLN A 13 18.14 -12.00 0.98
N ASP A 14 19.27 -12.57 0.55
CA ASP A 14 19.31 -13.57 -0.52
C ASP A 14 18.83 -12.99 -1.85
N GLY A 15 18.94 -11.68 -1.98
CA GLY A 15 18.49 -11.01 -3.19
C GLY A 15 17.08 -10.47 -3.05
N GLN A 16 16.47 -10.76 -1.93
CA GLN A 16 15.12 -10.30 -1.66
C GLN A 16 15.16 -8.89 -1.16
N ARG A 17 14.32 -8.08 -1.75
CA ARG A 17 14.14 -6.72 -1.34
C ARG A 17 13.18 -6.68 -0.19
N CYS A 18 13.69 -6.65 0.99
CA CYS A 18 12.86 -6.60 2.14
C CYS A 18 13.05 -5.28 2.86
N VAL A 19 11.97 -4.64 3.12
CA VAL A 19 11.99 -3.36 3.77
C VAL A 19 11.90 -3.57 5.26
N ARG A 20 12.90 -3.14 5.96
CA ARG A 20 12.93 -3.27 7.39
C ARG A 20 12.92 -1.90 8.01
N ALA A 21 12.33 -1.79 9.14
CA ALA A 21 12.31 -0.55 9.86
C ALA A 21 13.46 -0.56 10.83
N ARG A 22 14.38 0.37 10.69
CA ARG A 22 15.52 0.45 11.61
C ARG A 22 15.06 1.14 12.87
N LEU A 23 14.06 1.95 12.71
CA LEU A 23 13.45 2.64 13.78
C LEU A 23 12.08 2.05 13.98
N SER A 24 11.69 1.89 15.22
CA SER A 24 10.42 1.30 15.56
C SER A 24 9.27 2.23 15.16
N LEU A 25 8.39 1.71 14.33
CA LEU A 25 7.27 2.46 13.81
C LEU A 25 6.08 2.27 14.73
N THR A 26 5.44 3.37 15.07
CA THR A 26 4.29 3.35 15.94
C THR A 26 3.00 3.32 15.14
N GLU A 27 1.94 2.84 15.76
CA GLU A 27 0.64 2.77 15.17
C GLU A 27 0.14 4.19 14.92
N GLY A 28 -0.07 4.52 13.68
CA GLY A 28 -0.56 5.83 13.34
C GLY A 28 0.47 6.65 12.60
N LEU A 29 1.72 6.21 12.67
CA LEU A 29 2.81 6.90 12.00
C LEU A 29 2.59 6.83 10.51
N SER A 30 2.58 7.95 9.87
CA SER A 30 2.33 7.99 8.48
C SER A 30 3.31 8.95 7.82
N TRP A 31 3.73 8.62 6.64
CA TRP A 31 4.67 9.44 5.93
C TRP A 31 3.94 10.44 5.05
N GLY A 32 4.70 11.36 4.48
CA GLY A 32 4.11 12.38 3.66
C GLY A 32 3.70 11.86 2.30
N PRO A 33 2.87 12.61 1.58
CA PRO A 33 2.34 12.19 0.27
C PRO A 33 3.42 11.90 -0.75
N PHE A 34 3.33 10.75 -1.34
CA PHE A 34 4.24 10.30 -2.37
C PHE A 34 3.52 10.46 -3.70
N TYR A 35 4.21 10.29 -4.78
CA TYR A 35 3.60 10.50 -6.06
C TYR A 35 3.64 9.29 -6.96
N GLY A 36 2.57 9.13 -7.67
CA GLY A 36 2.35 8.04 -8.56
C GLY A 36 0.88 8.04 -8.84
N SER A 37 0.30 6.90 -9.09
CA SER A 37 -1.13 6.84 -9.32
C SER A 37 -1.67 5.45 -9.13
N ILE A 38 -2.74 5.31 -8.38
CA ILE A 38 -3.37 4.08 -8.18
C ILE A 38 -4.86 4.21 -8.08
N GLN A 39 -5.52 3.97 -9.16
CA GLN A 39 -6.96 3.99 -9.15
C GLN A 39 -7.57 3.04 -10.17
N THR A 40 -7.93 1.88 -9.72
CA THR A 40 -8.60 0.94 -10.55
C THR A 40 -10.07 1.40 -10.65
N ARG A 41 -10.79 0.90 -11.61
CA ARG A 41 -12.16 1.27 -11.75
C ARG A 41 -13.03 0.14 -11.23
N ALA A 42 -13.01 -0.95 -11.92
CA ALA A 42 -13.73 -2.12 -11.54
C ALA A 42 -12.82 -3.32 -11.65
N LEU A 43 -12.10 -3.58 -10.60
CA LEU A 43 -11.18 -4.68 -10.55
C LEU A 43 -11.87 -5.90 -10.04
N SER A 44 -11.77 -6.95 -10.79
CA SER A 44 -12.39 -8.17 -10.43
C SER A 44 -11.34 -9.12 -9.82
N PRO A 45 -11.44 -9.39 -8.50
CA PRO A 45 -10.54 -10.35 -7.82
C PRO A 45 -10.74 -11.73 -8.43
N GLU A 46 -11.93 -11.91 -9.00
CA GLU A 46 -12.33 -13.12 -9.69
C GLU A 46 -11.41 -13.38 -10.88
N ARG A 47 -10.83 -12.32 -11.43
CA ARG A 47 -9.93 -12.44 -12.53
C ARG A 47 -8.51 -12.62 -12.02
N GLU A 48 -8.09 -11.77 -11.10
CA GLU A 48 -6.70 -11.81 -10.67
C GLU A 48 -6.45 -11.73 -9.17
N GLU A 49 -6.42 -12.87 -8.57
CA GLU A 49 -5.98 -13.04 -7.21
C GLU A 49 -4.71 -13.91 -7.14
N PRO A 50 -4.66 -15.08 -7.86
CA PRO A 50 -3.43 -15.89 -7.92
C PRO A 50 -2.27 -15.13 -8.56
N GLY A 51 -2.56 -14.40 -9.61
CA GLY A 51 -1.55 -13.63 -10.27
C GLY A 51 -2.00 -12.20 -10.50
N PRO A 52 -1.68 -11.28 -9.57
CA PRO A 52 -2.06 -9.88 -9.69
C PRO A 52 -1.30 -9.17 -10.84
N ALA A 53 -2.06 -8.59 -11.74
CA ALA A 53 -1.50 -7.88 -12.86
C ALA A 53 -1.62 -6.40 -12.61
N VAL A 54 -2.64 -6.02 -11.87
CA VAL A 54 -2.79 -4.65 -11.49
C VAL A 54 -2.08 -4.49 -10.13
N THR A 55 -1.06 -3.67 -10.13
CA THR A 55 -0.19 -3.42 -8.99
C THR A 55 -0.13 -1.93 -8.77
N LEU A 56 0.62 -1.46 -7.81
CA LEU A 56 0.73 -0.03 -7.67
C LEU A 56 1.60 0.61 -8.77
N MET A 57 1.11 1.70 -9.33
CA MET A 57 1.85 2.42 -10.32
C MET A 57 2.55 3.57 -9.65
N VAL A 58 3.77 3.35 -9.33
CA VAL A 58 4.59 4.34 -8.67
C VAL A 58 5.90 4.44 -9.42
N ASP A 59 6.58 5.55 -9.23
CA ASP A 59 7.88 5.77 -9.84
C ASP A 59 8.94 4.93 -9.15
N GLU A 60 10.13 4.89 -9.73
CA GLU A 60 11.23 4.14 -9.14
C GLU A 60 11.85 4.95 -8.01
N SER A 61 11.39 6.18 -7.91
CA SER A 61 11.74 7.10 -6.87
C SER A 61 10.84 6.83 -5.64
N CYS A 62 9.92 5.90 -5.81
CA CYS A 62 8.98 5.59 -4.79
C CYS A 62 9.30 4.21 -4.21
N TRP A 63 9.63 4.21 -2.94
CA TRP A 63 10.05 3.03 -2.18
C TRP A 63 8.88 2.06 -1.95
N LEU A 64 7.67 2.54 -2.17
CA LEU A 64 6.46 1.76 -1.93
C LEU A 64 6.38 0.50 -2.79
N ARG A 65 7.09 0.49 -3.91
CA ARG A 65 7.10 -0.72 -4.75
C ARG A 65 8.21 -1.68 -4.31
N MET A 66 8.97 -1.29 -3.31
CA MET A 66 10.05 -2.15 -2.82
C MET A 66 9.56 -3.11 -1.75
N LEU A 67 8.38 -2.85 -1.23
CA LEU A 67 7.81 -3.70 -0.19
C LEU A 67 7.14 -4.92 -0.82
N PRO A 68 7.22 -6.10 -0.19
CA PRO A 68 6.53 -7.30 -0.67
C PRO A 68 5.02 -7.17 -0.44
N GLN A 69 4.25 -7.66 -1.38
CA GLN A 69 2.81 -7.56 -1.33
C GLN A 69 2.22 -8.72 -0.57
N VAL A 70 1.25 -8.45 0.23
CA VAL A 70 0.56 -9.46 0.98
C VAL A 70 -0.90 -9.53 0.56
N LEU A 71 -1.54 -10.62 0.91
CA LEU A 71 -2.90 -10.90 0.49
C LEU A 71 -3.89 -10.03 1.25
N THR A 72 -3.71 -9.96 2.53
CA THR A 72 -4.64 -9.24 3.38
C THR A 72 -3.95 -8.05 4.03
N GLU A 73 -4.72 -7.22 4.72
CA GLU A 73 -4.17 -6.09 5.45
C GLU A 73 -3.64 -6.53 6.80
N GLU A 74 -4.00 -7.75 7.20
CA GLU A 74 -3.60 -8.31 8.47
C GLU A 74 -2.10 -8.58 8.47
N ALA A 75 -1.60 -8.93 7.31
CA ALA A 75 -0.20 -9.22 7.15
C ALA A 75 0.55 -7.97 6.70
N ALA A 76 -0.19 -6.90 6.54
CA ALA A 76 0.38 -5.67 6.09
C ALA A 76 0.61 -4.77 7.28
N ASN A 77 1.77 -4.21 7.34
CA ASN A 77 2.11 -3.32 8.44
C ASN A 77 1.90 -1.90 8.03
N SER A 78 1.71 -1.69 6.75
CA SER A 78 1.47 -0.41 6.20
C SER A 78 0.57 -0.54 4.97
N GLU A 79 -0.44 0.28 4.89
CA GLU A 79 -1.29 0.29 3.74
C GLU A 79 -0.92 1.48 2.88
N ILE A 80 -0.90 1.27 1.61
CA ILE A 80 -0.59 2.30 0.68
C ILE A 80 -1.85 2.62 -0.08
N TYR A 81 -2.31 3.81 0.11
CA TYR A 81 -3.54 4.24 -0.45
C TYR A 81 -3.34 5.59 -1.10
N ARG A 82 -4.35 6.08 -1.75
CA ARG A 82 -4.28 7.36 -2.38
C ARG A 82 -5.36 8.29 -1.88
N LYS A 83 -4.96 9.47 -1.55
CA LYS A 83 -5.83 10.48 -1.04
C LYS A 83 -5.49 11.77 -1.69
N ASP A 84 -6.50 12.41 -2.27
CA ASP A 84 -6.36 13.68 -3.00
C ASP A 84 -5.40 13.49 -4.16
N ASP A 85 -5.37 12.24 -4.66
CA ASP A 85 -4.50 11.78 -5.75
C ASP A 85 -3.03 11.68 -5.38
N ALA A 86 -2.76 11.81 -4.12
CA ALA A 86 -1.41 11.66 -3.61
C ALA A 86 -1.34 10.31 -2.92
N LEU A 87 -0.19 9.72 -2.86
CA LEU A 87 -0.05 8.41 -2.26
C LEU A 87 0.34 8.56 -0.81
N TRP A 88 -0.20 7.75 0.02
CA TRP A 88 0.08 7.81 1.43
C TRP A 88 0.42 6.44 1.95
N CYS A 89 1.25 6.41 2.96
CA CYS A 89 1.67 5.19 3.62
C CYS A 89 1.49 5.38 5.10
N ARG A 90 0.64 4.59 5.70
CA ARG A 90 0.38 4.68 7.12
C ARG A 90 0.74 3.36 7.80
N VAL A 91 1.25 3.44 8.99
CA VAL A 91 1.64 2.27 9.76
C VAL A 91 0.49 1.87 10.68
N THR A 92 -0.04 0.70 10.45
CA THR A 92 -1.16 0.22 11.20
C THR A 92 -0.74 -0.65 12.39
N LYS A 93 0.29 -1.44 12.21
CA LYS A 93 0.71 -2.39 13.22
C LYS A 93 2.01 -1.96 13.88
N VAL A 94 2.39 -2.66 14.94
CA VAL A 94 3.59 -2.36 15.68
C VAL A 94 4.80 -2.96 14.97
N VAL A 95 5.61 -2.12 14.35
CA VAL A 95 6.78 -2.59 13.63
C VAL A 95 8.05 -2.25 14.42
N PRO A 96 8.72 -3.25 15.01
CA PRO A 96 9.94 -3.04 15.80
C PRO A 96 11.17 -2.84 14.90
N SER A 97 12.31 -2.57 15.53
CA SER A 97 13.54 -2.34 14.83
C SER A 97 14.07 -3.66 14.24
N GLY A 98 14.10 -3.74 12.95
CA GLY A 98 14.52 -4.94 12.28
C GLY A 98 13.32 -5.65 11.71
N GLY A 99 12.15 -5.16 12.07
CA GLY A 99 10.93 -5.74 11.60
C GLY A 99 10.67 -5.38 10.16
N LEU A 100 10.12 -6.31 9.43
CA LEU A 100 9.81 -6.10 8.04
C LEU A 100 8.39 -5.61 7.90
N LEU A 101 8.15 -4.77 6.95
CA LEU A 101 6.83 -4.29 6.69
C LEU A 101 6.40 -4.66 5.29
N TYR A 102 5.14 -4.95 5.16
CA TYR A 102 4.58 -5.40 3.92
C TYR A 102 3.53 -4.41 3.46
N VAL A 103 3.32 -4.33 2.17
CA VAL A 103 2.43 -3.34 1.58
C VAL A 103 1.05 -3.93 1.18
N ARG A 104 0.02 -3.25 1.63
CA ARG A 104 -1.32 -3.50 1.17
C ARG A 104 -1.68 -2.29 0.35
N LEU A 105 -1.75 -2.46 -0.93
CA LEU A 105 -1.84 -1.35 -1.84
C LEU A 105 -3.13 -1.32 -2.63
N VAL A 106 -3.48 -0.13 -3.05
CA VAL A 106 -4.56 0.08 -3.99
C VAL A 106 -3.97 -0.15 -5.40
N THR A 107 -4.77 -0.60 -6.32
CA THR A 107 -4.34 -0.99 -7.64
C THR A 107 -4.31 0.18 -8.67
N GLU A 108 -3.36 0.08 -9.64
CA GLU A 108 -3.10 1.09 -10.70
C GLU A 108 -4.31 1.47 -11.57
N PRO A 109 -4.25 2.71 -12.20
CA PRO A 109 -5.29 3.23 -13.09
C PRO A 109 -5.85 2.23 -14.08
N HIS A 110 -7.12 1.88 -13.86
CA HIS A 110 -7.89 0.95 -14.69
C HIS A 110 -7.46 -0.50 -14.48
N GLY A 111 -6.31 -0.81 -15.00
CA GLY A 111 -5.83 -2.15 -15.01
C GLY A 111 -4.95 -2.33 -16.20
N ALA A 112 -3.82 -1.64 -16.14
CA ALA A 112 -2.81 -1.53 -17.18
C ALA A 112 -3.27 -0.61 -18.30
N PRO A 113 -3.02 0.71 -18.17
CA PRO A 113 -3.42 1.70 -19.18
C PRO A 113 -2.54 1.65 -20.45
N ARG A 114 -2.44 0.47 -21.01
CA ARG A 114 -1.69 0.20 -22.20
C ARG A 114 -2.67 -0.38 -23.20
N HIS A 115 -3.22 0.45 -24.01
CA HIS A 115 -4.23 0.03 -24.92
C HIS A 115 -3.61 -0.28 -26.28
N PRO A 116 -3.97 -1.47 -26.88
CA PRO A 116 -3.49 -1.91 -28.20
C PRO A 116 -3.45 -0.77 -29.22
N VAL A 117 -4.52 -0.03 -29.28
CA VAL A 117 -4.57 1.12 -30.13
C VAL A 117 -4.60 2.40 -29.30
N GLN A 118 -3.45 3.01 -29.17
CA GLN A 118 -3.33 4.27 -28.46
C GLN A 118 -3.37 5.40 -29.51
N GLU A 119 -3.70 5.01 -30.74
CA GLU A 119 -3.88 5.92 -31.86
C GLU A 119 -4.80 7.11 -31.50
N PRO A 120 -6.02 6.88 -30.96
CA PRO A 120 -6.84 7.97 -30.50
C PRO A 120 -6.46 8.30 -29.06
N VAL A 121 -6.00 9.50 -28.86
CA VAL A 121 -5.60 9.94 -27.54
C VAL A 121 -6.68 10.85 -26.99
N GLU A 122 -7.67 11.05 -27.81
CA GLU A 122 -8.79 11.89 -27.48
C GLU A 122 -9.75 11.09 -26.62
N PRO A 123 -10.04 11.55 -25.41
CA PRO A 123 -11.03 10.91 -24.57
C PRO A 123 -12.41 11.08 -25.21
N GLY A 124 -12.66 12.26 -25.73
CA GLY A 124 -13.83 12.54 -26.47
C GLY A 124 -13.45 12.93 -27.86
N GLY A 125 -13.48 11.98 -28.77
CA GLY A 125 -13.06 12.24 -30.12
C GLY A 125 -14.00 11.65 -31.12
N LEU A 126 -14.66 12.52 -31.84
CA LEU A 126 -15.62 12.18 -32.91
C LEU A 126 -16.24 13.47 -33.36
N ALA A 127 -16.64 14.26 -32.39
CA ALA A 127 -17.20 15.56 -32.61
C ALA A 127 -16.89 16.42 -31.40
N PRO A 1 16.87 2.50 -7.37
CA PRO A 1 17.40 2.13 -6.10
C PRO A 1 16.34 2.32 -5.05
N TRP A 2 16.74 2.35 -3.82
CA TRP A 2 15.86 2.56 -2.72
C TRP A 2 15.77 4.05 -2.38
N SER A 3 14.66 4.65 -2.72
CA SER A 3 14.38 5.99 -2.30
C SER A 3 13.27 5.92 -1.27
N GLY A 4 13.66 5.86 -0.02
CA GLY A 4 12.71 5.70 1.02
C GLY A 4 12.95 6.61 2.19
N PRO A 5 12.26 6.36 3.30
CA PRO A 5 12.34 7.18 4.50
C PRO A 5 13.54 6.83 5.37
N GLU A 6 13.77 7.68 6.34
CA GLU A 6 14.91 7.57 7.24
C GLU A 6 14.71 6.45 8.25
N GLU A 7 13.46 6.20 8.62
CA GLU A 7 13.09 5.19 9.62
C GLU A 7 13.08 3.79 9.04
N LEU A 8 13.32 3.72 7.78
CA LEU A 8 13.26 2.50 7.04
C LEU A 8 14.63 2.17 6.50
N GLU A 9 14.84 0.92 6.13
CA GLU A 9 16.12 0.50 5.57
C GLU A 9 15.92 -0.63 4.57
N LEU A 10 16.77 -0.67 3.57
CA LEU A 10 16.77 -1.69 2.55
C LEU A 10 17.92 -2.63 2.89
N ALA A 11 17.63 -3.88 3.08
CA ALA A 11 18.62 -4.83 3.49
C ALA A 11 18.83 -5.86 2.41
N LEU A 12 20.05 -5.98 1.98
CA LEU A 12 20.41 -6.98 1.00
C LEU A 12 21.01 -8.16 1.69
N GLN A 13 20.22 -9.18 1.85
CA GLN A 13 20.67 -10.38 2.50
C GLN A 13 20.69 -11.47 1.45
N ASP A 14 21.90 -11.90 1.09
CA ASP A 14 22.12 -13.01 0.14
C ASP A 14 21.68 -12.64 -1.30
N GLY A 15 21.44 -11.37 -1.52
CA GLY A 15 21.01 -10.90 -2.83
C GLY A 15 19.53 -10.56 -2.87
N GLN A 16 18.88 -10.70 -1.74
CA GLN A 16 17.47 -10.42 -1.64
C GLN A 16 17.29 -8.97 -1.25
N ARG A 17 16.38 -8.30 -1.91
CA ARG A 17 16.03 -6.94 -1.57
C ARG A 17 14.96 -7.00 -0.51
N CYS A 18 15.36 -6.90 0.71
CA CYS A 18 14.44 -7.00 1.78
C CYS A 18 14.28 -5.64 2.42
N VAL A 19 13.16 -5.40 3.00
CA VAL A 19 12.85 -4.14 3.62
C VAL A 19 12.54 -4.36 5.08
N ARG A 20 13.15 -3.60 5.93
CA ARG A 20 12.93 -3.76 7.34
C ARG A 20 12.80 -2.42 8.00
N ALA A 21 12.03 -2.37 9.04
CA ALA A 21 11.90 -1.19 9.84
C ALA A 21 13.19 -1.02 10.60
N ARG A 22 13.85 0.08 10.40
CA ARG A 22 15.12 0.35 11.00
C ARG A 22 14.94 0.55 12.49
N LEU A 23 13.94 1.34 12.84
CA LEU A 23 13.57 1.56 14.23
C LEU A 23 12.20 0.97 14.45
N SER A 24 11.69 1.10 15.65
CA SER A 24 10.37 0.61 15.95
C SER A 24 9.34 1.62 15.42
N LEU A 25 8.82 1.31 14.27
CA LEU A 25 7.89 2.09 13.56
C LEU A 25 6.52 1.93 14.20
N THR A 26 6.04 2.97 14.79
CA THR A 26 4.79 2.89 15.50
C THR A 26 3.62 3.16 14.57
N GLU A 27 2.55 2.44 14.80
CA GLU A 27 1.35 2.59 14.02
C GLU A 27 0.66 3.90 14.35
N GLY A 28 0.22 4.58 13.35
CA GLY A 28 -0.34 5.91 13.54
C GLY A 28 0.56 6.92 12.87
N LEU A 29 1.77 6.48 12.57
CA LEU A 29 2.69 7.30 11.85
C LEU A 29 2.36 7.21 10.38
N SER A 30 2.46 8.31 9.71
CA SER A 30 2.21 8.37 8.33
C SER A 30 3.24 9.26 7.69
N TRP A 31 3.53 9.01 6.45
CA TRP A 31 4.47 9.81 5.70
C TRP A 31 3.73 10.80 4.82
N GLY A 32 4.47 11.65 4.16
CA GLY A 32 3.89 12.65 3.30
C GLY A 32 3.36 12.07 1.99
N PRO A 33 2.81 12.92 1.13
CA PRO A 33 2.21 12.49 -0.13
C PRO A 33 3.25 12.05 -1.17
N PHE A 34 3.11 10.85 -1.63
CA PHE A 34 3.97 10.31 -2.66
C PHE A 34 3.27 10.42 -3.99
N TYR A 35 4.02 10.39 -5.04
CA TYR A 35 3.48 10.49 -6.36
C TYR A 35 3.32 9.10 -6.94
N GLY A 36 2.13 8.77 -7.33
CA GLY A 36 1.86 7.49 -7.88
C GLY A 36 0.38 7.29 -8.03
N SER A 37 -0.01 6.14 -8.50
CA SER A 37 -1.39 5.86 -8.71
C SER A 37 -1.85 4.64 -7.91
N ILE A 38 -2.89 4.87 -7.14
CA ILE A 38 -3.58 3.89 -6.34
C ILE A 38 -5.06 4.19 -6.45
N GLN A 39 -5.84 3.28 -6.98
CA GLN A 39 -7.25 3.50 -7.20
C GLN A 39 -8.09 2.22 -7.09
N THR A 40 -8.78 2.07 -5.99
CA THR A 40 -9.81 1.06 -5.81
C THR A 40 -10.95 1.29 -6.85
N ARG A 41 -11.68 0.25 -7.16
CA ARG A 41 -12.79 0.32 -8.11
C ARG A 41 -14.08 -0.02 -7.41
N ALA A 42 -13.94 -0.40 -6.15
CA ALA A 42 -15.01 -0.81 -5.28
C ALA A 42 -15.66 -2.06 -5.82
N LEU A 43 -14.88 -3.10 -5.83
CA LEU A 43 -15.37 -4.37 -6.27
C LEU A 43 -16.03 -5.07 -5.11
N SER A 44 -16.57 -6.22 -5.37
CA SER A 44 -17.29 -6.99 -4.40
C SER A 44 -16.35 -7.49 -3.26
N PRO A 45 -16.51 -6.98 -2.01
CA PRO A 45 -15.66 -7.38 -0.86
C PRO A 45 -16.04 -8.76 -0.35
N GLU A 46 -17.17 -9.24 -0.84
CA GLU A 46 -17.73 -10.52 -0.51
C GLU A 46 -16.95 -11.66 -1.15
N ARG A 47 -16.17 -11.33 -2.16
CA ARG A 47 -15.41 -12.32 -2.87
C ARG A 47 -14.04 -12.48 -2.21
N GLU A 48 -13.40 -13.57 -2.48
CA GLU A 48 -12.08 -13.81 -1.99
C GLU A 48 -11.22 -14.18 -3.19
N GLU A 49 -9.98 -13.75 -3.19
CA GLU A 49 -9.08 -13.99 -4.32
C GLU A 49 -7.64 -14.03 -3.83
N PRO A 50 -6.92 -15.15 -4.12
CA PRO A 50 -5.52 -15.31 -3.73
C PRO A 50 -4.55 -14.75 -4.79
N GLY A 51 -5.12 -14.11 -5.78
CA GLY A 51 -4.35 -13.52 -6.83
C GLY A 51 -4.22 -12.04 -6.59
N PRO A 52 -3.02 -11.45 -6.73
CA PRO A 52 -2.83 -10.04 -6.49
C PRO A 52 -3.45 -9.15 -7.57
N ALA A 53 -4.75 -8.90 -7.42
CA ALA A 53 -5.46 -7.99 -8.30
C ALA A 53 -5.08 -6.58 -7.95
N VAL A 54 -5.10 -6.31 -6.65
CA VAL A 54 -4.75 -5.02 -6.17
C VAL A 54 -3.23 -4.88 -6.21
N THR A 55 -2.81 -3.93 -7.01
CA THR A 55 -1.43 -3.71 -7.36
C THR A 55 -1.09 -2.23 -7.25
N LEU A 56 0.12 -1.84 -7.55
CA LEU A 56 0.49 -0.44 -7.51
C LEU A 56 1.11 0.05 -8.80
N MET A 57 0.88 1.31 -9.09
CA MET A 57 1.50 1.95 -10.22
C MET A 57 2.26 3.18 -9.73
N VAL A 58 3.45 2.96 -9.24
CA VAL A 58 4.27 4.02 -8.70
C VAL A 58 5.59 4.05 -9.45
N ASP A 59 6.38 5.05 -9.19
CA ASP A 59 7.65 5.19 -9.86
C ASP A 59 8.64 4.15 -9.38
N GLU A 60 9.56 3.81 -10.24
CA GLU A 60 10.53 2.74 -10.01
C GLU A 60 11.44 2.93 -8.78
N SER A 61 11.59 4.14 -8.34
CA SER A 61 12.44 4.45 -7.22
C SER A 61 11.66 4.55 -5.91
N CYS A 62 10.35 4.50 -6.01
CA CYS A 62 9.51 4.66 -4.85
C CYS A 62 9.57 3.39 -3.99
N TRP A 63 9.92 3.57 -2.72
CA TRP A 63 10.11 2.47 -1.76
C TRP A 63 8.84 1.64 -1.56
N LEU A 64 7.70 2.21 -1.88
CA LEU A 64 6.41 1.54 -1.71
C LEU A 64 6.33 0.27 -2.55
N ARG A 65 7.03 0.23 -3.67
CA ARG A 65 7.01 -0.95 -4.53
C ARG A 65 8.16 -1.88 -4.20
N MET A 66 8.92 -1.51 -3.20
CA MET A 66 10.04 -2.34 -2.75
C MET A 66 9.58 -3.21 -1.61
N LEU A 67 8.39 -2.90 -1.11
CA LEU A 67 7.78 -3.60 -0.02
C LEU A 67 7.02 -4.80 -0.58
N PRO A 68 7.04 -5.95 0.11
CA PRO A 68 6.25 -7.12 -0.30
C PRO A 68 4.75 -6.82 -0.23
N GLN A 69 4.04 -7.16 -1.28
CA GLN A 69 2.64 -6.84 -1.39
C GLN A 69 1.76 -7.92 -0.82
N VAL A 70 0.75 -7.49 -0.11
CA VAL A 70 -0.25 -8.37 0.46
C VAL A 70 -1.61 -7.87 0.03
N LEU A 71 -2.65 -8.61 0.30
CA LEU A 71 -3.99 -8.21 -0.13
C LEU A 71 -4.89 -7.86 1.05
N THR A 72 -4.60 -8.41 2.19
CA THR A 72 -5.41 -8.14 3.35
C THR A 72 -4.74 -7.16 4.29
N GLU A 73 -5.53 -6.40 5.03
CA GLU A 73 -4.99 -5.38 5.92
C GLU A 73 -4.32 -5.99 7.12
N GLU A 74 -4.77 -7.16 7.53
CA GLU A 74 -4.15 -7.85 8.65
C GLU A 74 -2.82 -8.47 8.23
N ALA A 75 -2.64 -8.67 6.94
CA ALA A 75 -1.37 -9.19 6.45
C ALA A 75 -0.37 -8.06 6.33
N ALA A 76 -0.89 -6.87 6.21
CA ALA A 76 -0.10 -5.69 6.04
C ALA A 76 0.19 -5.03 7.35
N ASN A 77 1.33 -4.44 7.43
CA ASN A 77 1.68 -3.62 8.58
C ASN A 77 1.83 -2.17 8.13
N SER A 78 1.68 -1.97 6.83
CA SER A 78 1.70 -0.67 6.21
C SER A 78 0.72 -0.68 5.04
N GLU A 79 -0.07 0.35 4.89
CA GLU A 79 -1.01 0.40 3.79
C GLU A 79 -0.99 1.77 3.15
N ILE A 80 -1.16 1.79 1.84
CA ILE A 80 -1.07 3.03 1.10
C ILE A 80 -2.39 3.27 0.44
N TYR A 81 -2.85 4.47 0.49
CA TYR A 81 -4.09 4.86 -0.10
C TYR A 81 -3.91 6.20 -0.77
N ARG A 82 -4.82 6.58 -1.62
CA ARG A 82 -4.77 7.88 -2.22
C ARG A 82 -5.66 8.83 -1.46
N LYS A 83 -5.19 10.00 -1.32
CA LYS A 83 -5.94 11.09 -0.79
C LYS A 83 -5.56 12.28 -1.60
N ASP A 84 -6.55 12.82 -2.25
CA ASP A 84 -6.39 13.91 -3.21
C ASP A 84 -5.35 13.58 -4.26
N ASP A 85 -5.49 12.36 -4.81
CA ASP A 85 -4.63 11.78 -5.89
C ASP A 85 -3.19 11.43 -5.41
N ALA A 86 -2.83 11.90 -4.25
CA ALA A 86 -1.52 11.68 -3.71
C ALA A 86 -1.55 10.44 -2.85
N LEU A 87 -0.44 9.77 -2.74
CA LEU A 87 -0.40 8.54 -1.98
C LEU A 87 0.10 8.82 -0.61
N TRP A 88 -0.56 8.30 0.35
CA TRP A 88 -0.20 8.47 1.73
C TRP A 88 0.05 7.13 2.36
N CYS A 89 1.24 6.96 2.89
CA CYS A 89 1.64 5.72 3.52
C CYS A 89 1.37 5.80 5.01
N ARG A 90 0.60 4.87 5.52
CA ARG A 90 0.33 4.82 6.94
C ARG A 90 0.82 3.51 7.50
N VAL A 91 1.35 3.58 8.68
CA VAL A 91 1.79 2.40 9.39
C VAL A 91 0.58 1.83 10.09
N THR A 92 0.04 0.77 9.56
CA THR A 92 -1.22 0.25 10.04
C THR A 92 -0.99 -0.69 11.26
N LYS A 93 0.24 -1.18 11.45
CA LYS A 93 0.63 -1.96 12.64
C LYS A 93 2.01 -1.59 13.03
N VAL A 94 2.26 -1.53 14.33
CA VAL A 94 3.57 -1.24 14.87
C VAL A 94 4.60 -2.29 14.41
N VAL A 95 5.57 -1.85 13.66
CA VAL A 95 6.58 -2.70 13.12
C VAL A 95 7.82 -2.55 13.99
N PRO A 96 8.30 -3.64 14.58
CA PRO A 96 9.46 -3.60 15.46
C PRO A 96 10.77 -3.38 14.68
N SER A 97 11.85 -3.18 15.40
CA SER A 97 13.13 -2.95 14.78
C SER A 97 13.58 -4.24 14.08
N GLY A 98 13.63 -4.20 12.77
CA GLY A 98 13.98 -5.35 12.01
C GLY A 98 12.77 -6.03 11.41
N GLY A 99 11.60 -5.54 11.76
CA GLY A 99 10.38 -6.11 11.26
C GLY A 99 10.23 -5.86 9.79
N LEU A 100 9.77 -6.86 9.08
CA LEU A 100 9.62 -6.76 7.66
C LEU A 100 8.23 -6.24 7.34
N LEU A 101 8.18 -5.22 6.52
CA LEU A 101 6.95 -4.59 6.17
C LEU A 101 6.24 -5.31 5.06
N TYR A 102 4.95 -5.14 5.04
CA TYR A 102 4.09 -5.66 4.01
C TYR A 102 3.16 -4.55 3.62
N VAL A 103 3.12 -4.28 2.34
CA VAL A 103 2.37 -3.17 1.83
C VAL A 103 0.99 -3.60 1.32
N ARG A 104 -0.01 -2.90 1.77
CA ARG A 104 -1.35 -3.08 1.28
C ARG A 104 -1.66 -1.91 0.38
N LEU A 105 -2.21 -2.20 -0.75
CA LEU A 105 -2.58 -1.16 -1.66
C LEU A 105 -4.08 -1.12 -1.76
N VAL A 106 -4.60 0.02 -2.10
CA VAL A 106 -6.01 0.14 -2.32
C VAL A 106 -6.25 0.51 -3.82
N THR A 107 -5.71 -0.32 -4.70
CA THR A 107 -5.81 -0.15 -6.17
C THR A 107 -6.42 -1.39 -6.83
N GLU A 108 -7.62 -1.31 -7.27
CA GLU A 108 -8.24 -2.44 -7.89
C GLU A 108 -8.25 -2.28 -9.38
N PRO A 109 -8.18 -3.37 -10.12
CA PRO A 109 -8.31 -3.34 -11.56
C PRO A 109 -9.77 -3.53 -11.97
N HIS A 110 -10.00 -3.62 -13.29
CA HIS A 110 -11.32 -3.82 -13.87
C HIS A 110 -12.22 -2.60 -13.55
N GLY A 111 -13.50 -2.77 -13.65
CA GLY A 111 -14.44 -1.75 -13.36
C GLY A 111 -15.80 -2.32 -13.47
N ALA A 112 -16.33 -2.29 -14.66
CA ALA A 112 -17.60 -2.86 -14.95
C ALA A 112 -17.49 -3.64 -16.24
N PRO A 113 -18.10 -4.81 -16.34
CA PRO A 113 -18.09 -5.56 -17.58
C PRO A 113 -19.19 -5.03 -18.52
N ARG A 114 -18.85 -4.86 -19.75
CA ARG A 114 -19.81 -4.36 -20.72
C ARG A 114 -20.57 -5.49 -21.36
N HIS A 115 -19.91 -6.68 -21.45
CA HIS A 115 -20.50 -7.87 -22.07
C HIS A 115 -20.68 -7.65 -23.61
N PRO A 116 -21.09 -8.65 -24.43
CA PRO A 116 -21.22 -8.47 -25.92
C PRO A 116 -22.41 -7.56 -26.35
N VAL A 117 -22.62 -6.47 -25.64
CA VAL A 117 -23.70 -5.54 -25.95
C VAL A 117 -23.39 -4.74 -27.23
N GLN A 118 -22.13 -4.62 -27.54
CA GLN A 118 -21.66 -3.93 -28.75
C GLN A 118 -21.54 -4.90 -29.91
N GLU A 119 -21.89 -6.13 -29.66
CA GLU A 119 -21.78 -7.17 -30.64
C GLU A 119 -23.17 -7.62 -31.05
N PRO A 120 -23.39 -7.93 -32.34
CA PRO A 120 -24.71 -8.29 -32.87
C PRO A 120 -25.39 -9.42 -32.08
N VAL A 121 -26.52 -9.11 -31.50
CA VAL A 121 -27.28 -10.07 -30.72
C VAL A 121 -28.26 -10.78 -31.62
N GLU A 122 -28.73 -10.01 -32.56
CA GLU A 122 -29.71 -10.40 -33.56
C GLU A 122 -31.07 -10.77 -32.93
N PRO A 123 -32.05 -9.86 -33.03
CA PRO A 123 -33.35 -10.06 -32.42
C PRO A 123 -34.09 -11.27 -32.99
N GLY A 124 -34.47 -12.14 -32.11
CA GLY A 124 -35.17 -13.34 -32.47
C GLY A 124 -36.59 -13.28 -31.99
N GLY A 125 -37.41 -12.57 -32.70
CA GLY A 125 -38.77 -12.42 -32.32
C GLY A 125 -39.27 -11.06 -32.68
N LEU A 126 -39.80 -10.35 -31.69
CA LEU A 126 -40.39 -9.01 -31.85
C LEU A 126 -41.57 -9.05 -32.80
N ALA A 127 -42.72 -9.33 -32.26
CA ALA A 127 -43.96 -9.40 -33.00
C ALA A 127 -45.08 -9.34 -32.02
N PRO A 1 21.66 3.77 -3.38
CA PRO A 1 20.70 4.23 -2.39
C PRO A 1 19.32 3.94 -2.89
N TRP A 2 18.32 4.22 -2.09
CA TRP A 2 16.96 3.96 -2.47
C TRP A 2 16.15 5.17 -2.09
N SER A 3 15.02 5.35 -2.72
CA SER A 3 14.19 6.45 -2.38
C SER A 3 13.22 5.98 -1.31
N GLY A 4 13.73 5.91 -0.11
CA GLY A 4 12.98 5.46 1.01
C GLY A 4 13.21 6.37 2.18
N PRO A 5 12.38 6.31 3.21
CA PRO A 5 12.49 7.21 4.34
C PRO A 5 13.52 6.76 5.37
N GLU A 6 13.86 7.65 6.27
CA GLU A 6 14.92 7.43 7.22
C GLU A 6 14.50 6.47 8.35
N GLU A 7 13.21 6.18 8.44
CA GLU A 7 12.70 5.24 9.43
C GLU A 7 12.91 3.81 8.94
N LEU A 8 13.24 3.72 7.68
CA LEU A 8 13.32 2.46 6.98
C LEU A 8 14.73 2.18 6.48
N GLU A 9 15.02 0.90 6.26
CA GLU A 9 16.30 0.48 5.75
C GLU A 9 16.07 -0.54 4.62
N LEU A 10 16.88 -0.47 3.60
CA LEU A 10 16.80 -1.37 2.49
C LEU A 10 17.66 -2.55 2.85
N ALA A 11 17.09 -3.71 2.91
CA ALA A 11 17.78 -4.86 3.38
C ALA A 11 17.99 -5.87 2.27
N LEU A 12 19.18 -6.31 2.11
CA LEU A 12 19.48 -7.35 1.16
C LEU A 12 19.45 -8.65 1.90
N GLN A 13 18.44 -9.42 1.66
CA GLN A 13 18.26 -10.65 2.33
C GLN A 13 18.51 -11.79 1.36
N ASP A 14 19.74 -12.27 1.40
CA ASP A 14 20.21 -13.38 0.56
C ASP A 14 19.92 -13.17 -0.91
N GLY A 15 20.46 -12.09 -1.44
CA GLY A 15 20.34 -11.79 -2.84
C GLY A 15 19.03 -11.12 -3.22
N GLN A 16 18.16 -10.93 -2.25
CA GLN A 16 16.87 -10.35 -2.51
C GLN A 16 16.75 -8.98 -1.86
N ARG A 17 16.13 -8.07 -2.56
CA ARG A 17 15.84 -6.75 -2.05
C ARG A 17 14.59 -6.80 -1.17
N CYS A 18 14.79 -6.61 0.08
CA CYS A 18 13.73 -6.57 1.06
C CYS A 18 13.81 -5.24 1.77
N VAL A 19 12.82 -4.92 2.54
CA VAL A 19 12.84 -3.70 3.29
C VAL A 19 12.65 -4.04 4.75
N ARG A 20 13.50 -3.52 5.57
CA ARG A 20 13.49 -3.84 6.93
C ARG A 20 13.26 -2.56 7.73
N ALA A 21 12.57 -2.68 8.84
CA ALA A 21 12.32 -1.56 9.69
C ALA A 21 13.60 -1.17 10.41
N ARG A 22 14.00 0.06 10.22
CA ARG A 22 15.20 0.58 10.83
C ARG A 22 14.81 1.16 12.18
N LEU A 23 13.71 1.88 12.17
CA LEU A 23 13.10 2.39 13.35
C LEU A 23 11.82 1.62 13.58
N SER A 24 11.25 1.72 14.74
CA SER A 24 10.05 1.02 15.04
C SER A 24 8.85 1.90 14.72
N LEU A 25 8.13 1.53 13.69
CA LEU A 25 6.97 2.26 13.27
C LEU A 25 5.77 1.80 14.07
N THR A 26 5.12 2.72 14.72
CA THR A 26 3.94 2.42 15.48
C THR A 26 2.74 2.83 14.63
N GLU A 27 1.60 2.25 14.91
CA GLU A 27 0.39 2.51 14.16
C GLU A 27 -0.08 3.93 14.36
N GLY A 28 -0.72 4.48 13.35
CA GLY A 28 -1.23 5.83 13.46
C GLY A 28 -0.31 6.84 12.84
N LEU A 29 0.97 6.52 12.81
CA LEU A 29 1.97 7.38 12.23
C LEU A 29 1.86 7.29 10.71
N SER A 30 2.04 8.39 10.04
CA SER A 30 1.97 8.40 8.62
C SER A 30 3.06 9.30 8.02
N TRP A 31 3.34 9.13 6.75
CA TRP A 31 4.28 9.94 6.00
C TRP A 31 3.52 10.99 5.17
N GLY A 32 4.26 11.88 4.52
CA GLY A 32 3.64 12.92 3.69
C GLY A 32 3.20 12.36 2.34
N PRO A 33 2.45 13.14 1.54
CA PRO A 33 1.93 12.66 0.26
C PRO A 33 2.99 12.52 -0.85
N PHE A 34 3.09 11.33 -1.38
CA PHE A 34 3.99 11.05 -2.47
C PHE A 34 3.19 11.18 -3.76
N TYR A 35 3.82 11.56 -4.83
CA TYR A 35 3.08 11.83 -6.03
C TYR A 35 3.27 10.74 -7.06
N GLY A 36 2.25 9.97 -7.21
CA GLY A 36 2.20 8.89 -8.14
C GLY A 36 0.76 8.58 -8.40
N SER A 37 0.42 7.34 -8.60
CA SER A 37 -0.97 6.97 -8.84
C SER A 37 -1.23 5.52 -8.40
N ILE A 38 -2.48 5.17 -8.20
CA ILE A 38 -2.85 3.81 -7.91
C ILE A 38 -3.84 3.33 -8.95
N GLN A 39 -3.46 2.32 -9.66
CA GLN A 39 -4.27 1.76 -10.68
C GLN A 39 -5.14 0.67 -10.06
N THR A 40 -6.37 0.99 -9.81
CA THR A 40 -7.26 0.01 -9.29
C THR A 40 -8.03 -0.58 -10.45
N ARG A 41 -8.63 -1.72 -10.23
CA ARG A 41 -9.36 -2.43 -11.24
C ARG A 41 -10.16 -3.51 -10.56
N ALA A 42 -9.47 -4.22 -9.65
CA ALA A 42 -10.07 -5.29 -8.85
C ALA A 42 -10.59 -6.39 -9.77
N LEU A 43 -9.79 -6.68 -10.79
CA LEU A 43 -10.14 -7.68 -11.77
C LEU A 43 -10.02 -9.08 -11.21
N SER A 44 -11.13 -9.63 -10.83
CA SER A 44 -11.21 -11.00 -10.41
C SER A 44 -11.69 -11.80 -11.61
N PRO A 45 -10.81 -12.58 -12.24
CA PRO A 45 -11.16 -13.37 -13.42
C PRO A 45 -12.34 -14.31 -13.19
N GLU A 46 -12.13 -15.35 -12.43
CA GLU A 46 -13.21 -16.26 -12.15
C GLU A 46 -13.62 -16.23 -10.68
N ARG A 47 -12.66 -16.05 -9.78
CA ARG A 47 -12.96 -16.11 -8.36
C ARG A 47 -11.97 -15.25 -7.54
N GLU A 48 -10.69 -15.49 -7.73
CA GLU A 48 -9.65 -14.80 -6.93
C GLU A 48 -8.86 -13.83 -7.81
N GLU A 49 -8.25 -12.85 -7.20
CA GLU A 49 -7.34 -11.95 -7.89
C GLU A 49 -5.98 -12.65 -7.97
N PRO A 50 -5.54 -13.05 -9.17
CA PRO A 50 -4.31 -13.84 -9.34
C PRO A 50 -3.04 -13.03 -9.10
N GLY A 51 -3.08 -11.75 -9.34
CA GLY A 51 -1.91 -10.95 -9.16
C GLY A 51 -2.22 -9.47 -9.15
N PRO A 52 -1.69 -8.70 -10.11
CA PRO A 52 -1.88 -7.26 -10.16
C PRO A 52 -3.29 -6.84 -10.59
N ALA A 53 -4.19 -6.93 -9.65
CA ALA A 53 -5.56 -6.47 -9.86
C ALA A 53 -5.66 -5.00 -9.51
N VAL A 54 -4.68 -4.57 -8.75
CA VAL A 54 -4.49 -3.20 -8.32
C VAL A 54 -2.98 -3.01 -8.25
N THR A 55 -2.46 -2.00 -8.89
CA THR A 55 -1.04 -1.78 -8.84
C THR A 55 -0.77 -0.31 -8.57
N LEU A 56 0.15 -0.05 -7.69
CA LEU A 56 0.57 1.30 -7.42
C LEU A 56 1.60 1.74 -8.45
N MET A 57 1.32 2.83 -9.09
CA MET A 57 2.15 3.35 -10.14
C MET A 57 3.09 4.38 -9.58
N VAL A 58 4.19 3.90 -9.10
CA VAL A 58 5.25 4.74 -8.57
C VAL A 58 6.56 4.33 -9.23
N ASP A 59 7.57 5.16 -9.10
CA ASP A 59 8.86 4.95 -9.77
C ASP A 59 9.63 3.78 -9.21
N GLU A 60 10.56 3.31 -10.02
CA GLU A 60 11.42 2.15 -9.73
C GLU A 60 12.17 2.31 -8.41
N SER A 61 12.54 3.51 -8.11
CA SER A 61 13.31 3.82 -6.95
C SER A 61 12.46 4.08 -5.71
N CYS A 62 11.14 4.18 -5.88
CA CYS A 62 10.25 4.49 -4.78
C CYS A 62 10.05 3.25 -3.92
N TRP A 63 10.30 3.42 -2.63
CA TRP A 63 10.24 2.36 -1.64
C TRP A 63 8.92 1.60 -1.63
N LEU A 64 7.84 2.28 -1.97
CA LEU A 64 6.49 1.73 -1.93
C LEU A 64 6.32 0.50 -2.83
N ARG A 65 7.06 0.42 -3.91
CA ARG A 65 6.89 -0.70 -4.81
C ARG A 65 7.89 -1.80 -4.55
N MET A 66 8.80 -1.60 -3.63
CA MET A 66 9.80 -2.62 -3.35
C MET A 66 9.53 -3.29 -2.02
N LEU A 67 8.42 -2.92 -1.43
CA LEU A 67 7.93 -3.53 -0.24
C LEU A 67 7.14 -4.77 -0.67
N PRO A 68 7.11 -5.85 0.14
CA PRO A 68 6.30 -7.03 -0.17
C PRO A 68 4.81 -6.66 -0.16
N GLN A 69 4.16 -6.82 -1.29
CA GLN A 69 2.78 -6.43 -1.46
C GLN A 69 1.82 -7.46 -0.94
N VAL A 70 0.90 -7.01 -0.12
CA VAL A 70 -0.10 -7.86 0.47
C VAL A 70 -1.49 -7.25 0.28
N LEU A 71 -2.46 -8.11 0.13
CA LEU A 71 -3.85 -7.69 0.01
C LEU A 71 -4.59 -8.01 1.31
N THR A 72 -3.87 -8.56 2.24
CA THR A 72 -4.39 -8.87 3.54
C THR A 72 -3.96 -7.78 4.53
N GLU A 73 -4.89 -7.33 5.34
CA GLU A 73 -4.66 -6.28 6.27
C GLU A 73 -3.78 -6.75 7.42
N GLU A 74 -3.94 -8.00 7.81
CA GLU A 74 -3.23 -8.57 8.91
C GLU A 74 -1.77 -8.84 8.62
N ALA A 75 -1.41 -8.77 7.37
CA ALA A 75 -0.03 -8.98 7.00
C ALA A 75 0.65 -7.64 6.82
N ALA A 76 -0.14 -6.62 6.62
CA ALA A 76 0.36 -5.32 6.31
C ALA A 76 0.62 -4.51 7.54
N ASN A 77 1.80 -3.97 7.64
CA ASN A 77 2.14 -3.12 8.75
C ASN A 77 1.90 -1.68 8.36
N SER A 78 1.69 -1.47 7.08
CA SER A 78 1.44 -0.18 6.53
C SER A 78 0.59 -0.32 5.27
N GLU A 79 -0.48 0.43 5.18
CA GLU A 79 -1.32 0.42 4.01
C GLU A 79 -1.17 1.72 3.24
N ILE A 80 -1.02 1.61 1.95
CA ILE A 80 -0.82 2.75 1.11
C ILE A 80 -2.11 3.06 0.42
N TYR A 81 -2.54 4.25 0.58
CA TYR A 81 -3.78 4.66 0.04
C TYR A 81 -3.61 5.93 -0.73
N ARG A 82 -4.47 6.15 -1.67
CA ARG A 82 -4.45 7.35 -2.42
C ARG A 82 -5.56 8.24 -1.91
N LYS A 83 -5.21 9.44 -1.58
CA LYS A 83 -6.16 10.43 -1.14
C LYS A 83 -5.75 11.70 -1.83
N ASP A 84 -6.70 12.35 -2.52
CA ASP A 84 -6.43 13.55 -3.33
C ASP A 84 -5.55 13.15 -4.49
N ASP A 85 -5.62 11.85 -4.82
CA ASP A 85 -4.80 11.18 -5.85
C ASP A 85 -3.32 11.17 -5.54
N ALA A 86 -2.99 11.39 -4.29
CA ALA A 86 -1.63 11.33 -3.84
C ALA A 86 -1.47 10.11 -2.95
N LEU A 87 -0.25 9.65 -2.78
CA LEU A 87 0.00 8.46 -1.98
C LEU A 87 0.31 8.84 -0.59
N TRP A 88 -0.34 8.20 0.32
CA TRP A 88 -0.09 8.43 1.70
C TRP A 88 0.16 7.09 2.35
N CYS A 89 1.11 7.05 3.23
CA CYS A 89 1.46 5.83 3.90
C CYS A 89 1.03 5.90 5.35
N ARG A 90 0.06 5.09 5.73
CA ARG A 90 -0.36 5.05 7.12
C ARG A 90 0.14 3.75 7.73
N VAL A 91 0.75 3.82 8.89
CA VAL A 91 1.21 2.63 9.57
C VAL A 91 0.05 2.05 10.35
N THR A 92 -0.23 0.80 10.14
CA THR A 92 -1.33 0.13 10.76
C THR A 92 -0.90 -0.83 11.86
N LYS A 93 0.35 -1.24 11.85
CA LYS A 93 0.81 -2.18 12.86
C LYS A 93 2.20 -1.81 13.32
N VAL A 94 2.48 -2.05 14.58
CA VAL A 94 3.79 -1.79 15.14
C VAL A 94 4.80 -2.78 14.56
N VAL A 95 5.74 -2.28 13.83
CA VAL A 95 6.79 -3.11 13.30
C VAL A 95 8.09 -2.79 14.03
N PRO A 96 8.69 -3.80 14.68
CA PRO A 96 9.91 -3.62 15.43
C PRO A 96 11.12 -3.46 14.52
N SER A 97 12.13 -2.78 15.02
CA SER A 97 13.34 -2.56 14.30
C SER A 97 14.01 -3.91 14.05
N GLY A 98 14.24 -4.20 12.80
CA GLY A 98 14.82 -5.45 12.44
C GLY A 98 13.84 -6.32 11.70
N GLY A 99 12.57 -6.01 11.81
CA GLY A 99 11.56 -6.80 11.18
C GLY A 99 11.18 -6.26 9.82
N LEU A 100 10.62 -7.11 9.00
CA LEU A 100 10.14 -6.70 7.69
C LEU A 100 8.71 -6.21 7.75
N LEU A 101 8.37 -5.37 6.83
CA LEU A 101 7.05 -4.80 6.75
C LEU A 101 6.46 -5.09 5.40
N TYR A 102 5.17 -5.22 5.37
CA TYR A 102 4.46 -5.54 4.16
C TYR A 102 3.58 -4.37 3.78
N VAL A 103 3.44 -4.14 2.50
CA VAL A 103 2.70 -3.02 1.98
C VAL A 103 1.31 -3.45 1.50
N ARG A 104 0.29 -2.81 2.01
CA ARG A 104 -1.06 -3.11 1.57
C ARG A 104 -1.47 -2.10 0.52
N LEU A 105 -2.04 -2.58 -0.53
CA LEU A 105 -2.55 -1.70 -1.56
C LEU A 105 -4.03 -1.51 -1.34
N VAL A 106 -4.47 -0.28 -1.47
CA VAL A 106 -5.85 0.05 -1.30
C VAL A 106 -6.72 -0.48 -2.47
N THR A 107 -7.31 -1.61 -2.24
CA THR A 107 -8.18 -2.26 -3.23
C THR A 107 -9.65 -2.04 -2.87
N GLU A 108 -9.85 -1.26 -1.87
CA GLU A 108 -11.15 -0.88 -1.39
C GLU A 108 -11.16 0.64 -1.33
N PRO A 109 -12.05 1.33 -2.07
CA PRO A 109 -12.04 2.82 -2.23
C PRO A 109 -12.38 3.63 -0.96
N HIS A 110 -12.02 3.11 0.20
CA HIS A 110 -12.25 3.71 1.51
C HIS A 110 -13.70 3.60 1.97
N GLY A 111 -13.85 3.28 3.22
CA GLY A 111 -15.15 3.20 3.80
C GLY A 111 -15.12 2.56 5.14
N ALA A 112 -14.07 2.82 5.90
CA ALA A 112 -13.95 2.29 7.23
C ALA A 112 -13.75 3.40 8.28
N PRO A 113 -12.72 4.30 8.16
CA PRO A 113 -12.57 5.42 9.07
C PRO A 113 -13.07 6.71 8.41
N ARG A 114 -12.82 7.85 9.02
CA ARG A 114 -13.12 9.10 8.36
C ARG A 114 -11.81 9.71 7.92
N HIS A 115 -11.85 10.52 6.91
CA HIS A 115 -10.63 11.03 6.32
C HIS A 115 -10.56 12.51 6.56
N PRO A 116 -9.35 13.06 6.76
CA PRO A 116 -9.16 14.47 7.01
C PRO A 116 -9.61 15.34 5.83
N VAL A 117 -10.37 16.36 6.16
CA VAL A 117 -10.92 17.32 5.23
C VAL A 117 -11.96 16.69 4.30
N GLN A 118 -13.17 16.67 4.78
CA GLN A 118 -14.29 16.19 3.98
C GLN A 118 -15.08 17.38 3.50
N GLU A 119 -14.82 18.51 4.15
CA GLU A 119 -15.46 19.76 3.88
C GLU A 119 -14.97 20.30 2.53
N PRO A 120 -15.88 20.68 1.63
CA PRO A 120 -15.52 21.21 0.32
C PRO A 120 -14.95 22.62 0.42
N VAL A 121 -14.16 23.00 -0.54
CA VAL A 121 -13.58 24.33 -0.57
C VAL A 121 -14.56 25.25 -1.33
N GLU A 122 -14.36 26.54 -1.25
CA GLU A 122 -15.22 27.47 -1.93
C GLU A 122 -14.49 28.07 -3.13
N PRO A 123 -15.23 28.44 -4.19
CA PRO A 123 -14.63 29.02 -5.37
C PRO A 123 -14.06 30.41 -5.10
N GLY A 124 -12.77 30.54 -5.22
CA GLY A 124 -12.11 31.78 -4.96
C GLY A 124 -12.26 32.74 -6.11
N GLY A 125 -12.36 34.01 -5.78
CA GLY A 125 -12.54 35.02 -6.76
C GLY A 125 -13.99 35.13 -7.12
N LEU A 126 -14.37 34.47 -8.17
CA LEU A 126 -15.73 34.43 -8.61
C LEU A 126 -15.91 33.21 -9.50
N ALA A 127 -16.97 32.50 -9.29
CA ALA A 127 -17.30 31.38 -10.12
C ALA A 127 -18.50 31.74 -10.93
N PRO A 1 14.59 3.12 -7.68
CA PRO A 1 13.90 2.06 -7.03
C PRO A 1 13.62 2.39 -5.57
N TRP A 2 14.66 2.55 -4.76
CA TRP A 2 14.47 2.80 -3.39
C TRP A 2 14.99 4.18 -3.00
N SER A 3 14.09 5.04 -2.70
CA SER A 3 14.38 6.32 -2.13
C SER A 3 13.24 6.62 -1.18
N GLY A 4 13.55 6.87 0.05
CA GLY A 4 12.50 7.09 0.97
C GLY A 4 12.97 7.56 2.31
N PRO A 5 12.34 7.10 3.38
CA PRO A 5 12.62 7.54 4.72
C PRO A 5 13.84 6.82 5.33
N GLU A 6 14.44 7.43 6.34
CA GLU A 6 15.61 6.86 7.02
C GLU A 6 15.12 5.83 8.01
N GLU A 7 13.85 5.98 8.35
CA GLU A 7 13.15 5.11 9.28
C GLU A 7 12.99 3.73 8.65
N LEU A 8 13.19 3.70 7.36
CA LEU A 8 13.06 2.55 6.54
C LEU A 8 14.37 2.22 5.89
N GLU A 9 14.62 0.95 5.68
CA GLU A 9 15.84 0.53 5.04
C GLU A 9 15.55 -0.64 4.10
N LEU A 10 16.22 -0.64 2.98
CA LEU A 10 16.12 -1.72 2.07
C LEU A 10 17.29 -2.61 2.43
N ALA A 11 17.01 -3.63 3.15
CA ALA A 11 18.05 -4.45 3.69
C ALA A 11 18.11 -5.76 3.00
N LEU A 12 19.29 -6.27 2.87
CA LEU A 12 19.48 -7.56 2.29
C LEU A 12 19.86 -8.54 3.32
N GLN A 13 18.96 -9.41 3.57
CA GLN A 13 19.16 -10.45 4.50
C GLN A 13 19.18 -11.77 3.79
N ASP A 14 20.32 -12.44 3.87
CA ASP A 14 20.54 -13.76 3.28
C ASP A 14 20.42 -13.72 1.73
N GLY A 15 20.63 -12.54 1.18
CA GLY A 15 20.57 -12.37 -0.26
C GLY A 15 19.21 -11.91 -0.75
N GLN A 16 18.30 -11.69 0.15
CA GLN A 16 16.98 -11.23 -0.21
C GLN A 16 16.93 -9.74 -0.03
N ARG A 17 16.31 -9.05 -0.95
CA ARG A 17 16.18 -7.60 -0.89
C ARG A 17 14.81 -7.28 -0.34
N CYS A 18 14.73 -6.93 0.89
CA CYS A 18 13.44 -6.65 1.44
C CYS A 18 13.43 -5.32 2.17
N VAL A 19 12.26 -4.84 2.44
CA VAL A 19 12.05 -3.59 3.08
C VAL A 19 11.98 -3.83 4.57
N ARG A 20 13.00 -3.42 5.24
CA ARG A 20 13.12 -3.64 6.64
C ARG A 20 12.82 -2.35 7.39
N ALA A 21 12.15 -2.49 8.50
CA ALA A 21 11.96 -1.40 9.41
C ALA A 21 13.32 -1.12 10.04
N ARG A 22 13.87 0.04 9.74
CA ARG A 22 15.18 0.43 10.22
C ARG A 22 15.04 0.72 11.68
N LEU A 23 14.08 1.52 11.99
CA LEU A 23 13.72 1.75 13.35
C LEU A 23 12.36 1.13 13.57
N SER A 24 11.95 1.04 14.80
CA SER A 24 10.69 0.43 15.11
C SER A 24 9.53 1.37 14.73
N LEU A 25 8.77 0.96 13.74
CA LEU A 25 7.69 1.75 13.23
C LEU A 25 6.46 1.51 14.06
N THR A 26 6.01 2.52 14.74
CA THR A 26 4.86 2.44 15.55
C THR A 26 3.62 2.79 14.73
N GLU A 27 2.47 2.29 15.16
CA GLU A 27 1.21 2.55 14.50
C GLU A 27 0.92 4.05 14.50
N GLY A 28 0.38 4.53 13.41
CA GLY A 28 0.05 5.92 13.33
C GLY A 28 1.12 6.72 12.65
N LEU A 29 2.32 6.16 12.55
CA LEU A 29 3.39 6.83 11.87
C LEU A 29 3.05 6.87 10.39
N SER A 30 2.89 8.04 9.88
CA SER A 30 2.47 8.19 8.54
C SER A 30 3.41 9.14 7.81
N TRP A 31 3.70 8.83 6.58
CA TRP A 31 4.57 9.63 5.77
C TRP A 31 3.76 10.53 4.84
N GLY A 32 4.44 11.44 4.17
CA GLY A 32 3.78 12.42 3.35
C GLY A 32 3.26 11.87 2.03
N PRO A 33 2.84 12.75 1.11
CA PRO A 33 2.30 12.33 -0.17
C PRO A 33 3.37 11.84 -1.14
N PHE A 34 3.01 10.84 -1.91
CA PHE A 34 3.88 10.28 -2.92
C PHE A 34 3.18 10.35 -4.27
N TYR A 35 3.95 10.22 -5.32
CA TYR A 35 3.45 10.30 -6.66
C TYR A 35 3.13 8.91 -7.16
N GLY A 36 1.93 8.69 -7.59
CA GLY A 36 1.59 7.41 -8.13
C GLY A 36 0.12 7.12 -8.13
N SER A 37 -0.20 5.95 -8.59
CA SER A 37 -1.54 5.46 -8.65
C SER A 37 -1.56 4.10 -7.93
N ILE A 38 -2.72 3.68 -7.51
CA ILE A 38 -2.86 2.45 -6.78
C ILE A 38 -3.30 1.34 -7.73
N GLN A 39 -2.86 0.15 -7.43
CA GLN A 39 -3.24 -1.04 -8.16
C GLN A 39 -4.68 -1.35 -7.80
N THR A 40 -5.56 -0.94 -8.66
CA THR A 40 -6.96 -1.15 -8.46
C THR A 40 -7.36 -2.49 -9.07
N ARG A 41 -8.53 -3.00 -8.66
CA ARG A 41 -9.02 -4.31 -9.07
C ARG A 41 -8.13 -5.39 -8.51
N ALA A 42 -7.84 -5.27 -7.22
CA ALA A 42 -6.98 -6.20 -6.49
C ALA A 42 -7.77 -7.44 -6.05
N LEU A 43 -8.60 -7.92 -6.95
CA LEU A 43 -9.40 -9.07 -6.74
C LEU A 43 -8.56 -10.30 -6.94
N SER A 44 -8.09 -10.84 -5.85
CA SER A 44 -7.30 -12.03 -5.82
C SER A 44 -8.06 -13.20 -6.47
N PRO A 45 -7.54 -13.75 -7.57
CA PRO A 45 -8.15 -14.86 -8.23
C PRO A 45 -7.49 -16.17 -7.80
N GLU A 46 -7.55 -17.18 -8.64
CA GLU A 46 -6.97 -18.46 -8.33
C GLU A 46 -5.49 -18.45 -8.67
N ARG A 47 -5.17 -17.92 -9.83
CA ARG A 47 -3.80 -17.89 -10.27
C ARG A 47 -3.05 -16.64 -9.83
N GLU A 48 -1.78 -16.62 -10.19
CA GLU A 48 -0.81 -15.60 -9.82
C GLU A 48 -1.27 -14.20 -10.19
N GLU A 49 -1.22 -13.29 -9.21
CA GLU A 49 -1.54 -11.86 -9.39
C GLU A 49 -3.02 -11.56 -9.70
N PRO A 50 -3.54 -10.39 -9.26
CA PRO A 50 -4.90 -9.94 -9.62
C PRO A 50 -4.93 -9.44 -11.08
N GLY A 51 -3.75 -9.39 -11.66
CA GLY A 51 -3.59 -8.98 -13.01
C GLY A 51 -2.23 -8.37 -13.22
N PRO A 52 -1.38 -8.96 -14.06
CA PRO A 52 -0.03 -8.42 -14.35
C PRO A 52 -0.09 -7.11 -15.16
N ALA A 53 -1.28 -6.75 -15.56
CA ALA A 53 -1.52 -5.54 -16.30
C ALA A 53 -1.87 -4.38 -15.37
N VAL A 54 -2.11 -4.67 -14.11
CA VAL A 54 -2.39 -3.62 -13.16
C VAL A 54 -1.42 -3.70 -12.00
N THR A 55 -0.68 -2.66 -11.81
CA THR A 55 0.29 -2.56 -10.76
C THR A 55 0.31 -1.10 -10.31
N LEU A 56 0.78 -0.84 -9.10
CA LEU A 56 0.93 0.52 -8.64
C LEU A 56 1.96 1.30 -9.48
N MET A 57 1.47 2.18 -10.32
CA MET A 57 2.32 2.95 -11.14
C MET A 57 2.70 4.20 -10.38
N VAL A 58 3.78 4.10 -9.68
CA VAL A 58 4.27 5.17 -8.86
C VAL A 58 5.54 5.73 -9.46
N ASP A 59 6.10 6.73 -8.82
CA ASP A 59 7.38 7.26 -9.26
C ASP A 59 8.46 6.21 -9.02
N GLU A 60 9.43 6.15 -9.90
CA GLU A 60 10.47 5.13 -9.83
C GLU A 60 11.41 5.26 -8.63
N SER A 61 11.33 6.36 -7.93
CA SER A 61 12.12 6.53 -6.73
C SER A 61 11.30 6.14 -5.48
N CYS A 62 9.99 5.96 -5.63
CA CYS A 62 9.13 5.68 -4.56
C CYS A 62 9.34 4.27 -4.00
N TRP A 63 9.88 4.24 -2.78
CA TRP A 63 10.18 3.03 -2.01
C TRP A 63 8.95 2.13 -1.85
N LEU A 64 7.78 2.72 -1.91
CA LEU A 64 6.49 2.04 -1.75
C LEU A 64 6.33 0.85 -2.70
N ARG A 65 6.91 0.94 -3.90
CA ARG A 65 6.75 -0.14 -4.85
C ARG A 65 7.77 -1.23 -4.62
N MET A 66 8.66 -1.03 -3.67
CA MET A 66 9.68 -2.02 -3.38
C MET A 66 9.16 -3.04 -2.38
N LEU A 67 8.06 -2.71 -1.72
CA LEU A 67 7.45 -3.59 -0.75
C LEU A 67 6.60 -4.62 -1.47
N PRO A 68 6.55 -5.87 -0.99
CA PRO A 68 5.67 -6.87 -1.55
C PRO A 68 4.22 -6.53 -1.20
N GLN A 69 3.37 -6.56 -2.19
CA GLN A 69 1.99 -6.19 -2.01
C GLN A 69 1.24 -7.37 -1.50
N VAL A 70 0.51 -7.17 -0.46
CA VAL A 70 -0.22 -8.24 0.15
C VAL A 70 -1.72 -8.06 0.01
N LEU A 71 -2.38 -9.17 -0.29
CA LEU A 71 -3.82 -9.22 -0.40
C LEU A 71 -4.45 -9.27 0.98
N THR A 72 -3.64 -9.62 1.93
CA THR A 72 -4.01 -9.67 3.29
C THR A 72 -3.63 -8.38 4.01
N GLU A 73 -4.52 -7.86 4.79
CA GLU A 73 -4.25 -6.65 5.54
C GLU A 73 -3.54 -7.00 6.85
N GLU A 74 -3.64 -8.27 7.20
CA GLU A 74 -3.01 -8.84 8.36
C GLU A 74 -1.49 -8.83 8.20
N ALA A 75 -1.04 -9.15 7.00
CA ALA A 75 0.38 -9.26 6.72
C ALA A 75 1.01 -7.89 6.54
N ALA A 76 0.21 -6.95 6.07
CA ALA A 76 0.67 -5.61 5.81
C ALA A 76 1.03 -4.89 7.06
N ASN A 77 2.09 -4.14 7.00
CA ASN A 77 2.53 -3.37 8.16
C ASN A 77 2.26 -1.91 7.92
N SER A 78 2.00 -1.56 6.67
CA SER A 78 1.71 -0.21 6.30
C SER A 78 0.76 -0.23 5.09
N GLU A 79 -0.16 0.70 5.05
CA GLU A 79 -1.10 0.78 3.96
C GLU A 79 -0.94 2.08 3.20
N ILE A 80 -1.27 2.04 1.94
CA ILE A 80 -1.20 3.18 1.06
C ILE A 80 -2.59 3.54 0.60
N TYR A 81 -3.04 4.69 0.98
CA TYR A 81 -4.32 5.16 0.54
C TYR A 81 -4.09 6.35 -0.36
N ARG A 82 -5.07 6.70 -1.12
CA ARG A 82 -4.96 7.83 -1.98
C ARG A 82 -5.84 8.95 -1.48
N LYS A 83 -5.35 10.13 -1.59
CA LYS A 83 -6.07 11.31 -1.22
C LYS A 83 -5.63 12.41 -2.14
N ASP A 84 -6.59 12.98 -2.87
CA ASP A 84 -6.35 14.08 -3.83
C ASP A 84 -5.49 13.57 -5.00
N ASP A 85 -5.50 12.24 -5.16
CA ASP A 85 -4.72 11.49 -6.18
C ASP A 85 -3.23 11.44 -5.81
N ALA A 86 -2.93 11.75 -4.57
CA ALA A 86 -1.60 11.60 -4.04
C ALA A 86 -1.62 10.44 -3.07
N LEU A 87 -0.53 9.73 -2.96
CA LEU A 87 -0.50 8.55 -2.12
C LEU A 87 0.01 8.89 -0.74
N TRP A 88 -0.57 8.28 0.24
CA TRP A 88 -0.16 8.48 1.63
C TRP A 88 0.07 7.14 2.30
N CYS A 89 1.14 7.04 3.05
CA CYS A 89 1.50 5.79 3.70
C CYS A 89 1.36 5.90 5.21
N ARG A 90 0.61 4.98 5.80
CA ARG A 90 0.45 4.94 7.26
C ARG A 90 0.86 3.57 7.77
N VAL A 91 1.59 3.53 8.87
CA VAL A 91 1.94 2.29 9.53
C VAL A 91 0.76 1.85 10.41
N THR A 92 0.28 0.63 10.20
CA THR A 92 -0.88 0.14 10.90
C THR A 92 -0.53 -0.60 12.20
N LYS A 93 0.53 -1.36 12.18
CA LYS A 93 0.94 -2.15 13.32
C LYS A 93 2.30 -1.73 13.76
N VAL A 94 2.61 -1.92 15.02
CA VAL A 94 3.91 -1.62 15.53
C VAL A 94 4.88 -2.71 15.08
N VAL A 95 5.74 -2.38 14.19
CA VAL A 95 6.70 -3.30 13.66
C VAL A 95 8.12 -2.89 14.07
N PRO A 96 8.77 -3.69 14.93
CA PRO A 96 10.11 -3.39 15.43
C PRO A 96 11.18 -3.53 14.34
N SER A 97 12.36 -2.97 14.61
CA SER A 97 13.47 -3.04 13.69
C SER A 97 13.82 -4.49 13.40
N GLY A 98 13.80 -4.82 12.14
CA GLY A 98 14.05 -6.16 11.74
C GLY A 98 12.89 -6.69 10.97
N GLY A 99 11.71 -6.20 11.31
CA GLY A 99 10.50 -6.61 10.64
C GLY A 99 10.46 -6.18 9.20
N LEU A 100 9.84 -6.98 8.37
CA LEU A 100 9.76 -6.72 6.95
C LEU A 100 8.38 -6.24 6.60
N LEU A 101 8.31 -5.06 6.05
CA LEU A 101 7.09 -4.44 5.65
C LEU A 101 6.50 -5.06 4.40
N TYR A 102 5.21 -5.25 4.48
CA TYR A 102 4.41 -5.65 3.37
C TYR A 102 3.42 -4.53 3.16
N VAL A 103 3.19 -4.18 1.93
CA VAL A 103 2.36 -3.02 1.63
C VAL A 103 0.92 -3.41 1.30
N ARG A 104 0.00 -2.74 1.94
CA ARG A 104 -1.40 -2.92 1.67
C ARG A 104 -1.89 -1.74 0.88
N LEU A 105 -2.57 -1.99 -0.19
CA LEU A 105 -3.05 -0.92 -1.01
C LEU A 105 -4.51 -0.73 -0.77
N VAL A 106 -4.88 0.48 -0.42
CA VAL A 106 -6.26 0.80 -0.19
C VAL A 106 -6.91 1.13 -1.52
N THR A 107 -7.26 0.09 -2.19
CA THR A 107 -7.87 0.13 -3.48
C THR A 107 -9.37 0.36 -3.33
N GLU A 108 -9.97 0.86 -4.36
CA GLU A 108 -11.36 1.14 -4.37
C GLU A 108 -12.03 0.37 -5.50
N PRO A 109 -12.88 -0.59 -5.15
CA PRO A 109 -13.73 -1.25 -6.12
C PRO A 109 -15.03 -0.47 -6.25
N HIS A 110 -15.44 -0.19 -7.45
CA HIS A 110 -16.62 0.63 -7.66
C HIS A 110 -17.85 -0.25 -7.65
N GLY A 111 -18.41 -0.41 -6.49
CA GLY A 111 -19.53 -1.28 -6.31
C GLY A 111 -20.85 -0.58 -6.50
N ALA A 112 -20.88 0.71 -6.28
CA ALA A 112 -22.09 1.46 -6.44
C ALA A 112 -22.05 2.28 -7.72
N PRO A 113 -22.89 1.95 -8.72
CA PRO A 113 -22.96 2.72 -9.97
C PRO A 113 -23.73 4.03 -9.75
N ARG A 114 -24.53 4.03 -8.72
CA ARG A 114 -25.37 5.14 -8.34
C ARG A 114 -25.35 5.29 -6.83
N HIS A 115 -24.77 6.36 -6.38
CA HIS A 115 -24.66 6.56 -4.95
C HIS A 115 -25.90 7.28 -4.35
N PRO A 116 -26.23 8.56 -4.72
CA PRO A 116 -27.44 9.22 -4.18
C PRO A 116 -28.70 8.84 -4.97
N VAL A 117 -28.49 8.31 -6.18
CA VAL A 117 -29.52 7.86 -7.12
C VAL A 117 -30.34 9.04 -7.68
N GLN A 118 -31.15 9.65 -6.84
CA GLN A 118 -31.98 10.76 -7.25
C GLN A 118 -31.45 12.06 -6.69
N GLU A 119 -32.13 13.14 -6.98
CA GLU A 119 -31.73 14.44 -6.51
C GLU A 119 -32.00 14.60 -5.00
N PRO A 120 -31.02 15.13 -4.25
CA PRO A 120 -31.21 15.46 -2.85
C PRO A 120 -32.38 16.43 -2.68
N VAL A 121 -33.35 16.06 -1.89
CA VAL A 121 -34.49 16.92 -1.61
C VAL A 121 -34.22 17.73 -0.35
N GLU A 122 -34.30 19.03 -0.45
CA GLU A 122 -33.97 19.88 0.67
C GLU A 122 -35.10 20.81 0.99
N PRO A 123 -35.60 20.78 2.24
CA PRO A 123 -36.59 21.75 2.72
C PRO A 123 -35.98 23.16 2.76
N GLY A 124 -34.67 23.22 2.91
CA GLY A 124 -33.97 24.48 2.94
C GLY A 124 -33.38 24.72 4.30
N GLY A 125 -33.91 25.68 4.99
CA GLY A 125 -33.44 25.97 6.32
C GLY A 125 -34.14 25.08 7.30
N LEU A 126 -33.49 24.03 7.70
CA LEU A 126 -34.08 23.09 8.64
C LEU A 126 -33.36 23.11 9.97
N ALA A 127 -33.97 22.53 10.97
CA ALA A 127 -33.44 22.50 12.30
C ALA A 127 -34.18 21.42 13.08
N PRO A 1 18.58 8.02 0.62
CA PRO A 1 18.10 6.70 0.94
C PRO A 1 17.28 6.20 -0.22
N TRP A 2 16.97 4.92 -0.21
CA TRP A 2 16.17 4.28 -1.24
C TRP A 2 14.77 4.91 -1.33
N SER A 3 14.56 5.64 -2.42
CA SER A 3 13.35 6.40 -2.76
C SER A 3 13.03 7.58 -1.83
N GLY A 4 13.02 7.36 -0.52
CA GLY A 4 12.70 8.43 0.36
C GLY A 4 12.93 8.13 1.83
N PRO A 5 12.08 7.29 2.46
CA PRO A 5 12.16 7.08 3.89
C PRO A 5 13.37 6.28 4.34
N GLU A 6 14.15 6.92 5.16
CA GLU A 6 15.33 6.34 5.77
C GLU A 6 14.92 5.50 6.97
N GLU A 7 13.65 5.65 7.34
CA GLU A 7 13.01 4.96 8.45
C GLU A 7 12.71 3.53 8.05
N LEU A 8 12.92 3.26 6.81
CA LEU A 8 12.72 1.99 6.24
C LEU A 8 14.11 1.44 5.87
N GLU A 9 14.34 0.18 6.12
CA GLU A 9 15.64 -0.38 5.87
C GLU A 9 15.62 -1.41 4.76
N LEU A 10 16.37 -1.12 3.73
CA LEU A 10 16.57 -2.03 2.64
C LEU A 10 17.87 -2.73 2.95
N ALA A 11 17.81 -3.97 3.28
CA ALA A 11 18.97 -4.69 3.67
C ALA A 11 19.26 -5.81 2.72
N LEU A 12 20.37 -5.70 2.05
CA LEU A 12 20.80 -6.71 1.15
C LEU A 12 21.69 -7.69 1.88
N GLN A 13 21.15 -8.84 2.17
CA GLN A 13 21.88 -9.85 2.88
C GLN A 13 22.28 -10.93 1.91
N ASP A 14 23.56 -10.95 1.57
CA ASP A 14 24.15 -11.91 0.61
C ASP A 14 23.58 -11.72 -0.78
N GLY A 15 23.06 -10.53 -1.02
CA GLY A 15 22.49 -10.22 -2.29
C GLY A 15 20.99 -10.40 -2.34
N GLN A 16 20.39 -10.76 -1.22
CA GLN A 16 18.95 -10.90 -1.16
C GLN A 16 18.33 -9.68 -0.50
N ARG A 17 17.24 -9.22 -1.06
CA ARG A 17 16.59 -8.01 -0.60
C ARG A 17 15.64 -8.27 0.56
N CYS A 18 15.99 -7.75 1.69
CA CYS A 18 15.13 -7.82 2.83
C CYS A 18 14.73 -6.40 3.16
N VAL A 19 13.53 -6.24 3.61
CA VAL A 19 13.00 -4.95 3.93
C VAL A 19 12.57 -4.96 5.38
N ARG A 20 13.25 -4.21 6.18
CA ARG A 20 12.99 -4.20 7.59
C ARG A 20 12.58 -2.81 8.01
N ALA A 21 11.94 -2.74 9.12
CA ALA A 21 11.64 -1.48 9.74
C ALA A 21 12.87 -1.06 10.53
N ARG A 22 13.36 0.15 10.29
CA ARG A 22 14.57 0.65 10.97
C ARG A 22 14.30 0.79 12.46
N LEU A 23 13.13 1.21 12.77
CA LEU A 23 12.71 1.37 14.14
C LEU A 23 11.33 0.81 14.26
N SER A 24 10.85 0.70 15.46
CA SER A 24 9.51 0.23 15.69
C SER A 24 8.54 1.27 15.14
N LEU A 25 7.85 0.90 14.10
CA LEU A 25 6.92 1.80 13.47
C LEU A 25 5.65 1.82 14.25
N THR A 26 5.32 2.98 14.75
CA THR A 26 4.15 3.17 15.54
C THR A 26 2.93 3.31 14.65
N GLU A 27 1.80 2.84 15.12
CA GLU A 27 0.59 2.94 14.35
C GLU A 27 0.19 4.41 14.28
N GLY A 28 -0.25 4.83 13.14
CA GLY A 28 -0.62 6.21 12.96
C GLY A 28 0.49 6.99 12.29
N LEU A 29 1.69 6.45 12.33
CA LEU A 29 2.82 7.08 11.68
C LEU A 29 2.60 7.00 10.19
N SER A 30 2.65 8.10 9.54
CA SER A 30 2.43 8.12 8.15
C SER A 30 3.53 8.88 7.47
N TRP A 31 3.84 8.49 6.28
CA TRP A 31 4.85 9.16 5.50
C TRP A 31 4.24 10.24 4.65
N GLY A 32 5.11 11.10 4.14
CA GLY A 32 4.70 12.21 3.31
C GLY A 32 4.04 11.76 2.01
N PRO A 33 3.25 12.64 1.40
CA PRO A 33 2.50 12.33 0.19
C PRO A 33 3.41 12.02 -1.00
N PHE A 34 3.21 10.87 -1.56
CA PHE A 34 3.95 10.44 -2.71
C PHE A 34 3.10 10.74 -3.92
N TYR A 35 3.73 10.96 -5.03
CA TYR A 35 3.00 11.23 -6.23
C TYR A 35 2.88 9.98 -7.05
N GLY A 36 1.76 9.83 -7.64
CA GLY A 36 1.48 8.68 -8.43
C GLY A 36 -0.01 8.45 -8.50
N SER A 37 -0.41 7.25 -8.80
CA SER A 37 -1.81 6.91 -8.91
C SER A 37 -2.03 5.46 -8.46
N ILE A 38 -3.26 5.10 -8.16
CA ILE A 38 -3.58 3.74 -7.76
C ILE A 38 -4.74 3.25 -8.59
N GLN A 39 -4.51 2.27 -9.42
CA GLN A 39 -5.57 1.71 -10.22
C GLN A 39 -6.24 0.65 -9.40
N THR A 40 -7.37 0.99 -8.86
CA THR A 40 -8.06 0.14 -7.98
C THR A 40 -8.97 -0.78 -8.76
N ARG A 41 -8.39 -1.85 -9.15
CA ARG A 41 -9.09 -2.88 -9.84
C ARG A 41 -9.75 -3.78 -8.82
N ALA A 42 -10.88 -3.34 -8.31
CA ALA A 42 -11.61 -4.11 -7.35
C ALA A 42 -12.39 -5.20 -8.05
N LEU A 43 -11.68 -6.21 -8.44
CA LEU A 43 -12.22 -7.30 -9.16
C LEU A 43 -12.50 -8.44 -8.20
N SER A 44 -13.74 -8.64 -7.89
CA SER A 44 -14.16 -9.73 -7.06
C SER A 44 -14.02 -11.04 -7.86
N PRO A 45 -13.13 -11.93 -7.43
CA PRO A 45 -12.84 -13.13 -8.18
C PRO A 45 -13.73 -14.30 -7.75
N GLU A 46 -13.25 -15.49 -7.97
CA GLU A 46 -13.97 -16.69 -7.64
C GLU A 46 -13.47 -17.21 -6.30
N ARG A 47 -12.38 -16.63 -5.86
CA ARG A 47 -11.77 -16.92 -4.60
C ARG A 47 -11.86 -15.69 -3.70
N GLU A 48 -11.16 -15.72 -2.60
CA GLU A 48 -11.17 -14.60 -1.66
C GLU A 48 -10.29 -13.48 -2.16
N GLU A 49 -9.03 -13.79 -2.37
CA GLU A 49 -8.07 -12.80 -2.80
C GLU A 49 -7.92 -12.83 -4.31
N PRO A 50 -8.14 -11.69 -5.00
CA PRO A 50 -7.94 -11.59 -6.45
C PRO A 50 -6.45 -11.49 -6.80
N GLY A 51 -5.64 -11.21 -5.81
CA GLY A 51 -4.24 -11.06 -6.00
C GLY A 51 -3.89 -9.61 -6.21
N PRO A 52 -2.74 -9.30 -6.80
CA PRO A 52 -2.33 -7.93 -7.08
C PRO A 52 -3.12 -7.32 -8.27
N ALA A 53 -4.40 -7.23 -8.10
CA ALA A 53 -5.28 -6.65 -9.09
C ALA A 53 -5.13 -5.15 -9.03
N VAL A 54 -5.22 -4.63 -7.84
CA VAL A 54 -5.00 -3.23 -7.60
C VAL A 54 -3.50 -2.96 -7.56
N THR A 55 -3.04 -2.15 -8.46
CA THR A 55 -1.65 -1.84 -8.50
C THR A 55 -1.48 -0.33 -8.60
N LEU A 56 -0.47 0.15 -7.92
CA LEU A 56 -0.15 1.54 -7.94
C LEU A 56 0.78 1.86 -9.09
N MET A 57 0.70 3.07 -9.55
CA MET A 57 1.54 3.55 -10.62
C MET A 57 2.41 4.63 -10.06
N VAL A 58 3.60 4.25 -9.67
CA VAL A 58 4.54 5.15 -9.03
C VAL A 58 5.93 5.00 -9.65
N ASP A 59 6.88 5.76 -9.12
CA ASP A 59 8.28 5.72 -9.55
C ASP A 59 8.84 4.31 -9.45
N GLU A 60 9.68 3.93 -10.41
CA GLU A 60 10.27 2.59 -10.52
C GLU A 60 11.02 2.15 -9.26
N SER A 61 11.60 3.10 -8.56
CA SER A 61 12.38 2.78 -7.40
C SER A 61 11.65 3.11 -6.11
N CYS A 62 10.39 3.53 -6.23
CA CYS A 62 9.60 3.88 -5.08
C CYS A 62 9.33 2.64 -4.24
N TRP A 63 9.70 2.72 -2.98
CA TRP A 63 9.61 1.61 -2.04
C TRP A 63 8.22 0.93 -1.99
N LEU A 64 7.18 1.69 -2.27
CA LEU A 64 5.79 1.21 -2.24
C LEU A 64 5.60 0.00 -3.18
N ARG A 65 6.29 0.00 -4.29
CA ARG A 65 6.20 -1.09 -5.25
C ARG A 65 7.36 -2.07 -5.07
N MET A 66 8.25 -1.77 -4.16
CA MET A 66 9.44 -2.59 -3.95
C MET A 66 9.19 -3.64 -2.88
N LEU A 67 8.32 -3.33 -1.96
CA LEU A 67 7.93 -4.28 -0.92
C LEU A 67 6.90 -5.23 -1.50
N PRO A 68 6.80 -6.47 -0.99
CA PRO A 68 5.77 -7.41 -1.42
C PRO A 68 4.40 -6.84 -1.08
N GLN A 69 3.57 -6.74 -2.07
CA GLN A 69 2.29 -6.13 -1.93
C GLN A 69 1.25 -7.15 -1.51
N VAL A 70 0.49 -6.80 -0.51
CA VAL A 70 -0.51 -7.67 0.06
C VAL A 70 -1.86 -6.94 0.05
N LEU A 71 -2.93 -7.67 0.24
CA LEU A 71 -4.25 -7.07 0.31
C LEU A 71 -4.81 -7.18 1.71
N THR A 72 -4.12 -7.92 2.54
CA THR A 72 -4.53 -8.11 3.89
C THR A 72 -3.85 -7.08 4.80
N GLU A 73 -4.62 -6.47 5.68
CA GLU A 73 -4.10 -5.44 6.54
C GLU A 73 -3.43 -6.01 7.77
N GLU A 74 -3.57 -7.31 7.96
CA GLU A 74 -2.94 -7.97 9.08
C GLU A 74 -1.48 -8.25 8.77
N ALA A 75 -1.21 -8.56 7.53
CA ALA A 75 0.15 -8.84 7.09
C ALA A 75 0.86 -7.54 6.80
N ALA A 76 0.11 -6.61 6.26
CA ALA A 76 0.64 -5.32 5.96
C ALA A 76 0.76 -4.49 7.16
N ASN A 77 1.92 -4.05 7.40
CA ASN A 77 2.13 -3.16 8.52
C ASN A 77 1.96 -1.73 8.07
N SER A 78 1.96 -1.51 6.77
CA SER A 78 1.78 -0.21 6.20
C SER A 78 0.77 -0.29 5.04
N GLU A 79 -0.12 0.66 4.99
CA GLU A 79 -1.13 0.69 3.96
C GLU A 79 -1.05 1.99 3.18
N ILE A 80 -1.18 1.85 1.89
CA ILE A 80 -1.08 2.93 0.97
C ILE A 80 -2.47 3.31 0.51
N TYR A 81 -2.83 4.52 0.75
CA TYR A 81 -4.13 5.00 0.43
C TYR A 81 -4.00 6.32 -0.28
N ARG A 82 -4.93 6.64 -1.12
CA ARG A 82 -4.94 7.90 -1.79
C ARG A 82 -5.67 8.90 -0.91
N LYS A 83 -5.19 10.10 -0.85
CA LYS A 83 -5.90 11.12 -0.15
C LYS A 83 -5.50 12.47 -0.71
N ASP A 84 -6.45 13.08 -1.36
CA ASP A 84 -6.31 14.38 -2.01
C ASP A 84 -5.19 14.39 -3.04
N ASP A 85 -5.40 13.60 -4.08
CA ASP A 85 -4.51 13.49 -5.26
C ASP A 85 -3.11 12.99 -4.95
N ALA A 86 -2.89 12.55 -3.75
CA ALA A 86 -1.59 12.11 -3.34
C ALA A 86 -1.69 10.77 -2.66
N LEU A 87 -0.61 10.05 -2.66
CA LEU A 87 -0.59 8.75 -2.06
C LEU A 87 0.07 8.84 -0.73
N TRP A 88 -0.54 8.28 0.24
CA TRP A 88 -0.04 8.31 1.57
C TRP A 88 0.19 6.91 2.06
N CYS A 89 1.14 6.75 2.92
CA CYS A 89 1.42 5.47 3.49
C CYS A 89 1.37 5.60 4.99
N ARG A 90 0.42 4.95 5.60
CA ARG A 90 0.30 4.99 7.03
C ARG A 90 0.63 3.64 7.62
N VAL A 91 1.21 3.65 8.76
CA VAL A 91 1.51 2.45 9.47
C VAL A 91 0.26 2.02 10.21
N THR A 92 -0.30 0.92 9.78
CA THR A 92 -1.50 0.42 10.35
C THR A 92 -1.22 -0.56 11.48
N LYS A 93 -0.15 -1.32 11.36
CA LYS A 93 0.16 -2.29 12.38
C LYS A 93 1.55 -2.03 12.91
N VAL A 94 1.70 -2.09 14.21
CA VAL A 94 2.98 -1.80 14.86
C VAL A 94 3.99 -2.91 14.58
N VAL A 95 4.97 -2.59 13.76
CA VAL A 95 6.01 -3.51 13.43
C VAL A 95 7.30 -3.10 14.18
N PRO A 96 7.92 -4.06 14.89
CA PRO A 96 9.13 -3.81 15.67
C PRO A 96 10.36 -3.51 14.78
N SER A 97 11.43 -3.06 15.40
CA SER A 97 12.64 -2.76 14.70
C SER A 97 13.23 -4.07 14.18
N GLY A 98 13.59 -4.08 12.92
CA GLY A 98 14.14 -5.27 12.33
C GLY A 98 13.06 -6.13 11.72
N GLY A 99 11.81 -5.83 12.07
CA GLY A 99 10.68 -6.58 11.57
C GLY A 99 10.38 -6.22 10.14
N LEU A 100 9.78 -7.12 9.42
CA LEU A 100 9.48 -6.92 8.04
C LEU A 100 8.07 -6.44 7.86
N LEU A 101 7.90 -5.57 6.92
CA LEU A 101 6.62 -4.97 6.64
C LEU A 101 6.24 -5.21 5.20
N TYR A 102 4.98 -5.01 4.90
CA TYR A 102 4.43 -5.25 3.59
C TYR A 102 3.53 -4.09 3.22
N VAL A 103 3.31 -3.93 1.93
CA VAL A 103 2.52 -2.84 1.37
C VAL A 103 1.10 -3.28 1.04
N ARG A 104 0.10 -2.67 1.66
CA ARG A 104 -1.29 -2.98 1.38
C ARG A 104 -1.90 -1.84 0.59
N LEU A 105 -2.50 -2.17 -0.52
CA LEU A 105 -3.14 -1.17 -1.35
C LEU A 105 -4.58 -1.03 -0.93
N VAL A 106 -5.05 0.20 -0.89
CA VAL A 106 -6.42 0.49 -0.51
C VAL A 106 -7.44 -0.15 -1.46
N THR A 107 -7.87 -1.30 -1.07
CA THR A 107 -8.86 -2.02 -1.77
C THR A 107 -10.18 -1.76 -1.07
N GLU A 108 -10.94 -0.86 -1.62
CA GLU A 108 -12.22 -0.45 -1.06
C GLU A 108 -13.21 -1.61 -1.03
N PRO A 109 -14.03 -1.69 0.05
CA PRO A 109 -15.08 -2.70 0.17
C PRO A 109 -16.01 -2.63 -1.03
N HIS A 110 -15.93 -3.62 -1.85
CA HIS A 110 -16.70 -3.63 -3.07
C HIS A 110 -17.90 -4.54 -2.94
N GLY A 111 -19.01 -4.06 -3.44
CA GLY A 111 -20.25 -4.78 -3.32
C GLY A 111 -20.98 -4.33 -2.07
N ALA A 112 -20.71 -3.08 -1.67
CA ALA A 112 -21.28 -2.41 -0.49
C ALA A 112 -20.71 -2.98 0.82
N PRO A 113 -20.54 -2.13 1.85
CA PRO A 113 -20.13 -2.58 3.17
C PRO A 113 -21.29 -3.38 3.80
N ARG A 114 -21.00 -4.29 4.70
CA ARG A 114 -22.04 -5.15 5.21
C ARG A 114 -22.81 -4.46 6.34
N HIS A 115 -23.86 -3.80 5.96
CA HIS A 115 -24.78 -3.17 6.86
C HIS A 115 -26.16 -3.50 6.38
N PRO A 116 -27.08 -3.88 7.27
CA PRO A 116 -28.48 -4.10 6.91
C PRO A 116 -29.03 -2.84 6.26
N VAL A 117 -28.98 -1.73 6.99
CA VAL A 117 -29.34 -0.43 6.48
C VAL A 117 -28.31 0.59 6.96
N GLN A 118 -27.71 1.28 6.03
CA GLN A 118 -26.75 2.29 6.37
C GLN A 118 -27.43 3.63 6.37
N GLU A 119 -27.60 4.16 7.54
CA GLU A 119 -28.36 5.37 7.73
C GLU A 119 -27.47 6.59 7.71
N PRO A 120 -27.72 7.53 6.78
CA PRO A 120 -27.02 8.80 6.76
C PRO A 120 -27.48 9.67 7.92
N VAL A 121 -26.55 10.23 8.64
CA VAL A 121 -26.86 11.04 9.79
C VAL A 121 -26.74 12.52 9.45
N GLU A 122 -27.80 13.24 9.66
CA GLU A 122 -27.84 14.65 9.45
C GLU A 122 -28.01 15.34 10.80
N PRO A 123 -27.10 16.21 11.20
CA PRO A 123 -27.21 16.93 12.47
C PRO A 123 -28.28 18.02 12.40
N GLY A 124 -28.81 18.38 13.53
CA GLY A 124 -29.81 19.41 13.60
C GLY A 124 -29.16 20.75 13.82
N GLY A 125 -28.24 21.08 12.94
CA GLY A 125 -27.51 22.29 13.06
C GLY A 125 -27.07 22.81 11.73
N LEU A 126 -27.98 23.46 11.06
CA LEU A 126 -27.71 24.07 9.79
C LEU A 126 -28.41 25.41 9.78
N ALA A 127 -27.67 26.46 9.92
CA ALA A 127 -28.20 27.79 9.93
C ALA A 127 -28.04 28.41 8.57
N PRO A 1 21.60 3.24 -1.04
CA PRO A 1 21.08 1.92 -1.22
C PRO A 1 19.78 1.90 -2.00
N TRP A 2 18.82 2.75 -1.62
CA TRP A 2 17.54 2.74 -2.29
C TRP A 2 16.88 4.09 -2.16
N SER A 3 15.85 4.31 -2.91
CA SER A 3 15.11 5.54 -2.83
C SER A 3 13.97 5.36 -1.84
N GLY A 4 14.22 5.73 -0.61
CA GLY A 4 13.23 5.60 0.40
C GLY A 4 13.62 6.31 1.67
N PRO A 5 12.82 6.19 2.72
CA PRO A 5 13.08 6.84 3.99
C PRO A 5 13.99 6.00 4.88
N GLU A 6 14.73 6.68 5.73
CA GLU A 6 15.65 6.03 6.66
C GLU A 6 14.95 5.44 7.88
N GLU A 7 13.64 5.59 7.94
CA GLU A 7 12.85 4.91 8.96
C GLU A 7 12.78 3.44 8.57
N LEU A 8 13.00 3.23 7.30
CA LEU A 8 13.01 1.96 6.67
C LEU A 8 14.42 1.65 6.20
N GLU A 9 14.71 0.41 5.95
CA GLU A 9 16.01 0.03 5.49
C GLU A 9 15.91 -1.11 4.50
N LEU A 10 16.44 -0.89 3.33
CA LEU A 10 16.59 -1.93 2.36
C LEU A 10 17.92 -2.55 2.69
N ALA A 11 17.91 -3.73 3.20
CA ALA A 11 19.12 -4.34 3.63
C ALA A 11 19.49 -5.44 2.71
N LEU A 12 20.73 -5.79 2.71
CA LEU A 12 21.21 -6.87 1.93
C LEU A 12 21.76 -7.91 2.86
N GLN A 13 20.96 -8.87 3.14
CA GLN A 13 21.34 -9.96 3.98
C GLN A 13 21.38 -11.20 3.14
N ASP A 14 22.55 -11.80 3.04
CA ASP A 14 22.78 -13.00 2.21
C ASP A 14 22.60 -12.64 0.70
N GLY A 15 22.56 -11.34 0.43
CA GLY A 15 22.34 -10.85 -0.91
C GLY A 15 20.87 -10.61 -1.21
N GLN A 16 20.02 -10.84 -0.22
CA GLN A 16 18.60 -10.70 -0.39
C GLN A 16 18.20 -9.22 -0.25
N ARG A 17 17.32 -8.78 -1.14
CA ARG A 17 16.72 -7.47 -1.04
C ARG A 17 15.58 -7.58 -0.04
N CYS A 18 15.73 -6.97 1.10
CA CYS A 18 14.68 -7.01 2.08
C CYS A 18 14.36 -5.63 2.60
N VAL A 19 13.07 -5.34 2.73
CA VAL A 19 12.64 -4.08 3.27
C VAL A 19 12.36 -4.28 4.75
N ARG A 20 13.24 -3.80 5.55
CA ARG A 20 13.15 -3.97 6.98
C ARG A 20 12.82 -2.64 7.62
N ALA A 21 12.13 -2.69 8.72
CA ALA A 21 11.86 -1.51 9.49
C ALA A 21 13.10 -1.19 10.27
N ARG A 22 13.75 -0.11 9.94
CA ARG A 22 14.98 0.28 10.60
C ARG A 22 14.66 0.79 11.98
N LEU A 23 13.64 1.58 12.04
CA LEU A 23 13.12 2.07 13.28
C LEU A 23 11.79 1.40 13.51
N SER A 24 11.40 1.26 14.74
CA SER A 24 10.15 0.66 15.07
C SER A 24 9.01 1.58 14.61
N LEU A 25 8.22 1.11 13.70
CA LEU A 25 7.16 1.88 13.12
C LEU A 25 5.91 1.74 13.96
N THR A 26 5.51 2.82 14.58
CA THR A 26 4.30 2.82 15.36
C THR A 26 3.13 3.23 14.49
N GLU A 27 1.96 2.66 14.72
CA GLU A 27 0.80 3.03 13.93
C GLU A 27 0.46 4.48 14.20
N GLY A 28 -0.05 5.13 13.22
CA GLY A 28 -0.30 6.54 13.34
C GLY A 28 0.69 7.28 12.50
N LEU A 29 1.91 6.74 12.43
CA LEU A 29 2.93 7.29 11.60
C LEU A 29 2.52 7.13 10.16
N SER A 30 2.77 8.15 9.40
CA SER A 30 2.47 8.13 8.02
C SER A 30 3.51 8.98 7.33
N TRP A 31 3.74 8.71 6.09
CA TRP A 31 4.66 9.47 5.31
C TRP A 31 3.91 10.49 4.49
N GLY A 32 4.65 11.35 3.83
CA GLY A 32 4.06 12.41 3.06
C GLY A 32 3.44 11.90 1.77
N PRO A 33 2.88 12.81 0.96
CA PRO A 33 2.20 12.44 -0.27
C PRO A 33 3.17 11.97 -1.35
N PHE A 34 2.93 10.78 -1.83
CA PHE A 34 3.72 10.22 -2.90
C PHE A 34 2.99 10.47 -4.19
N TYR A 35 3.74 10.59 -5.23
CA TYR A 35 3.19 10.89 -6.52
C TYR A 35 2.95 9.64 -7.32
N GLY A 36 1.72 9.42 -7.66
CA GLY A 36 1.31 8.27 -8.40
C GLY A 36 -0.08 7.92 -7.97
N SER A 37 -0.60 6.82 -8.44
CA SER A 37 -1.94 6.44 -8.09
C SER A 37 -2.07 4.95 -7.84
N ILE A 38 -3.11 4.58 -7.15
CA ILE A 38 -3.49 3.21 -6.96
C ILE A 38 -4.85 3.13 -7.59
N GLN A 39 -5.07 2.16 -8.42
CA GLN A 39 -6.33 2.06 -9.09
C GLN A 39 -7.36 1.45 -8.16
N THR A 40 -8.11 2.32 -7.57
CA THR A 40 -9.12 1.97 -6.62
C THR A 40 -10.39 1.62 -7.35
N ARG A 41 -10.97 0.51 -6.95
CA ARG A 41 -12.10 -0.06 -7.63
C ARG A 41 -11.84 -0.34 -9.07
N ALA A 42 -10.72 -0.98 -9.29
CA ALA A 42 -10.36 -1.48 -10.57
C ALA A 42 -11.10 -2.78 -10.68
N LEU A 43 -12.20 -2.72 -11.32
CA LEU A 43 -13.07 -3.83 -11.41
C LEU A 43 -12.88 -4.50 -12.74
N SER A 44 -12.39 -5.69 -12.70
CA SER A 44 -12.14 -6.46 -13.89
C SER A 44 -13.49 -6.99 -14.44
N PRO A 45 -13.51 -7.42 -15.72
CA PRO A 45 -14.69 -8.05 -16.31
C PRO A 45 -14.84 -9.48 -15.77
N GLU A 46 -15.40 -10.37 -16.56
CA GLU A 46 -15.60 -11.74 -16.12
C GLU A 46 -14.35 -12.59 -16.37
N ARG A 47 -13.25 -11.91 -16.52
CA ARG A 47 -11.97 -12.53 -16.72
C ARG A 47 -11.46 -13.11 -15.41
N GLU A 48 -10.55 -14.02 -15.55
CA GLU A 48 -9.87 -14.60 -14.42
C GLU A 48 -9.05 -13.55 -13.70
N GLU A 49 -9.05 -13.59 -12.40
CA GLU A 49 -8.29 -12.66 -11.60
C GLU A 49 -6.99 -13.38 -11.21
N PRO A 50 -5.87 -13.06 -11.88
CA PRO A 50 -4.59 -13.73 -11.65
C PRO A 50 -4.04 -13.48 -10.25
N GLY A 51 -4.14 -12.25 -9.82
CA GLY A 51 -3.63 -11.87 -8.55
C GLY A 51 -4.09 -10.48 -8.22
N PRO A 52 -3.19 -9.56 -7.87
CA PRO A 52 -3.55 -8.17 -7.59
C PRO A 52 -4.05 -7.46 -8.83
N ALA A 53 -5.36 -7.36 -8.96
CA ALA A 53 -5.97 -6.62 -10.06
C ALA A 53 -5.97 -5.16 -9.69
N VAL A 54 -6.03 -4.92 -8.39
CA VAL A 54 -5.89 -3.62 -7.83
C VAL A 54 -4.42 -3.45 -7.54
N THR A 55 -3.80 -2.50 -8.16
CA THR A 55 -2.42 -2.29 -7.96
C THR A 55 -2.06 -0.81 -8.16
N LEU A 56 -0.82 -0.50 -7.97
CA LEU A 56 -0.32 0.84 -7.99
C LEU A 56 0.36 1.20 -9.30
N MET A 57 0.32 2.45 -9.62
CA MET A 57 1.01 3.00 -10.74
C MET A 57 1.91 4.12 -10.26
N VAL A 58 3.09 3.72 -9.83
CA VAL A 58 4.12 4.60 -9.33
C VAL A 58 5.44 4.16 -9.91
N ASP A 59 6.43 5.00 -9.83
CA ASP A 59 7.75 4.70 -10.37
C ASP A 59 8.49 3.75 -9.42
N GLU A 60 9.48 3.04 -9.93
CA GLU A 60 10.28 2.12 -9.11
C GLU A 60 11.10 2.86 -8.06
N SER A 61 11.31 4.15 -8.27
CA SER A 61 12.00 4.98 -7.29
C SER A 61 11.07 5.22 -6.09
N CYS A 62 9.80 4.93 -6.25
CA CYS A 62 8.88 5.02 -5.18
C CYS A 62 8.91 3.70 -4.44
N TRP A 63 9.64 3.70 -3.34
CA TRP A 63 9.91 2.53 -2.46
C TRP A 63 8.68 1.67 -2.17
N LEU A 64 7.50 2.29 -2.18
CA LEU A 64 6.24 1.64 -1.87
C LEU A 64 6.02 0.37 -2.72
N ARG A 65 6.43 0.41 -3.98
CA ARG A 65 6.22 -0.75 -4.86
C ARG A 65 7.34 -1.76 -4.76
N MET A 66 8.30 -1.49 -3.91
CA MET A 66 9.42 -2.40 -3.73
C MET A 66 9.12 -3.35 -2.59
N LEU A 67 8.05 -3.09 -1.87
CA LEU A 67 7.60 -3.95 -0.80
C LEU A 67 6.66 -5.00 -1.38
N PRO A 68 6.54 -6.16 -0.73
CA PRO A 68 5.58 -7.18 -1.16
C PRO A 68 4.15 -6.68 -0.99
N GLN A 69 3.45 -6.60 -2.10
CA GLN A 69 2.10 -6.07 -2.11
C GLN A 69 1.12 -7.09 -1.60
N VAL A 70 0.21 -6.65 -0.78
CA VAL A 70 -0.83 -7.47 -0.23
C VAL A 70 -2.14 -6.69 -0.24
N LEU A 71 -3.25 -7.38 -0.38
CA LEU A 71 -4.55 -6.74 -0.34
C LEU A 71 -5.24 -7.07 0.98
N THR A 72 -4.67 -7.98 1.70
CA THR A 72 -5.20 -8.40 2.98
C THR A 72 -4.65 -7.53 4.12
N GLU A 73 -5.53 -7.09 5.01
CA GLU A 73 -5.15 -6.18 6.09
C GLU A 73 -4.37 -6.90 7.18
N GLU A 74 -4.66 -8.18 7.34
CA GLU A 74 -4.05 -8.98 8.37
C GLU A 74 -2.57 -9.22 8.06
N ALA A 75 -2.24 -9.29 6.79
CA ALA A 75 -0.88 -9.60 6.37
C ALA A 75 -0.03 -8.33 6.21
N ALA A 76 -0.71 -7.21 6.05
CA ALA A 76 -0.03 -5.96 5.81
C ALA A 76 0.43 -5.32 7.08
N ASN A 77 1.45 -4.51 6.97
CA ASN A 77 2.00 -3.81 8.13
C ASN A 77 1.91 -2.31 7.92
N SER A 78 1.61 -1.92 6.70
CA SER A 78 1.41 -0.53 6.32
C SER A 78 0.49 -0.52 5.09
N GLU A 79 -0.35 0.47 4.97
CA GLU A 79 -1.26 0.57 3.83
C GLU A 79 -1.12 1.90 3.12
N ILE A 80 -1.33 1.88 1.82
CA ILE A 80 -1.25 3.06 0.99
C ILE A 80 -2.65 3.40 0.53
N TYR A 81 -3.03 4.63 0.66
CA TYR A 81 -4.34 5.07 0.22
C TYR A 81 -4.20 6.37 -0.55
N ARG A 82 -5.25 6.78 -1.24
CA ARG A 82 -5.21 8.02 -1.97
C ARG A 82 -5.87 9.13 -1.13
N LYS A 83 -5.30 10.31 -1.14
CA LYS A 83 -5.85 11.46 -0.45
C LYS A 83 -5.16 12.72 -0.96
N ASP A 84 -5.93 13.80 -1.19
CA ASP A 84 -5.40 15.12 -1.65
C ASP A 84 -4.83 15.01 -3.05
N ASP A 85 -5.20 13.93 -3.70
CA ASP A 85 -4.70 13.49 -4.99
C ASP A 85 -3.23 13.18 -4.94
N ALA A 86 -2.94 12.18 -4.15
CA ALA A 86 -1.61 11.68 -3.92
C ALA A 86 -1.75 10.42 -3.10
N LEU A 87 -0.69 9.72 -2.89
CA LEU A 87 -0.73 8.51 -2.09
C LEU A 87 -0.11 8.77 -0.74
N TRP A 88 -0.71 8.24 0.27
CA TRP A 88 -0.21 8.38 1.62
C TRP A 88 0.01 7.01 2.20
N CYS A 89 1.15 6.82 2.82
CA CYS A 89 1.49 5.55 3.43
C CYS A 89 1.33 5.67 4.92
N ARG A 90 0.44 4.89 5.49
CA ARG A 90 0.21 4.91 6.91
C ARG A 90 0.59 3.56 7.52
N VAL A 91 1.13 3.59 8.71
CA VAL A 91 1.52 2.39 9.41
C VAL A 91 0.35 1.87 10.24
N THR A 92 0.06 0.58 10.15
CA THR A 92 -1.06 -0.02 10.86
C THR A 92 -0.59 -0.82 12.09
N LYS A 93 0.51 -1.53 11.94
CA LYS A 93 1.03 -2.34 13.01
C LYS A 93 2.28 -1.74 13.56
N VAL A 94 2.54 -1.95 14.83
CA VAL A 94 3.78 -1.51 15.39
C VAL A 94 4.85 -2.53 14.96
N VAL A 95 5.57 -2.18 13.93
CA VAL A 95 6.56 -3.05 13.33
C VAL A 95 7.87 -2.88 14.08
N PRO A 96 8.45 -3.99 14.57
CA PRO A 96 9.68 -3.93 15.33
C PRO A 96 10.87 -3.62 14.44
N SER A 97 11.80 -2.89 14.98
CA SER A 97 13.01 -2.56 14.29
C SER A 97 13.81 -3.84 13.96
N GLY A 98 13.96 -4.11 12.70
CA GLY A 98 14.63 -5.31 12.24
C GLY A 98 13.65 -6.28 11.60
N GLY A 99 12.36 -5.97 11.70
CA GLY A 99 11.34 -6.82 11.12
C GLY A 99 10.99 -6.40 9.71
N LEU A 100 10.20 -7.20 9.04
CA LEU A 100 9.80 -6.94 7.67
C LEU A 100 8.37 -6.42 7.66
N LEU A 101 7.99 -5.81 6.57
CA LEU A 101 6.67 -5.27 6.42
C LEU A 101 6.14 -5.51 5.01
N TYR A 102 4.84 -5.68 4.91
CA TYR A 102 4.15 -5.87 3.64
C TYR A 102 3.31 -4.64 3.39
N VAL A 103 3.20 -4.27 2.14
CA VAL A 103 2.51 -3.05 1.78
C VAL A 103 1.10 -3.38 1.28
N ARG A 104 0.11 -2.80 1.91
CA ARG A 104 -1.24 -3.02 1.48
C ARG A 104 -1.69 -1.89 0.62
N LEU A 105 -2.35 -2.22 -0.41
CA LEU A 105 -2.92 -1.24 -1.25
C LEU A 105 -4.37 -1.12 -0.87
N VAL A 106 -4.86 0.11 -0.82
CA VAL A 106 -6.23 0.39 -0.43
C VAL A 106 -7.26 -0.46 -1.19
N THR A 107 -7.76 -1.43 -0.50
CA THR A 107 -8.73 -2.32 -1.03
C THR A 107 -10.09 -1.80 -0.63
N GLU A 108 -10.89 -1.41 -1.59
CA GLU A 108 -12.20 -0.89 -1.29
C GLU A 108 -13.21 -2.05 -1.21
N PRO A 109 -13.77 -2.32 0.00
CA PRO A 109 -14.70 -3.43 0.22
C PRO A 109 -16.03 -3.25 -0.50
N HIS A 110 -16.63 -4.34 -0.89
CA HIS A 110 -17.90 -4.28 -1.57
C HIS A 110 -19.01 -4.57 -0.59
N GLY A 111 -19.91 -3.63 -0.43
CA GLY A 111 -21.01 -3.81 0.46
C GLY A 111 -22.13 -4.56 -0.20
N ALA A 112 -21.99 -5.87 -0.23
CA ALA A 112 -22.99 -6.73 -0.83
C ALA A 112 -24.24 -6.75 0.05
N PRO A 113 -25.37 -6.21 -0.43
CA PRO A 113 -26.60 -6.13 0.35
C PRO A 113 -27.48 -7.36 0.11
N ARG A 114 -26.87 -8.40 -0.39
CA ARG A 114 -27.55 -9.62 -0.69
C ARG A 114 -26.89 -10.77 0.03
N HIS A 115 -27.37 -11.10 1.20
CA HIS A 115 -26.87 -12.27 1.89
C HIS A 115 -27.57 -13.53 1.34
N PRO A 116 -28.91 -13.66 1.43
CA PRO A 116 -29.59 -14.78 0.81
C PRO A 116 -29.85 -14.48 -0.65
N VAL A 117 -29.37 -15.31 -1.53
CA VAL A 117 -29.58 -15.08 -2.95
C VAL A 117 -30.96 -15.55 -3.40
N GLN A 118 -31.95 -14.92 -2.84
CA GLN A 118 -33.32 -15.20 -3.10
C GLN A 118 -34.12 -13.94 -2.86
N GLU A 119 -34.57 -13.37 -3.93
CA GLU A 119 -35.34 -12.14 -3.88
C GLU A 119 -36.68 -12.44 -4.50
N PRO A 120 -37.69 -11.58 -4.35
CA PRO A 120 -38.94 -11.74 -5.10
C PRO A 120 -38.62 -11.59 -6.60
N VAL A 121 -39.45 -12.11 -7.46
CA VAL A 121 -39.20 -11.98 -8.89
C VAL A 121 -39.23 -10.52 -9.30
N GLU A 122 -38.13 -10.07 -9.90
CA GLU A 122 -37.92 -8.70 -10.36
C GLU A 122 -37.73 -7.73 -9.17
N PRO A 123 -37.00 -6.60 -9.38
CA PRO A 123 -36.83 -5.54 -8.36
C PRO A 123 -38.16 -5.10 -7.74
N GLY A 124 -39.19 -5.06 -8.56
CA GLY A 124 -40.50 -4.74 -8.09
C GLY A 124 -40.98 -3.45 -8.67
N GLY A 125 -40.05 -2.59 -8.95
CA GLY A 125 -40.34 -1.34 -9.55
C GLY A 125 -39.10 -0.52 -9.65
N LEU A 126 -38.88 0.00 -10.82
CA LEU A 126 -37.77 0.88 -11.05
C LEU A 126 -38.31 2.25 -11.35
N ALA A 127 -39.36 2.26 -12.15
CA ALA A 127 -40.07 3.44 -12.50
C ALA A 127 -41.50 3.26 -12.04
N PRO A 1 20.65 3.62 -1.15
CA PRO A 1 20.49 2.48 -2.05
C PRO A 1 19.04 2.33 -2.56
N TRP A 2 18.12 3.18 -2.13
CA TRP A 2 16.74 3.06 -2.54
C TRP A 2 16.03 4.36 -2.32
N SER A 3 14.95 4.60 -3.01
CA SER A 3 14.18 5.78 -2.79
C SER A 3 13.17 5.47 -1.68
N GLY A 4 13.65 5.56 -0.46
CA GLY A 4 12.86 5.27 0.69
C GLY A 4 13.29 6.10 1.88
N PRO A 5 12.54 6.04 2.97
CA PRO A 5 12.79 6.84 4.16
C PRO A 5 13.80 6.18 5.09
N GLU A 6 14.44 6.95 5.93
CA GLU A 6 15.46 6.42 6.83
C GLU A 6 14.90 5.75 8.09
N GLU A 7 13.57 5.76 8.23
CA GLU A 7 12.90 5.02 9.32
C GLU A 7 12.86 3.57 8.92
N LEU A 8 13.01 3.37 7.65
CA LEU A 8 13.01 2.10 7.03
C LEU A 8 14.40 1.76 6.59
N GLU A 9 14.66 0.51 6.37
CA GLU A 9 15.97 0.10 6.01
C GLU A 9 15.94 -0.91 4.89
N LEU A 10 16.76 -0.65 3.92
CA LEU A 10 16.97 -1.55 2.83
C LEU A 10 18.21 -2.31 3.22
N ALA A 11 18.08 -3.55 3.46
CA ALA A 11 19.16 -4.34 3.90
C ALA A 11 19.52 -5.33 2.84
N LEU A 12 20.78 -5.57 2.69
CA LEU A 12 21.22 -6.50 1.71
C LEU A 12 21.53 -7.82 2.38
N GLN A 13 20.88 -8.84 1.91
CA GLN A 13 21.08 -10.16 2.43
C GLN A 13 21.52 -11.03 1.28
N ASP A 14 22.79 -11.39 1.27
CA ASP A 14 23.45 -12.22 0.22
C ASP A 14 23.35 -11.58 -1.19
N GLY A 15 22.97 -10.33 -1.23
CA GLY A 15 22.81 -9.62 -2.48
C GLY A 15 21.35 -9.33 -2.82
N GLN A 16 20.43 -9.69 -1.94
CA GLN A 16 19.04 -9.35 -2.17
C GLN A 16 18.72 -8.06 -1.44
N ARG A 17 17.78 -7.33 -1.96
CA ARG A 17 17.33 -6.12 -1.32
C ARG A 17 16.06 -6.41 -0.51
N CYS A 18 16.20 -6.46 0.77
CA CYS A 18 15.08 -6.72 1.61
C CYS A 18 14.72 -5.48 2.41
N VAL A 19 13.45 -5.21 2.53
CA VAL A 19 12.99 -4.03 3.23
C VAL A 19 12.55 -4.40 4.62
N ARG A 20 13.21 -3.86 5.59
CA ARG A 20 12.92 -4.17 6.96
C ARG A 20 12.69 -2.89 7.74
N ALA A 21 11.94 -2.98 8.81
CA ALA A 21 11.73 -1.85 9.68
C ALA A 21 12.99 -1.61 10.46
N ARG A 22 13.55 -0.43 10.33
CA ARG A 22 14.78 -0.08 11.01
C ARG A 22 14.45 0.25 12.45
N LEU A 23 13.39 0.98 12.60
CA LEU A 23 12.88 1.35 13.89
C LEU A 23 11.46 0.87 13.99
N SER A 24 10.90 0.94 15.17
CA SER A 24 9.55 0.53 15.39
C SER A 24 8.57 1.52 14.73
N LEU A 25 7.96 1.07 13.66
CA LEU A 25 6.96 1.86 12.98
C LEU A 25 5.71 1.86 13.81
N THR A 26 5.36 3.00 14.32
CA THR A 26 4.25 3.15 15.19
C THR A 26 2.95 3.36 14.41
N GLU A 27 1.84 3.02 15.02
CA GLU A 27 0.57 3.12 14.36
C GLU A 27 0.21 4.59 14.16
N GLY A 28 -0.15 4.93 12.95
CA GLY A 28 -0.53 6.27 12.66
C GLY A 28 0.59 7.05 12.02
N LEU A 29 1.80 6.49 12.06
CA LEU A 29 2.94 7.13 11.43
C LEU A 29 2.72 7.16 9.93
N SER A 30 2.83 8.31 9.35
CA SER A 30 2.60 8.46 7.96
C SER A 30 3.67 9.32 7.33
N TRP A 31 3.97 9.03 6.11
CA TRP A 31 4.92 9.78 5.35
C TRP A 31 4.19 10.77 4.46
N GLY A 32 4.94 11.69 3.88
CA GLY A 32 4.36 12.72 3.05
C GLY A 32 3.83 12.18 1.74
N PRO A 33 2.91 12.91 1.09
CA PRO A 33 2.27 12.49 -0.15
C PRO A 33 3.27 12.24 -1.28
N PHE A 34 3.24 11.05 -1.82
CA PHE A 34 4.11 10.65 -2.90
C PHE A 34 3.43 10.90 -4.22
N TYR A 35 4.20 11.16 -5.24
CA TYR A 35 3.64 11.42 -6.55
C TYR A 35 3.53 10.14 -7.33
N GLY A 36 2.32 9.66 -7.44
CA GLY A 36 2.05 8.46 -8.15
C GLY A 36 0.59 8.17 -8.10
N SER A 37 0.21 7.00 -8.49
CA SER A 37 -1.18 6.59 -8.48
C SER A 37 -1.26 5.10 -8.20
N ILE A 38 -2.42 4.63 -7.89
CA ILE A 38 -2.61 3.21 -7.65
C ILE A 38 -3.76 2.77 -8.51
N GLN A 39 -3.50 1.85 -9.40
CA GLN A 39 -4.49 1.42 -10.32
C GLN A 39 -4.91 0.01 -10.04
N THR A 40 -6.16 -0.15 -9.76
CA THR A 40 -6.71 -1.43 -9.54
C THR A 40 -7.23 -1.97 -10.86
N ARG A 41 -7.03 -3.22 -11.06
CA ARG A 41 -7.53 -3.89 -12.21
C ARG A 41 -8.32 -5.10 -11.77
N ALA A 42 -9.43 -4.82 -11.15
CA ALA A 42 -10.29 -5.84 -10.63
C ALA A 42 -11.15 -6.40 -11.74
N LEU A 43 -10.58 -7.30 -12.45
CA LEU A 43 -11.23 -7.97 -13.51
C LEU A 43 -11.04 -9.43 -13.28
N SER A 44 -12.11 -10.13 -13.05
CA SER A 44 -12.06 -11.54 -12.83
C SER A 44 -11.86 -12.28 -14.15
N PRO A 45 -10.67 -12.89 -14.37
CA PRO A 45 -10.38 -13.60 -15.62
C PRO A 45 -11.19 -14.87 -15.73
N GLU A 46 -11.14 -15.68 -14.70
CA GLU A 46 -11.84 -16.92 -14.70
C GLU A 46 -13.04 -16.81 -13.75
N ARG A 47 -12.80 -16.28 -12.57
CA ARG A 47 -13.86 -16.10 -11.57
C ARG A 47 -13.36 -15.15 -10.53
N GLU A 48 -12.16 -15.40 -10.12
CA GLU A 48 -11.52 -14.67 -9.09
C GLU A 48 -10.19 -14.21 -9.65
N GLU A 49 -9.60 -13.22 -9.04
CA GLU A 49 -8.30 -12.79 -9.44
C GLU A 49 -7.28 -13.69 -8.76
N PRO A 50 -6.31 -14.23 -9.54
CA PRO A 50 -5.29 -15.18 -9.03
C PRO A 50 -4.54 -14.69 -7.80
N GLY A 51 -4.33 -13.39 -7.70
CA GLY A 51 -3.61 -12.84 -6.59
C GLY A 51 -3.84 -11.35 -6.49
N PRO A 52 -2.81 -10.58 -6.12
CA PRO A 52 -2.93 -9.12 -6.00
C PRO A 52 -3.03 -8.47 -7.37
N ALA A 53 -4.20 -7.94 -7.67
CA ALA A 53 -4.44 -7.33 -8.96
C ALA A 53 -4.24 -5.82 -8.90
N VAL A 54 -4.26 -5.26 -7.72
CA VAL A 54 -4.07 -3.84 -7.60
C VAL A 54 -2.60 -3.53 -7.81
N THR A 55 -2.30 -2.59 -8.66
CA THR A 55 -0.94 -2.33 -9.03
C THR A 55 -0.53 -0.89 -8.65
N LEU A 56 0.68 -0.73 -8.17
CA LEU A 56 1.18 0.58 -7.79
C LEU A 56 1.82 1.25 -8.99
N MET A 57 1.35 2.42 -9.32
CA MET A 57 1.91 3.17 -10.40
C MET A 57 2.81 4.26 -9.82
N VAL A 58 4.03 3.86 -9.50
CA VAL A 58 5.01 4.74 -8.89
C VAL A 58 6.38 4.51 -9.51
N ASP A 59 7.36 5.27 -9.06
CA ASP A 59 8.72 5.18 -9.59
C ASP A 59 9.33 3.82 -9.31
N GLU A 60 10.14 3.37 -10.23
CA GLU A 60 10.81 2.07 -10.16
C GLU A 60 11.58 1.88 -8.85
N SER A 61 12.22 2.93 -8.37
CA SER A 61 13.05 2.84 -7.19
C SER A 61 12.26 3.25 -5.92
N CYS A 62 10.98 3.54 -6.08
CA CYS A 62 10.14 3.95 -4.97
C CYS A 62 9.83 2.75 -4.10
N TRP A 63 10.12 2.89 -2.81
CA TRP A 63 10.00 1.82 -1.83
C TRP A 63 8.60 1.17 -1.76
N LEU A 64 7.58 1.94 -2.05
CA LEU A 64 6.18 1.49 -1.95
C LEU A 64 5.94 0.25 -2.79
N ARG A 65 6.52 0.19 -3.98
CA ARG A 65 6.25 -0.91 -4.90
C ARG A 65 7.17 -2.09 -4.66
N MET A 66 8.15 -1.95 -3.79
CA MET A 66 9.06 -3.05 -3.56
C MET A 66 8.68 -3.79 -2.28
N LEU A 67 7.57 -3.36 -1.71
CA LEU A 67 7.02 -4.00 -0.55
C LEU A 67 6.08 -5.11 -1.04
N PRO A 68 6.02 -6.26 -0.35
CA PRO A 68 5.14 -7.35 -0.74
C PRO A 68 3.68 -7.00 -0.46
N GLN A 69 2.84 -7.17 -1.44
CA GLN A 69 1.42 -6.87 -1.28
C GLN A 69 0.71 -7.97 -0.56
N VAL A 70 -0.31 -7.59 0.15
CA VAL A 70 -1.18 -8.50 0.84
C VAL A 70 -2.62 -8.05 0.67
N LEU A 71 -3.51 -9.00 0.64
CA LEU A 71 -4.92 -8.72 0.49
C LEU A 71 -5.55 -8.62 1.87
N THR A 72 -4.88 -9.20 2.85
CA THR A 72 -5.30 -9.17 4.21
C THR A 72 -4.61 -8.02 4.95
N GLU A 73 -5.37 -7.29 5.72
CA GLU A 73 -4.85 -6.13 6.42
C GLU A 73 -4.21 -6.51 7.75
N GLU A 74 -4.34 -7.77 8.10
CA GLU A 74 -3.67 -8.34 9.26
C GLU A 74 -2.18 -8.46 8.95
N ALA A 75 -1.88 -8.65 7.69
CA ALA A 75 -0.50 -8.82 7.29
C ALA A 75 0.13 -7.48 6.99
N ALA A 76 -0.68 -6.55 6.54
CA ALA A 76 -0.22 -5.24 6.15
C ALA A 76 0.16 -4.40 7.35
N ASN A 77 1.37 -3.91 7.35
CA ASN A 77 1.84 -3.05 8.42
C ASN A 77 1.82 -1.62 7.94
N SER A 78 1.78 -1.45 6.65
CA SER A 78 1.75 -0.15 6.04
C SER A 78 0.81 -0.18 4.86
N GLU A 79 -0.03 0.81 4.75
CA GLU A 79 -0.94 0.88 3.63
C GLU A 79 -0.70 2.16 2.85
N ILE A 80 -0.91 2.09 1.57
CA ILE A 80 -0.78 3.25 0.72
C ILE A 80 -2.16 3.59 0.27
N TYR A 81 -2.63 4.71 0.67
CA TYR A 81 -3.94 5.12 0.29
C TYR A 81 -3.85 6.46 -0.33
N ARG A 82 -4.77 6.79 -1.17
CA ARG A 82 -4.76 8.08 -1.73
C ARG A 82 -5.64 8.99 -0.91
N LYS A 83 -5.14 10.13 -0.67
CA LYS A 83 -5.84 11.16 0.01
C LYS A 83 -5.53 12.41 -0.75
N ASP A 84 -6.58 13.08 -1.23
CA ASP A 84 -6.45 14.25 -2.10
C ASP A 84 -5.86 13.80 -3.43
N ASP A 85 -6.04 12.49 -3.68
CA ASP A 85 -5.55 11.75 -4.85
C ASP A 85 -4.00 11.59 -4.82
N ALA A 86 -3.40 12.03 -3.76
CA ALA A 86 -1.98 11.88 -3.55
C ALA A 86 -1.77 10.63 -2.71
N LEU A 87 -0.63 10.01 -2.80
CA LEU A 87 -0.42 8.77 -2.08
C LEU A 87 0.21 8.99 -0.74
N TRP A 88 -0.45 8.53 0.26
CA TRP A 88 0.02 8.64 1.62
C TRP A 88 0.26 7.25 2.16
N CYS A 89 1.35 7.08 2.85
CA CYS A 89 1.67 5.82 3.45
C CYS A 89 1.51 5.92 4.93
N ARG A 90 0.64 5.12 5.49
CA ARG A 90 0.44 5.13 6.93
C ARG A 90 0.67 3.75 7.49
N VAL A 91 1.25 3.71 8.65
CA VAL A 91 1.51 2.48 9.35
C VAL A 91 0.26 2.09 10.13
N THR A 92 -0.17 0.87 9.94
CA THR A 92 -1.35 0.36 10.60
C THR A 92 -0.96 -0.47 11.84
N LYS A 93 -0.01 -1.34 11.67
CA LYS A 93 0.44 -2.21 12.73
C LYS A 93 1.85 -1.87 13.09
N VAL A 94 2.14 -1.89 14.37
CA VAL A 94 3.45 -1.56 14.86
C VAL A 94 4.41 -2.69 14.58
N VAL A 95 5.33 -2.44 13.70
CA VAL A 95 6.33 -3.39 13.36
C VAL A 95 7.67 -2.96 13.98
N PRO A 96 8.28 -3.82 14.80
CA PRO A 96 9.53 -3.51 15.48
C PRO A 96 10.74 -3.60 14.53
N SER A 97 11.89 -3.21 15.04
CA SER A 97 13.11 -3.27 14.29
C SER A 97 13.41 -4.70 13.85
N GLY A 98 13.62 -4.88 12.58
CA GLY A 98 13.91 -6.19 12.06
C GLY A 98 12.68 -6.92 11.59
N GLY A 99 11.57 -6.25 11.61
CA GLY A 99 10.37 -6.84 11.11
C GLY A 99 10.16 -6.45 9.67
N LEU A 100 9.61 -7.35 8.89
CA LEU A 100 9.34 -7.07 7.51
C LEU A 100 7.92 -6.54 7.39
N LEU A 101 7.72 -5.59 6.53
CA LEU A 101 6.43 -4.96 6.39
C LEU A 101 5.79 -5.31 5.07
N TYR A 102 4.49 -5.39 5.09
CA TYR A 102 3.71 -5.69 3.92
C TYR A 102 2.88 -4.48 3.58
N VAL A 103 2.61 -4.28 2.30
CA VAL A 103 1.90 -3.12 1.85
C VAL A 103 0.45 -3.47 1.46
N ARG A 104 -0.48 -2.65 1.90
CA ARG A 104 -1.86 -2.77 1.49
C ARG A 104 -2.15 -1.60 0.59
N LEU A 105 -2.87 -1.82 -0.46
CA LEU A 105 -3.18 -0.75 -1.37
C LEU A 105 -4.56 -0.20 -1.13
N VAL A 106 -4.74 1.06 -1.50
CA VAL A 106 -5.95 1.86 -1.30
C VAL A 106 -7.27 1.08 -1.52
N THR A 107 -8.16 1.24 -0.56
CA THR A 107 -9.45 0.64 -0.60
C THR A 107 -10.35 1.43 -1.58
N GLU A 108 -11.56 0.99 -1.74
CA GLU A 108 -12.47 1.56 -2.69
C GLU A 108 -13.83 1.68 -2.03
N PRO A 109 -14.76 2.45 -2.61
CA PRO A 109 -16.13 2.42 -2.15
C PRO A 109 -16.76 1.08 -2.59
N HIS A 110 -16.73 0.13 -1.70
CA HIS A 110 -17.22 -1.19 -2.01
C HIS A 110 -18.58 -1.42 -1.41
N GLY A 111 -19.51 -1.73 -2.25
CA GLY A 111 -20.86 -1.96 -1.84
C GLY A 111 -21.78 -1.84 -3.02
N ALA A 112 -22.42 -0.69 -3.12
CA ALA A 112 -23.37 -0.41 -4.19
C ALA A 112 -23.79 1.05 -4.11
N PRO A 113 -24.20 1.66 -5.23
CA PRO A 113 -24.79 3.02 -5.23
C PRO A 113 -26.08 2.99 -4.39
N ARG A 114 -26.13 3.85 -3.38
CA ARG A 114 -27.15 3.84 -2.35
C ARG A 114 -26.83 2.73 -1.38
N HIS A 115 -26.28 3.11 -0.28
CA HIS A 115 -25.92 2.20 0.77
C HIS A 115 -26.68 2.67 2.01
N PRO A 116 -27.26 1.74 2.81
CA PRO A 116 -28.09 2.09 3.98
C PRO A 116 -27.42 3.06 4.98
N VAL A 117 -26.38 2.61 5.64
CA VAL A 117 -25.68 3.42 6.61
C VAL A 117 -24.24 3.60 6.19
N GLN A 118 -23.79 4.86 6.20
CA GLN A 118 -22.48 5.28 5.69
C GLN A 118 -22.48 5.13 4.17
N GLU A 119 -22.31 6.25 3.48
CA GLU A 119 -22.50 6.38 2.02
C GLU A 119 -24.00 6.21 1.67
N PRO A 120 -24.91 6.99 2.33
CA PRO A 120 -26.33 6.81 2.19
C PRO A 120 -26.98 7.72 1.15
N VAL A 121 -28.18 7.32 0.75
CA VAL A 121 -29.06 8.04 -0.17
C VAL A 121 -28.59 8.01 -1.61
N GLU A 122 -27.50 8.61 -1.83
CA GLU A 122 -26.95 8.78 -3.18
C GLU A 122 -25.43 9.06 -3.08
N PRO A 123 -24.94 10.08 -2.27
CA PRO A 123 -23.51 10.33 -2.12
C PRO A 123 -22.76 9.09 -1.65
N GLY A 124 -21.61 8.84 -2.20
CA GLY A 124 -20.88 7.67 -1.84
C GLY A 124 -19.40 7.83 -2.03
N GLY A 125 -18.95 7.56 -3.22
CA GLY A 125 -17.57 7.67 -3.54
C GLY A 125 -17.37 7.85 -5.01
N LEU A 126 -16.51 8.75 -5.38
CA LEU A 126 -16.21 9.01 -6.75
C LEU A 126 -15.18 8.00 -7.23
N ALA A 127 -15.66 6.98 -7.86
CA ALA A 127 -14.82 5.96 -8.41
C ALA A 127 -14.82 6.12 -9.90
N PRO A 1 20.82 2.12 -1.63
CA PRO A 1 20.09 3.38 -1.73
C PRO A 1 18.77 3.15 -2.41
N TRP A 2 17.81 4.01 -2.12
CA TRP A 2 16.46 3.95 -2.65
C TRP A 2 15.76 5.24 -2.29
N SER A 3 14.67 5.57 -2.93
CA SER A 3 13.93 6.74 -2.56
C SER A 3 12.97 6.35 -1.45
N GLY A 4 13.47 6.36 -0.22
CA GLY A 4 12.69 5.97 0.90
C GLY A 4 12.96 6.81 2.14
N PRO A 5 12.24 6.55 3.24
CA PRO A 5 12.36 7.30 4.48
C PRO A 5 13.51 6.81 5.38
N GLU A 6 13.76 7.53 6.47
CA GLU A 6 14.86 7.22 7.38
C GLU A 6 14.51 6.06 8.30
N GLU A 7 13.23 5.89 8.54
CA GLU A 7 12.72 4.85 9.44
C GLU A 7 12.87 3.47 8.78
N LEU A 8 12.95 3.50 7.49
CA LEU A 8 12.96 2.33 6.68
C LEU A 8 14.36 1.98 6.19
N GLU A 9 14.58 0.71 5.90
CA GLU A 9 15.85 0.23 5.43
C GLU A 9 15.69 -0.81 4.31
N LEU A 10 16.49 -0.65 3.28
CA LEU A 10 16.59 -1.58 2.19
C LEU A 10 17.83 -2.40 2.49
N ALA A 11 17.66 -3.67 2.73
CA ALA A 11 18.75 -4.50 3.16
C ALA A 11 18.88 -5.69 2.26
N LEU A 12 20.10 -6.07 1.96
CA LEU A 12 20.32 -7.23 1.15
C LEU A 12 20.52 -8.41 2.06
N GLN A 13 19.58 -9.28 2.07
CA GLN A 13 19.65 -10.48 2.89
C GLN A 13 19.92 -11.63 1.96
N ASP A 14 21.14 -12.16 2.04
CA ASP A 14 21.60 -13.29 1.19
C ASP A 14 21.69 -12.81 -0.28
N GLY A 15 21.82 -11.50 -0.42
CA GLY A 15 21.90 -10.87 -1.72
C GLY A 15 20.55 -10.38 -2.21
N GLN A 16 19.50 -10.77 -1.51
CA GLN A 16 18.16 -10.44 -1.93
C GLN A 16 17.73 -9.11 -1.32
N ARG A 17 17.21 -8.23 -2.15
CA ARG A 17 16.76 -6.92 -1.70
C ARG A 17 15.47 -7.02 -0.89
N CYS A 18 15.61 -6.92 0.39
CA CYS A 18 14.52 -7.04 1.30
C CYS A 18 14.27 -5.69 1.96
N VAL A 19 13.06 -5.45 2.36
CA VAL A 19 12.72 -4.21 3.01
C VAL A 19 12.35 -4.48 4.45
N ARG A 20 12.92 -3.72 5.35
CA ARG A 20 12.63 -3.89 6.75
C ARG A 20 12.59 -2.54 7.42
N ALA A 21 11.94 -2.49 8.53
CA ALA A 21 11.87 -1.28 9.29
C ALA A 21 13.07 -1.24 10.21
N ARG A 22 13.97 -0.29 9.99
CA ARG A 22 15.14 -0.17 10.84
C ARG A 22 14.72 0.45 12.16
N LEU A 23 13.77 1.33 12.08
CA LEU A 23 13.19 1.93 13.26
C LEU A 23 11.81 1.35 13.43
N SER A 24 11.35 1.26 14.65
CA SER A 24 10.05 0.72 14.91
C SER A 24 8.96 1.67 14.41
N LEU A 25 8.10 1.15 13.58
CA LEU A 25 7.03 1.93 13.01
C LEU A 25 5.84 1.89 13.94
N THR A 26 5.52 3.02 14.49
CA THR A 26 4.46 3.13 15.43
C THR A 26 3.12 3.37 14.73
N GLU A 27 2.06 2.85 15.32
CA GLU A 27 0.73 2.99 14.77
C GLU A 27 0.30 4.46 14.80
N GLY A 28 -0.10 4.96 13.68
CA GLY A 28 -0.50 6.35 13.60
C GLY A 28 0.56 7.19 12.92
N LEU A 29 1.71 6.59 12.67
CA LEU A 29 2.77 7.27 11.97
C LEU A 29 2.48 7.25 10.50
N SER A 30 2.48 8.40 9.88
CA SER A 30 2.22 8.47 8.49
C SER A 30 3.33 9.28 7.83
N TRP A 31 3.65 8.97 6.61
CA TRP A 31 4.65 9.70 5.88
C TRP A 31 4.03 10.75 4.96
N GLY A 32 4.87 11.55 4.35
CA GLY A 32 4.41 12.60 3.47
C GLY A 32 3.90 12.06 2.14
N PRO A 33 3.20 12.88 1.36
CA PRO A 33 2.60 12.46 0.10
C PRO A 33 3.63 12.02 -0.97
N PHE A 34 3.39 10.88 -1.54
CA PHE A 34 4.18 10.32 -2.59
C PHE A 34 3.38 10.45 -3.86
N TYR A 35 3.95 10.11 -4.98
CA TYR A 35 3.24 10.18 -6.23
C TYR A 35 3.14 8.85 -6.91
N GLY A 36 1.97 8.60 -7.44
CA GLY A 36 1.71 7.39 -8.10
C GLY A 36 0.23 7.12 -8.14
N SER A 37 -0.12 5.99 -8.66
CA SER A 37 -1.50 5.61 -8.78
C SER A 37 -1.72 4.24 -8.14
N ILE A 38 -2.88 4.08 -7.52
CA ILE A 38 -3.25 2.87 -6.86
C ILE A 38 -3.92 1.96 -7.88
N GLN A 39 -3.70 0.70 -7.74
CA GLN A 39 -4.33 -0.27 -8.58
C GLN A 39 -5.76 -0.49 -8.12
N THR A 40 -6.67 -0.01 -8.88
CA THR A 40 -8.02 -0.17 -8.59
C THR A 40 -8.72 -0.57 -9.88
N ARG A 41 -9.65 -1.47 -9.77
CA ARG A 41 -10.39 -1.92 -10.90
C ARG A 41 -11.60 -1.02 -11.12
N ALA A 42 -11.39 -0.02 -11.94
CA ALA A 42 -12.41 0.96 -12.26
C ALA A 42 -13.08 0.61 -13.58
N LEU A 43 -12.75 -0.60 -14.01
CA LEU A 43 -13.31 -1.27 -15.19
C LEU A 43 -12.85 -0.62 -16.52
N SER A 44 -13.07 -1.33 -17.59
CA SER A 44 -12.79 -0.87 -18.90
C SER A 44 -14.09 -0.94 -19.69
N PRO A 45 -14.35 0.01 -20.59
CA PRO A 45 -15.57 0.00 -21.40
C PRO A 45 -15.48 -1.03 -22.53
N GLU A 46 -14.27 -1.48 -22.83
CA GLU A 46 -14.06 -2.42 -23.89
C GLU A 46 -13.62 -3.80 -23.36
N ARG A 47 -12.81 -3.79 -22.33
CA ARG A 47 -12.32 -5.02 -21.72
C ARG A 47 -13.06 -5.23 -20.40
N GLU A 48 -12.57 -6.11 -19.59
CA GLU A 48 -13.14 -6.33 -18.28
C GLU A 48 -12.24 -5.60 -17.26
N GLU A 49 -12.18 -6.09 -16.04
CA GLU A 49 -11.28 -5.52 -15.05
C GLU A 49 -9.84 -5.87 -15.46
N PRO A 50 -8.87 -4.96 -15.29
CA PRO A 50 -7.48 -5.22 -15.67
C PRO A 50 -6.82 -6.29 -14.79
N GLY A 51 -7.16 -6.29 -13.53
CA GLY A 51 -6.58 -7.24 -12.62
C GLY A 51 -5.19 -6.79 -12.22
N PRO A 52 -4.17 -7.61 -12.46
CA PRO A 52 -2.78 -7.26 -12.18
C PRO A 52 -2.20 -6.38 -13.29
N ALA A 53 -3.03 -6.10 -14.29
CA ALA A 53 -2.65 -5.26 -15.41
C ALA A 53 -2.61 -3.81 -14.97
N VAL A 54 -3.21 -3.55 -13.84
CA VAL A 54 -3.14 -2.28 -13.20
C VAL A 54 -2.41 -2.54 -11.88
N THR A 55 -1.43 -1.73 -11.59
CA THR A 55 -0.60 -1.94 -10.44
C THR A 55 -0.25 -0.58 -9.86
N LEU A 56 0.51 -0.56 -8.77
CA LEU A 56 0.98 0.69 -8.19
C LEU A 56 1.93 1.40 -9.14
N MET A 57 1.37 2.26 -9.93
CA MET A 57 2.10 2.98 -10.91
C MET A 57 2.80 4.13 -10.25
N VAL A 58 3.98 3.86 -9.78
CA VAL A 58 4.82 4.82 -9.11
C VAL A 58 6.10 4.93 -9.90
N ASP A 59 7.05 5.67 -9.41
CA ASP A 59 8.33 5.72 -10.08
C ASP A 59 9.19 4.55 -9.60
N GLU A 60 10.14 4.15 -10.41
CA GLU A 60 10.96 2.97 -10.13
C GLU A 60 11.86 3.10 -8.91
N SER A 61 12.15 4.31 -8.49
CA SER A 61 12.98 4.49 -7.33
C SER A 61 12.12 4.61 -6.06
N CYS A 62 10.80 4.68 -6.24
CA CYS A 62 9.88 4.83 -5.13
C CYS A 62 9.81 3.54 -4.32
N TRP A 63 10.07 3.66 -3.03
CA TRP A 63 10.15 2.51 -2.11
C TRP A 63 8.82 1.73 -2.00
N LEU A 64 7.72 2.38 -2.34
CA LEU A 64 6.38 1.79 -2.23
C LEU A 64 6.24 0.54 -3.11
N ARG A 65 6.92 0.53 -4.25
CA ARG A 65 6.83 -0.62 -5.16
C ARG A 65 7.83 -1.71 -4.77
N MET A 66 8.64 -1.42 -3.78
CA MET A 66 9.69 -2.33 -3.36
C MET A 66 9.22 -3.16 -2.18
N LEU A 67 8.03 -2.85 -1.71
CA LEU A 67 7.45 -3.52 -0.58
C LEU A 67 6.63 -4.72 -1.10
N PRO A 68 6.55 -5.82 -0.34
CA PRO A 68 5.78 -6.98 -0.75
C PRO A 68 4.28 -6.73 -0.59
N GLN A 69 3.56 -6.85 -1.68
CA GLN A 69 2.12 -6.64 -1.71
C GLN A 69 1.39 -7.82 -1.11
N VAL A 70 0.52 -7.54 -0.19
CA VAL A 70 -0.25 -8.55 0.46
C VAL A 70 -1.73 -8.28 0.25
N LEU A 71 -2.49 -9.34 0.15
CA LEU A 71 -3.93 -9.23 -0.06
C LEU A 71 -4.66 -9.38 1.27
N THR A 72 -3.92 -9.73 2.29
CA THR A 72 -4.46 -9.90 3.60
C THR A 72 -4.06 -8.73 4.49
N GLU A 73 -5.03 -8.24 5.23
CA GLU A 73 -4.86 -7.11 6.09
C GLU A 73 -4.02 -7.48 7.32
N GLU A 74 -4.09 -8.75 7.68
CA GLU A 74 -3.35 -9.33 8.79
C GLU A 74 -1.84 -9.22 8.56
N ALA A 75 -1.46 -9.16 7.31
CA ALA A 75 -0.06 -9.15 6.96
C ALA A 75 0.45 -7.73 6.86
N ALA A 76 -0.39 -6.89 6.31
CA ALA A 76 -0.05 -5.51 6.10
C ALA A 76 0.10 -4.77 7.40
N ASN A 77 1.13 -4.00 7.47
CA ASN A 77 1.39 -3.15 8.61
C ASN A 77 1.54 -1.70 8.20
N SER A 78 1.64 -1.46 6.91
CA SER A 78 1.68 -0.14 6.37
C SER A 78 0.88 -0.10 5.07
N GLU A 79 -0.08 0.79 5.00
CA GLU A 79 -0.91 0.90 3.82
C GLU A 79 -0.59 2.15 3.04
N ILE A 80 -0.69 2.03 1.74
CA ILE A 80 -0.53 3.11 0.82
C ILE A 80 -1.88 3.40 0.20
N TYR A 81 -2.34 4.58 0.40
CA TYR A 81 -3.64 4.97 -0.04
C TYR A 81 -3.59 6.32 -0.68
N ARG A 82 -4.52 6.57 -1.55
CA ARG A 82 -4.60 7.85 -2.19
C ARG A 82 -5.45 8.80 -1.35
N LYS A 83 -4.87 9.91 -1.02
CA LYS A 83 -5.53 10.88 -0.21
C LYS A 83 -5.32 12.21 -0.86
N ASP A 84 -6.32 12.58 -1.59
CA ASP A 84 -6.39 13.83 -2.33
C ASP A 84 -5.24 13.98 -3.32
N ASP A 85 -5.32 13.19 -4.40
CA ASP A 85 -4.42 13.27 -5.58
C ASP A 85 -2.99 12.73 -5.33
N ALA A 86 -2.69 12.38 -4.11
CA ALA A 86 -1.37 11.91 -3.77
C ALA A 86 -1.46 10.62 -2.99
N LEU A 87 -0.36 9.93 -2.90
CA LEU A 87 -0.32 8.69 -2.15
C LEU A 87 0.24 8.96 -0.79
N TRP A 88 -0.38 8.44 0.18
CA TRP A 88 0.05 8.59 1.54
C TRP A 88 0.22 7.21 2.12
N CYS A 89 1.08 7.09 3.08
CA CYS A 89 1.29 5.83 3.72
C CYS A 89 1.19 6.00 5.20
N ARG A 90 0.39 5.18 5.83
CA ARG A 90 0.22 5.24 7.25
C ARG A 90 0.55 3.88 7.83
N VAL A 91 1.09 3.88 9.01
CA VAL A 91 1.39 2.67 9.72
C VAL A 91 0.18 2.30 10.56
N THR A 92 -0.42 1.19 10.25
CA THR A 92 -1.63 0.75 10.90
C THR A 92 -1.30 -0.05 12.16
N LYS A 93 -0.38 -0.98 12.02
CA LYS A 93 0.02 -1.84 13.12
C LYS A 93 1.50 -1.71 13.34
N VAL A 94 1.90 -1.79 14.58
CA VAL A 94 3.27 -1.58 14.98
C VAL A 94 4.18 -2.74 14.54
N VAL A 95 5.16 -2.41 13.75
CA VAL A 95 6.18 -3.34 13.36
C VAL A 95 7.52 -2.86 13.95
N PRO A 96 8.16 -3.68 14.78
CA PRO A 96 9.39 -3.29 15.47
C PRO A 96 10.61 -3.24 14.54
N SER A 97 11.64 -2.56 15.01
CA SER A 97 12.89 -2.44 14.34
C SER A 97 13.48 -3.83 14.04
N GLY A 98 13.57 -4.16 12.79
CA GLY A 98 14.08 -5.45 12.39
C GLY A 98 13.01 -6.28 11.72
N GLY A 99 11.77 -5.86 11.86
CA GLY A 99 10.67 -6.58 11.26
C GLY A 99 10.46 -6.18 9.83
N LEU A 100 9.80 -7.03 9.08
CA LEU A 100 9.54 -6.77 7.69
C LEU A 100 8.18 -6.11 7.54
N LEU A 101 8.02 -5.30 6.54
CA LEU A 101 6.79 -4.62 6.34
C LEU A 101 6.16 -5.10 5.07
N TYR A 102 4.87 -5.01 5.01
CA TYR A 102 4.12 -5.45 3.86
C TYR A 102 3.20 -4.34 3.44
N VAL A 103 3.03 -4.15 2.14
CA VAL A 103 2.26 -3.05 1.64
C VAL A 103 0.82 -3.45 1.32
N ARG A 104 -0.09 -2.68 1.87
CA ARG A 104 -1.49 -2.80 1.60
C ARG A 104 -1.88 -1.61 0.78
N LEU A 105 -2.53 -1.81 -0.31
CA LEU A 105 -2.98 -0.70 -1.08
C LEU A 105 -4.45 -0.48 -0.76
N VAL A 106 -4.89 0.77 -0.82
CA VAL A 106 -6.28 1.10 -0.54
C VAL A 106 -7.22 0.30 -1.44
N THR A 107 -8.06 -0.47 -0.82
CA THR A 107 -8.97 -1.29 -1.51
C THR A 107 -10.21 -0.47 -1.86
N GLU A 108 -10.79 -0.75 -3.02
CA GLU A 108 -11.97 -0.06 -3.55
C GLU A 108 -13.11 0.02 -2.50
N PRO A 109 -13.83 1.17 -2.41
CA PRO A 109 -14.90 1.36 -1.42
C PRO A 109 -16.06 0.38 -1.62
N HIS A 110 -15.98 -0.72 -0.91
CA HIS A 110 -16.96 -1.77 -0.96
C HIS A 110 -18.16 -1.36 -0.09
N GLY A 111 -17.86 -0.54 0.90
CA GLY A 111 -18.88 -0.06 1.81
C GLY A 111 -18.74 -0.74 3.15
N ALA A 112 -17.82 -1.67 3.19
CA ALA A 112 -17.55 -2.46 4.36
C ALA A 112 -16.32 -1.91 5.05
N PRO A 113 -16.48 -1.32 6.24
CA PRO A 113 -15.34 -0.79 7.00
C PRO A 113 -14.54 -1.91 7.70
N ARG A 114 -15.18 -3.10 7.78
CA ARG A 114 -14.64 -4.31 8.41
C ARG A 114 -14.57 -4.15 9.92
N HIS A 115 -13.68 -3.32 10.37
CA HIS A 115 -13.53 -2.99 11.75
C HIS A 115 -14.47 -1.82 12.02
N PRO A 116 -15.28 -1.87 13.10
CA PRO A 116 -16.18 -0.79 13.46
C PRO A 116 -15.45 0.55 13.64
N VAL A 117 -15.50 1.38 12.61
CA VAL A 117 -14.87 2.68 12.62
C VAL A 117 -15.87 3.75 12.20
N GLN A 118 -17.15 3.42 12.29
CA GLN A 118 -18.21 4.34 11.94
C GLN A 118 -18.22 5.46 12.96
N GLU A 119 -18.32 5.09 14.21
CA GLU A 119 -18.12 6.04 15.26
C GLU A 119 -16.61 6.11 15.49
N PRO A 120 -16.01 7.28 15.42
CA PRO A 120 -14.56 7.39 15.50
C PRO A 120 -14.01 7.05 16.88
N VAL A 121 -13.25 6.00 16.94
CA VAL A 121 -12.58 5.58 18.15
C VAL A 121 -11.09 5.45 17.87
N GLU A 122 -10.75 5.75 16.65
CA GLU A 122 -9.40 5.63 16.14
C GLU A 122 -8.90 7.01 15.81
N PRO A 123 -7.65 7.35 16.21
CA PRO A 123 -7.07 8.64 15.92
C PRO A 123 -6.93 8.86 14.42
N GLY A 124 -7.79 9.67 13.87
CA GLY A 124 -7.76 9.96 12.46
C GLY A 124 -8.61 8.98 11.67
N GLY A 125 -8.38 7.71 11.89
CA GLY A 125 -9.15 6.66 11.23
C GLY A 125 -8.60 6.34 9.86
N LEU A 126 -8.56 7.33 9.01
CA LEU A 126 -8.00 7.19 7.68
C LEU A 126 -6.63 7.82 7.63
N ALA A 127 -6.45 8.83 8.47
CA ALA A 127 -5.24 9.57 8.62
C ALA A 127 -5.43 10.44 9.83
N PRO A 1 22.50 3.37 -2.61
CA PRO A 1 21.43 3.36 -1.65
C PRO A 1 20.12 3.31 -2.37
N TRP A 2 19.04 3.34 -1.64
CA TRP A 2 17.72 3.31 -2.22
C TRP A 2 17.02 4.61 -1.87
N SER A 3 16.10 5.00 -2.69
CA SER A 3 15.35 6.22 -2.53
C SER A 3 14.20 6.06 -1.51
N GLY A 4 14.47 5.28 -0.49
CA GLY A 4 13.52 5.05 0.54
C GLY A 4 13.92 5.74 1.83
N PRO A 5 12.94 6.08 2.68
CA PRO A 5 13.16 6.78 3.95
C PRO A 5 14.15 6.07 4.89
N GLU A 6 14.79 6.85 5.72
CA GLU A 6 15.85 6.39 6.61
C GLU A 6 15.30 5.72 7.86
N GLU A 7 13.98 5.66 7.95
CA GLU A 7 13.32 4.96 9.02
C GLU A 7 13.29 3.46 8.65
N LEU A 8 13.61 3.22 7.40
CA LEU A 8 13.56 1.93 6.77
C LEU A 8 14.95 1.56 6.23
N GLU A 9 15.17 0.27 6.00
CA GLU A 9 16.41 -0.21 5.41
C GLU A 9 16.14 -1.15 4.27
N LEU A 10 16.91 -1.01 3.23
CA LEU A 10 16.94 -1.99 2.18
C LEU A 10 18.17 -2.82 2.50
N ALA A 11 17.95 -3.89 3.18
CA ALA A 11 19.01 -4.67 3.70
C ALA A 11 19.20 -5.89 2.88
N LEU A 12 20.42 -6.13 2.51
CA LEU A 12 20.74 -7.29 1.78
C LEU A 12 21.34 -8.29 2.72
N GLN A 13 20.64 -9.36 2.91
CA GLN A 13 21.09 -10.42 3.75
C GLN A 13 21.03 -11.67 2.94
N ASP A 14 22.18 -12.27 2.66
CA ASP A 14 22.29 -13.53 1.89
C ASP A 14 21.98 -13.27 0.39
N GLY A 15 21.94 -12.00 0.04
CA GLY A 15 21.61 -11.61 -1.31
C GLY A 15 20.13 -11.38 -1.46
N GLN A 16 19.42 -11.48 -0.36
CA GLN A 16 18.00 -11.33 -0.35
C GLN A 16 17.67 -9.90 -0.01
N ARG A 17 17.00 -9.25 -0.92
CA ARG A 17 16.58 -7.88 -0.77
C ARG A 17 15.42 -7.79 0.22
N CYS A 18 15.71 -7.33 1.40
CA CYS A 18 14.74 -7.26 2.45
C CYS A 18 14.50 -5.82 2.86
N VAL A 19 13.26 -5.38 2.77
CA VAL A 19 12.90 -4.05 3.22
C VAL A 19 12.47 -4.19 4.65
N ARG A 20 13.30 -3.73 5.54
CA ARG A 20 13.05 -3.89 6.95
C ARG A 20 12.95 -2.57 7.64
N ALA A 21 12.33 -2.60 8.78
CA ALA A 21 12.18 -1.44 9.60
C ALA A 21 13.44 -1.24 10.41
N ARG A 22 14.01 -0.06 10.32
CA ARG A 22 15.18 0.29 11.10
C ARG A 22 14.69 0.69 12.46
N LEU A 23 13.71 1.53 12.44
CA LEU A 23 13.07 1.98 13.63
C LEU A 23 11.70 1.39 13.61
N SER A 24 11.09 1.27 14.73
CA SER A 24 9.82 0.65 14.81
C SER A 24 8.76 1.62 14.32
N LEU A 25 8.17 1.30 13.19
CA LEU A 25 7.08 2.06 12.64
C LEU A 25 5.87 1.78 13.47
N THR A 26 5.45 2.76 14.21
CA THR A 26 4.34 2.61 15.06
C THR A 26 3.17 3.41 14.51
N GLU A 27 2.01 3.16 15.04
CA GLU A 27 0.81 3.83 14.63
C GLU A 27 0.92 5.31 14.93
N GLY A 28 0.58 6.10 13.96
CA GLY A 28 0.60 7.53 14.14
C GLY A 28 1.52 8.14 13.15
N LEU A 29 2.54 7.40 12.80
CA LEU A 29 3.49 7.85 11.85
C LEU A 29 2.98 7.53 10.48
N SER A 30 3.03 8.49 9.63
CA SER A 30 2.67 8.32 8.28
C SER A 30 3.57 9.23 7.46
N TRP A 31 3.78 8.89 6.24
CA TRP A 31 4.62 9.71 5.39
C TRP A 31 3.79 10.73 4.65
N GLY A 32 4.45 11.63 3.98
CA GLY A 32 3.77 12.66 3.24
C GLY A 32 3.22 12.15 1.94
N PRO A 33 2.38 12.94 1.25
CA PRO A 33 1.75 12.55 0.00
C PRO A 33 2.77 12.17 -1.09
N PHE A 34 2.65 10.98 -1.60
CA PHE A 34 3.51 10.50 -2.66
C PHE A 34 2.87 10.80 -3.98
N TYR A 35 3.68 11.05 -4.97
CA TYR A 35 3.16 11.42 -6.25
C TYR A 35 3.24 10.30 -7.26
N GLY A 36 2.14 9.63 -7.34
CA GLY A 36 1.91 8.53 -8.21
C GLY A 36 0.44 8.23 -8.14
N SER A 37 0.03 7.03 -8.42
CA SER A 37 -1.37 6.66 -8.32
C SER A 37 -1.54 5.18 -8.01
N ILE A 38 -2.71 4.81 -7.60
CA ILE A 38 -3.08 3.44 -7.37
C ILE A 38 -4.30 3.17 -8.22
N GLN A 39 -4.20 2.21 -9.09
CA GLN A 39 -5.27 1.92 -9.99
C GLN A 39 -5.77 0.50 -9.83
N THR A 40 -7.04 0.34 -9.96
CA THR A 40 -7.61 -0.93 -9.81
C THR A 40 -7.77 -1.63 -11.15
N ARG A 41 -6.70 -2.31 -11.51
CA ARG A 41 -6.56 -3.06 -12.76
C ARG A 41 -6.55 -2.11 -13.98
N ALA A 42 -5.48 -1.35 -14.10
CA ALA A 42 -5.26 -0.46 -15.23
C ALA A 42 -3.80 -0.53 -15.64
N LEU A 43 -3.19 -1.64 -15.29
CA LEU A 43 -1.79 -1.89 -15.60
C LEU A 43 -1.56 -3.36 -15.76
N SER A 44 -1.95 -4.06 -14.77
CA SER A 44 -1.88 -5.51 -14.74
C SER A 44 -3.13 -6.08 -15.44
N PRO A 45 -3.00 -6.64 -16.65
CA PRO A 45 -4.15 -7.07 -17.44
C PRO A 45 -4.54 -8.57 -17.36
N GLU A 46 -3.62 -9.47 -17.71
CA GLU A 46 -3.98 -10.88 -17.96
C GLU A 46 -3.93 -11.80 -16.74
N ARG A 47 -3.77 -11.21 -15.56
CA ARG A 47 -3.66 -11.98 -14.32
C ARG A 47 -2.48 -12.96 -14.37
N GLU A 48 -1.31 -12.42 -14.54
CA GLU A 48 -0.10 -13.19 -14.47
C GLU A 48 0.47 -12.89 -13.09
N GLU A 49 0.02 -11.77 -12.60
CA GLU A 49 0.33 -11.23 -11.31
C GLU A 49 -0.40 -12.07 -10.24
N PRO A 50 0.03 -12.00 -8.96
CA PRO A 50 -0.58 -12.73 -7.85
C PRO A 50 -2.12 -12.62 -7.83
N GLY A 51 -2.60 -11.42 -7.96
CA GLY A 51 -4.02 -11.17 -7.98
C GLY A 51 -4.25 -9.72 -8.27
N PRO A 52 -4.25 -9.33 -9.55
CA PRO A 52 -4.38 -7.95 -9.94
C PRO A 52 -5.81 -7.42 -9.84
N ALA A 53 -6.19 -7.09 -8.65
CA ALA A 53 -7.42 -6.40 -8.41
C ALA A 53 -7.10 -4.94 -8.22
N VAL A 54 -5.90 -4.70 -7.74
CA VAL A 54 -5.38 -3.41 -7.51
C VAL A 54 -3.88 -3.43 -7.78
N THR A 55 -3.39 -2.39 -8.40
CA THR A 55 -2.01 -2.27 -8.72
C THR A 55 -1.57 -0.82 -8.49
N LEU A 56 -0.37 -0.62 -8.04
CA LEU A 56 0.12 0.72 -7.88
C LEU A 56 0.80 1.19 -9.15
N MET A 57 0.72 2.45 -9.41
CA MET A 57 1.36 3.05 -10.49
C MET A 57 2.24 4.14 -9.93
N VAL A 58 3.42 3.75 -9.57
CA VAL A 58 4.38 4.65 -9.00
C VAL A 58 5.67 4.51 -9.74
N ASP A 59 6.56 5.43 -9.50
CA ASP A 59 7.84 5.47 -10.15
C ASP A 59 8.71 4.31 -9.64
N GLU A 60 9.67 3.91 -10.43
CA GLU A 60 10.61 2.87 -10.06
C GLU A 60 11.45 3.33 -8.86
N SER A 61 11.66 4.63 -8.74
CA SER A 61 12.40 5.23 -7.66
C SER A 61 11.52 5.29 -6.39
N CYS A 62 10.23 5.05 -6.54
CA CYS A 62 9.33 5.09 -5.43
C CYS A 62 9.43 3.79 -4.64
N TRP A 63 9.82 3.94 -3.39
CA TRP A 63 10.08 2.82 -2.49
C TRP A 63 8.83 1.99 -2.19
N LEU A 64 7.64 2.56 -2.40
CA LEU A 64 6.36 1.90 -2.08
C LEU A 64 6.19 0.57 -2.81
N ARG A 65 6.76 0.48 -4.01
CA ARG A 65 6.65 -0.74 -4.79
C ARG A 65 7.76 -1.73 -4.45
N MET A 66 8.67 -1.31 -3.60
CA MET A 66 9.81 -2.14 -3.24
C MET A 66 9.48 -3.00 -2.02
N LEU A 67 8.36 -2.71 -1.40
CA LEU A 67 7.89 -3.45 -0.26
C LEU A 67 7.06 -4.63 -0.75
N PRO A 68 7.04 -5.75 0.00
CA PRO A 68 6.21 -6.90 -0.35
C PRO A 68 4.73 -6.50 -0.38
N GLN A 69 4.12 -6.65 -1.53
CA GLN A 69 2.76 -6.23 -1.74
C GLN A 69 1.79 -7.27 -1.25
N VAL A 70 0.91 -6.86 -0.39
CA VAL A 70 -0.10 -7.73 0.14
C VAL A 70 -1.47 -7.13 -0.11
N LEU A 71 -2.43 -7.98 -0.30
CA LEU A 71 -3.79 -7.55 -0.58
C LEU A 71 -4.69 -7.87 0.60
N THR A 72 -4.08 -8.43 1.62
CA THR A 72 -4.76 -8.84 2.81
C THR A 72 -4.80 -7.73 3.87
N GLU A 73 -5.50 -8.02 4.95
CA GLU A 73 -5.70 -7.07 6.00
C GLU A 73 -4.68 -7.25 7.14
N GLU A 74 -4.57 -8.47 7.66
CA GLU A 74 -3.69 -8.74 8.79
C GLU A 74 -2.23 -8.68 8.42
N ALA A 75 -1.89 -9.18 7.24
CA ALA A 75 -0.50 -9.22 6.81
C ALA A 75 0.07 -7.82 6.60
N ALA A 76 -0.79 -6.88 6.29
CA ALA A 76 -0.36 -5.54 6.03
C ALA A 76 -0.20 -4.77 7.31
N ASN A 77 0.98 -4.29 7.51
CA ASN A 77 1.30 -3.45 8.64
C ASN A 77 1.47 -2.00 8.21
N SER A 78 1.43 -1.77 6.91
CA SER A 78 1.46 -0.45 6.33
C SER A 78 0.66 -0.49 5.02
N GLU A 79 -0.09 0.55 4.73
CA GLU A 79 -0.89 0.56 3.52
C GLU A 79 -0.80 1.89 2.83
N ILE A 80 -1.03 1.89 1.53
CA ILE A 80 -1.03 3.09 0.74
C ILE A 80 -2.44 3.31 0.27
N TYR A 81 -2.95 4.48 0.46
CA TYR A 81 -4.27 4.80 0.03
C TYR A 81 -4.28 6.20 -0.54
N ARG A 82 -5.30 6.53 -1.27
CA ARG A 82 -5.40 7.85 -1.81
C ARG A 82 -6.30 8.70 -0.96
N LYS A 83 -5.86 9.88 -0.79
CA LYS A 83 -6.55 10.90 -0.03
C LYS A 83 -6.25 12.20 -0.72
N ASP A 84 -7.29 12.79 -1.27
CA ASP A 84 -7.24 14.05 -2.06
C ASP A 84 -6.47 13.79 -3.37
N ASP A 85 -6.50 12.51 -3.79
CA ASP A 85 -5.81 11.97 -5.00
C ASP A 85 -4.31 11.86 -4.81
N ALA A 86 -3.88 12.08 -3.60
CA ALA A 86 -2.49 11.94 -3.25
C ALA A 86 -2.33 10.62 -2.51
N LEU A 87 -1.17 10.02 -2.59
CA LEU A 87 -0.96 8.74 -1.93
C LEU A 87 -0.36 8.94 -0.57
N TRP A 88 -0.94 8.32 0.39
CA TRP A 88 -0.47 8.42 1.75
C TRP A 88 -0.13 7.03 2.28
N CYS A 89 0.93 6.93 3.03
CA CYS A 89 1.33 5.68 3.63
C CYS A 89 1.08 5.75 5.12
N ARG A 90 0.25 4.86 5.61
CA ARG A 90 -0.09 4.84 7.01
C ARG A 90 0.35 3.53 7.62
N VAL A 91 0.69 3.56 8.88
CA VAL A 91 1.12 2.36 9.59
C VAL A 91 -0.08 1.78 10.35
N THR A 92 -0.43 0.55 10.04
CA THR A 92 -1.56 -0.09 10.66
C THR A 92 -1.14 -0.97 11.85
N LYS A 93 0.05 -1.55 11.74
CA LYS A 93 0.58 -2.39 12.79
C LYS A 93 2.00 -2.00 13.10
N VAL A 94 2.39 -2.16 14.34
CA VAL A 94 3.70 -1.76 14.80
C VAL A 94 4.74 -2.78 14.42
N VAL A 95 5.49 -2.49 13.40
CA VAL A 95 6.56 -3.34 12.96
C VAL A 95 7.87 -2.95 13.68
N PRO A 96 8.54 -3.92 14.32
CA PRO A 96 9.74 -3.65 15.10
C PRO A 96 11.00 -3.58 14.24
N SER A 97 12.09 -3.16 14.87
CA SER A 97 13.38 -3.05 14.22
C SER A 97 13.82 -4.45 13.73
N GLY A 98 14.18 -4.53 12.47
CA GLY A 98 14.60 -5.78 11.90
C GLY A 98 13.43 -6.56 11.37
N GLY A 99 12.25 -6.01 11.50
CA GLY A 99 11.06 -6.64 11.01
C GLY A 99 10.74 -6.19 9.62
N LEU A 100 9.99 -6.96 8.90
CA LEU A 100 9.64 -6.65 7.55
C LEU A 100 8.24 -6.08 7.49
N LEU A 101 8.03 -5.19 6.59
CA LEU A 101 6.77 -4.55 6.46
C LEU A 101 6.16 -4.92 5.13
N TYR A 102 4.86 -4.93 5.08
CA TYR A 102 4.13 -5.35 3.92
C TYR A 102 3.22 -4.23 3.51
N VAL A 103 3.22 -3.92 2.23
CA VAL A 103 2.47 -2.79 1.73
C VAL A 103 1.10 -3.23 1.16
N ARG A 104 0.04 -2.66 1.69
CA ARG A 104 -1.30 -2.92 1.20
C ARG A 104 -1.72 -1.81 0.26
N LEU A 105 -2.39 -2.19 -0.79
CA LEU A 105 -2.89 -1.24 -1.73
C LEU A 105 -4.39 -1.13 -1.59
N VAL A 106 -4.88 0.07 -1.41
CA VAL A 106 -6.30 0.31 -1.24
C VAL A 106 -7.09 -0.06 -2.51
N THR A 107 -8.15 -0.76 -2.32
CA THR A 107 -9.06 -1.08 -3.37
C THR A 107 -10.37 -0.40 -3.01
N GLU A 108 -11.07 0.16 -3.97
CA GLU A 108 -12.29 0.85 -3.64
C GLU A 108 -13.44 -0.13 -3.56
N PRO A 109 -14.31 -0.03 -2.53
CA PRO A 109 -15.47 -0.91 -2.37
C PRO A 109 -16.63 -0.46 -3.28
N HIS A 110 -16.28 0.05 -4.47
CA HIS A 110 -17.18 0.61 -5.48
C HIS A 110 -17.80 1.91 -4.97
N GLY A 111 -18.60 1.80 -3.96
CA GLY A 111 -19.24 2.90 -3.35
C GLY A 111 -20.13 2.41 -2.27
N ALA A 112 -19.99 2.96 -1.08
CA ALA A 112 -20.82 2.57 0.05
C ALA A 112 -22.30 2.93 -0.19
N PRO A 113 -22.63 4.21 -0.60
CA PRO A 113 -23.95 4.56 -1.04
C PRO A 113 -23.92 4.58 -2.59
N ARG A 114 -24.62 5.51 -3.23
CA ARG A 114 -24.51 5.62 -4.68
C ARG A 114 -23.11 6.07 -5.06
N HIS A 115 -22.76 7.26 -4.64
CA HIS A 115 -21.44 7.77 -4.88
C HIS A 115 -20.74 7.99 -3.54
N PRO A 116 -19.49 7.57 -3.39
CA PRO A 116 -18.75 7.78 -2.16
C PRO A 116 -18.23 9.22 -2.09
N VAL A 117 -19.07 10.10 -1.54
CA VAL A 117 -18.89 11.57 -1.49
C VAL A 117 -18.70 12.17 -2.90
N GLN A 118 -18.71 13.46 -3.02
CA GLN A 118 -18.58 14.03 -4.33
C GLN A 118 -17.69 15.23 -4.33
N GLU A 119 -18.17 16.28 -3.74
CA GLU A 119 -17.43 17.50 -3.73
C GLU A 119 -17.19 17.97 -2.28
N PRO A 120 -18.24 18.12 -1.42
CA PRO A 120 -18.03 18.47 -0.03
C PRO A 120 -17.94 17.22 0.85
N VAL A 121 -17.33 17.38 2.02
CA VAL A 121 -17.18 16.35 3.03
C VAL A 121 -16.18 15.25 2.62
N GLU A 122 -15.09 15.16 3.36
CA GLU A 122 -14.10 14.13 3.14
C GLU A 122 -14.24 12.99 4.17
N PRO A 123 -14.26 13.26 5.53
CA PRO A 123 -14.45 12.21 6.50
C PRO A 123 -15.94 11.94 6.73
N GLY A 124 -16.35 10.71 6.56
CA GLY A 124 -17.74 10.39 6.72
C GLY A 124 -18.45 10.38 5.39
N GLY A 125 -18.56 9.22 4.82
CA GLY A 125 -19.21 9.05 3.56
C GLY A 125 -18.88 7.70 3.00
N LEU A 126 -17.63 7.52 2.69
CA LEU A 126 -17.11 6.23 2.28
C LEU A 126 -16.34 5.67 3.45
N ALA A 127 -15.61 6.54 4.08
CA ALA A 127 -14.80 6.25 5.22
C ALA A 127 -14.98 7.38 6.21
N PRO A 1 20.79 6.16 -1.11
CA PRO A 1 20.84 4.75 -1.42
C PRO A 1 19.57 4.37 -2.16
N TRP A 2 18.48 4.38 -1.46
CA TRP A 2 17.18 4.13 -2.01
C TRP A 2 16.36 5.34 -1.67
N SER A 3 15.35 5.63 -2.42
CA SER A 3 14.50 6.74 -2.09
C SER A 3 13.40 6.27 -1.15
N GLY A 4 13.70 6.30 0.12
CA GLY A 4 12.80 5.89 1.13
C GLY A 4 13.10 6.62 2.41
N PRO A 5 12.33 6.37 3.46
CA PRO A 5 12.47 7.07 4.75
C PRO A 5 13.63 6.54 5.58
N GLU A 6 14.07 7.35 6.55
CA GLU A 6 15.24 7.00 7.40
C GLU A 6 14.83 6.06 8.53
N GLU A 7 13.55 5.84 8.67
CA GLU A 7 13.00 4.95 9.66
C GLU A 7 13.16 3.53 9.13
N LEU A 8 13.23 3.46 7.84
CA LEU A 8 13.30 2.25 7.09
C LEU A 8 14.69 2.06 6.52
N GLU A 9 14.99 0.86 6.13
CA GLU A 9 16.26 0.53 5.53
C GLU A 9 16.05 -0.47 4.41
N LEU A 10 16.72 -0.24 3.32
CA LEU A 10 16.75 -1.18 2.25
C LEU A 10 17.93 -2.07 2.54
N ALA A 11 17.66 -3.24 3.00
CA ALA A 11 18.67 -4.15 3.39
C ALA A 11 18.79 -5.21 2.35
N LEU A 12 19.95 -5.79 2.24
CA LEU A 12 20.15 -6.84 1.29
C LEU A 12 20.45 -8.12 2.03
N GLN A 13 19.55 -9.06 1.95
CA GLN A 13 19.71 -10.33 2.59
C GLN A 13 20.05 -11.34 1.54
N ASP A 14 21.32 -11.71 1.50
CA ASP A 14 21.88 -12.70 0.55
C ASP A 14 21.80 -12.19 -0.88
N GLY A 15 21.63 -10.90 -1.04
CA GLY A 15 21.53 -10.31 -2.35
C GLY A 15 20.12 -9.90 -2.71
N GLN A 16 19.16 -10.26 -1.90
CA GLN A 16 17.77 -9.93 -2.17
C GLN A 16 17.42 -8.67 -1.41
N ARG A 17 16.61 -7.81 -2.01
CA ARG A 17 16.19 -6.59 -1.36
C ARG A 17 15.16 -6.89 -0.29
N CYS A 18 15.35 -6.32 0.85
CA CYS A 18 14.43 -6.46 1.93
C CYS A 18 14.26 -5.12 2.60
N VAL A 19 13.06 -4.62 2.64
CA VAL A 19 12.81 -3.37 3.30
C VAL A 19 12.53 -3.65 4.76
N ARG A 20 13.48 -3.34 5.58
CA ARG A 20 13.39 -3.59 6.98
C ARG A 20 13.23 -2.30 7.73
N ALA A 21 12.68 -2.38 8.89
CA ALA A 21 12.50 -1.20 9.72
C ALA A 21 13.63 -1.12 10.75
N ARG A 22 14.37 -0.02 10.74
CA ARG A 22 15.41 0.20 11.74
C ARG A 22 14.75 0.61 13.02
N LEU A 23 13.84 1.53 12.89
CA LEU A 23 13.08 2.00 13.98
C LEU A 23 11.75 1.35 13.90
N SER A 24 11.21 0.94 15.01
CA SER A 24 9.91 0.37 15.01
C SER A 24 8.93 1.50 14.72
N LEU A 25 8.11 1.30 13.73
CA LEU A 25 7.20 2.32 13.29
C LEU A 25 6.09 2.56 14.31
N THR A 26 5.68 3.78 14.39
CA THR A 26 4.68 4.17 15.32
C THR A 26 3.29 4.13 14.69
N GLU A 27 2.29 3.89 15.49
CA GLU A 27 0.93 3.85 15.02
C GLU A 27 0.49 5.25 14.66
N GLY A 28 0.05 5.42 13.45
CA GLY A 28 -0.39 6.71 13.01
C GLY A 28 0.67 7.43 12.22
N LEU A 29 1.87 6.87 12.18
CA LEU A 29 2.96 7.44 11.41
C LEU A 29 2.59 7.39 9.95
N SER A 30 2.57 8.51 9.33
CA SER A 30 2.28 8.55 7.94
C SER A 30 3.31 9.40 7.25
N TRP A 31 3.75 8.97 6.13
CA TRP A 31 4.70 9.73 5.36
C TRP A 31 3.97 10.63 4.39
N GLY A 32 4.69 11.55 3.78
CA GLY A 32 4.10 12.50 2.86
C GLY A 32 3.57 11.88 1.57
N PRO A 33 3.02 12.70 0.67
CA PRO A 33 2.41 12.24 -0.56
C PRO A 33 3.44 11.82 -1.60
N PHE A 34 3.18 10.74 -2.27
CA PHE A 34 4.04 10.24 -3.31
C PHE A 34 3.28 10.33 -4.64
N TYR A 35 4.01 10.53 -5.71
CA TYR A 35 3.40 10.59 -7.02
C TYR A 35 3.33 9.21 -7.63
N GLY A 36 2.20 8.58 -7.54
CA GLY A 36 2.04 7.31 -8.16
C GLY A 36 0.61 7.04 -8.49
N SER A 37 0.26 5.80 -8.53
CA SER A 37 -1.08 5.37 -8.79
C SER A 37 -1.29 4.05 -8.07
N ILE A 38 -2.41 3.93 -7.38
CA ILE A 38 -2.73 2.72 -6.70
C ILE A 38 -3.39 1.79 -7.69
N GLN A 39 -2.97 0.56 -7.69
CA GLN A 39 -3.41 -0.39 -8.68
C GLN A 39 -4.86 -0.83 -8.46
N THR A 40 -5.73 -0.20 -9.19
CA THR A 40 -7.12 -0.51 -9.16
C THR A 40 -7.49 -1.32 -10.41
N ARG A 41 -7.48 -2.62 -10.25
CA ARG A 41 -7.81 -3.48 -11.36
C ARG A 41 -9.31 -3.61 -11.50
N ALA A 42 -9.80 -3.27 -12.65
CA ALA A 42 -11.25 -3.27 -12.93
C ALA A 42 -11.65 -4.57 -13.62
N LEU A 43 -10.91 -5.61 -13.36
CA LEU A 43 -11.18 -6.92 -13.88
C LEU A 43 -11.28 -7.87 -12.72
N SER A 44 -11.60 -9.08 -13.02
CA SER A 44 -11.67 -10.11 -12.02
C SER A 44 -10.42 -10.96 -12.20
N PRO A 45 -9.74 -11.38 -11.11
CA PRO A 45 -8.53 -12.23 -11.22
C PRO A 45 -8.87 -13.62 -11.78
N GLU A 46 -10.15 -13.90 -11.87
CA GLU A 46 -10.63 -15.13 -12.43
C GLU A 46 -10.83 -14.98 -13.95
N ARG A 47 -10.96 -13.77 -14.40
CA ARG A 47 -11.32 -13.49 -15.77
C ARG A 47 -10.27 -12.73 -16.51
N GLU A 48 -9.92 -13.22 -17.69
CA GLU A 48 -9.07 -12.52 -18.66
C GLU A 48 -7.62 -12.35 -18.15
N GLU A 49 -7.42 -11.41 -17.28
CA GLU A 49 -6.12 -11.11 -16.74
C GLU A 49 -6.09 -11.44 -15.25
N PRO A 50 -5.47 -12.57 -14.87
CA PRO A 50 -5.37 -12.99 -13.47
C PRO A 50 -4.21 -12.29 -12.75
N GLY A 51 -3.40 -11.60 -13.51
CA GLY A 51 -2.28 -10.90 -12.95
C GLY A 51 -2.60 -9.43 -12.79
N PRO A 52 -1.69 -8.63 -12.26
CA PRO A 52 -1.93 -7.22 -12.06
C PRO A 52 -1.83 -6.44 -13.37
N ALA A 53 -2.92 -6.47 -14.15
CA ALA A 53 -3.00 -5.72 -15.41
C ALA A 53 -2.83 -4.24 -15.11
N VAL A 54 -3.42 -3.84 -14.02
CA VAL A 54 -3.24 -2.52 -13.49
C VAL A 54 -2.31 -2.70 -12.33
N THR A 55 -1.18 -2.07 -12.37
CA THR A 55 -0.21 -2.23 -11.33
C THR A 55 0.16 -0.84 -10.81
N LEU A 56 0.83 -0.78 -9.68
CA LEU A 56 1.27 0.47 -9.11
C LEU A 56 2.24 1.22 -10.01
N MET A 57 1.73 2.16 -10.72
CA MET A 57 2.53 2.97 -11.58
C MET A 57 3.23 4.01 -10.75
N VAL A 58 4.33 3.60 -10.18
CA VAL A 58 5.14 4.43 -9.34
C VAL A 58 6.57 4.40 -9.86
N ASP A 59 7.27 5.47 -9.65
CA ASP A 59 8.67 5.62 -10.11
C ASP A 59 9.61 4.66 -9.36
N GLU A 60 10.78 4.41 -9.94
CA GLU A 60 11.84 3.59 -9.31
C GLU A 60 12.17 4.08 -7.91
N SER A 61 12.06 5.38 -7.71
CA SER A 61 12.38 6.01 -6.47
C SER A 61 11.19 5.96 -5.49
N CYS A 62 10.18 5.22 -5.83
CA CYS A 62 9.08 5.08 -4.94
C CYS A 62 9.20 3.77 -4.20
N TRP A 63 9.69 3.85 -2.97
CA TRP A 63 9.97 2.71 -2.11
C TRP A 63 8.73 1.81 -1.87
N LEU A 64 7.54 2.35 -2.12
CA LEU A 64 6.28 1.64 -1.91
C LEU A 64 6.20 0.37 -2.76
N ARG A 65 6.90 0.36 -3.90
CA ARG A 65 6.90 -0.81 -4.78
C ARG A 65 7.95 -1.82 -4.34
N MET A 66 8.71 -1.48 -3.32
CA MET A 66 9.75 -2.38 -2.82
C MET A 66 9.22 -3.23 -1.69
N LEU A 67 8.07 -2.85 -1.16
CA LEU A 67 7.41 -3.61 -0.11
C LEU A 67 6.56 -4.70 -0.71
N PRO A 68 6.51 -5.89 -0.10
CA PRO A 68 5.66 -6.97 -0.58
C PRO A 68 4.18 -6.63 -0.38
N GLN A 69 3.41 -6.86 -1.42
CA GLN A 69 2.00 -6.53 -1.41
C GLN A 69 1.19 -7.63 -0.81
N VAL A 70 0.37 -7.26 0.12
CA VAL A 70 -0.53 -8.17 0.75
C VAL A 70 -1.95 -7.69 0.57
N LEU A 71 -2.83 -8.59 0.29
CA LEU A 71 -4.24 -8.26 0.18
C LEU A 71 -4.88 -8.39 1.54
N THR A 72 -4.23 -9.14 2.39
CA THR A 72 -4.66 -9.32 3.72
C THR A 72 -4.05 -8.20 4.60
N GLU A 73 -4.85 -7.62 5.44
CA GLU A 73 -4.47 -6.40 6.14
C GLU A 73 -3.74 -6.68 7.44
N GLU A 74 -3.85 -7.90 7.92
CA GLU A 74 -3.24 -8.25 9.19
C GLU A 74 -1.72 -8.26 9.09
N ALA A 75 -1.22 -8.67 7.94
CA ALA A 75 0.22 -8.71 7.72
C ALA A 75 0.72 -7.36 7.26
N ALA A 76 -0.20 -6.52 6.84
CA ALA A 76 0.13 -5.22 6.34
C ALA A 76 0.42 -4.29 7.48
N ASN A 77 1.62 -3.80 7.51
CA ASN A 77 2.03 -2.91 8.59
C ASN A 77 1.76 -1.47 8.18
N SER A 78 1.84 -1.22 6.89
CA SER A 78 1.61 0.09 6.35
C SER A 78 0.70 0.00 5.13
N GLU A 79 -0.26 0.89 5.03
CA GLU A 79 -1.19 0.89 3.94
C GLU A 79 -1.12 2.18 3.13
N ILE A 80 -1.33 2.04 1.84
CA ILE A 80 -1.28 3.14 0.90
C ILE A 80 -2.68 3.49 0.51
N TYR A 81 -3.05 4.69 0.77
CA TYR A 81 -4.34 5.18 0.41
C TYR A 81 -4.14 6.43 -0.42
N ARG A 82 -4.99 6.66 -1.38
CA ARG A 82 -4.89 7.86 -2.13
C ARG A 82 -5.77 8.91 -1.49
N LYS A 83 -5.28 10.10 -1.44
CA LYS A 83 -5.99 11.20 -0.89
C LYS A 83 -5.68 12.38 -1.75
N ASP A 84 -6.70 12.88 -2.41
CA ASP A 84 -6.58 13.94 -3.43
C ASP A 84 -5.84 13.37 -4.63
N ASP A 85 -5.99 12.03 -4.75
CA ASP A 85 -5.38 11.15 -5.78
C ASP A 85 -3.85 11.02 -5.59
N ALA A 86 -3.34 11.61 -4.53
CA ALA A 86 -1.95 11.51 -4.18
C ALA A 86 -1.79 10.31 -3.26
N LEU A 87 -0.65 9.70 -3.26
CA LEU A 87 -0.44 8.48 -2.49
C LEU A 87 0.14 8.79 -1.15
N TRP A 88 -0.52 8.32 -0.15
CA TRP A 88 -0.09 8.51 1.21
C TRP A 88 0.08 7.17 1.89
N CYS A 89 1.12 7.03 2.67
CA CYS A 89 1.42 5.79 3.35
C CYS A 89 1.26 5.97 4.85
N ARG A 90 0.33 5.26 5.44
CA ARG A 90 0.13 5.34 6.87
C ARG A 90 0.45 3.99 7.51
N VAL A 91 1.17 4.03 8.60
CA VAL A 91 1.52 2.85 9.36
C VAL A 91 0.40 2.55 10.34
N THR A 92 -0.10 1.36 10.29
CA THR A 92 -1.16 0.96 11.15
C THR A 92 -0.67 -0.01 12.22
N LYS A 93 0.44 -0.70 11.97
CA LYS A 93 0.92 -1.70 12.91
C LYS A 93 2.38 -1.49 13.23
N VAL A 94 2.73 -1.88 14.42
CA VAL A 94 4.07 -1.77 14.92
C VAL A 94 4.89 -2.91 14.30
N VAL A 95 5.99 -2.58 13.67
CA VAL A 95 6.73 -3.56 12.89
C VAL A 95 7.70 -4.35 13.79
N PRO A 96 7.65 -5.69 13.73
CA PRO A 96 8.58 -6.56 14.44
C PRO A 96 10.04 -6.31 13.98
N SER A 97 10.93 -6.21 14.93
CA SER A 97 12.31 -5.94 14.64
C SER A 97 12.99 -7.20 14.10
N GLY A 98 13.31 -7.17 12.83
CA GLY A 98 13.87 -8.34 12.19
C GLY A 98 12.88 -8.96 11.24
N GLY A 99 11.73 -8.34 11.17
CA GLY A 99 10.69 -8.77 10.29
C GLY A 99 10.46 -7.73 9.23
N LEU A 100 9.78 -8.09 8.19
CA LEU A 100 9.52 -7.14 7.15
C LEU A 100 8.12 -6.62 7.27
N LEU A 101 7.91 -5.46 6.74
CA LEU A 101 6.64 -4.86 6.71
C LEU A 101 6.05 -5.07 5.34
N TYR A 102 4.77 -5.27 5.30
CA TYR A 102 4.08 -5.55 4.07
C TYR A 102 3.20 -4.37 3.75
N VAL A 103 3.01 -4.12 2.48
CA VAL A 103 2.26 -2.97 2.05
C VAL A 103 0.84 -3.36 1.61
N ARG A 104 -0.11 -2.65 2.14
CA ARG A 104 -1.51 -2.83 1.79
C ARG A 104 -1.94 -1.69 0.90
N LEU A 105 -2.41 -1.99 -0.25
CA LEU A 105 -2.93 -0.97 -1.11
C LEU A 105 -4.41 -0.88 -0.94
N VAL A 106 -4.86 0.25 -0.49
CA VAL A 106 -6.27 0.50 -0.34
C VAL A 106 -6.80 0.83 -1.71
N THR A 107 -7.46 -0.10 -2.28
CA THR A 107 -7.90 0.03 -3.63
C THR A 107 -9.38 0.36 -3.69
N GLU A 108 -9.73 1.14 -4.68
CA GLU A 108 -11.11 1.46 -4.94
C GLU A 108 -11.73 0.24 -5.61
N PRO A 109 -12.80 -0.35 -5.05
CA PRO A 109 -13.46 -1.50 -5.68
C PRO A 109 -14.11 -1.10 -7.00
N HIS A 110 -15.06 -0.19 -6.91
CA HIS A 110 -15.77 0.37 -8.04
C HIS A 110 -16.74 1.39 -7.45
N GLY A 111 -17.65 1.91 -8.25
CA GLY A 111 -18.57 2.90 -7.78
C GLY A 111 -18.27 4.21 -8.43
N ALA A 112 -17.73 5.12 -7.68
CA ALA A 112 -17.33 6.39 -8.21
C ALA A 112 -16.01 6.87 -7.58
N PRO A 113 -14.86 6.28 -7.98
CA PRO A 113 -13.56 6.74 -7.48
C PRO A 113 -13.25 8.15 -7.98
N ARG A 114 -13.54 8.40 -9.24
CA ARG A 114 -13.39 9.71 -9.81
C ARG A 114 -14.62 10.05 -10.65
N HIS A 115 -15.70 9.30 -10.35
CA HIS A 115 -17.00 9.34 -11.06
C HIS A 115 -16.88 8.61 -12.39
N PRO A 116 -17.83 7.71 -12.73
CA PRO A 116 -17.84 7.04 -14.04
C PRO A 116 -18.00 8.11 -15.12
N VAL A 117 -18.92 9.00 -14.84
CA VAL A 117 -19.22 10.19 -15.58
C VAL A 117 -19.78 11.16 -14.55
N GLN A 118 -19.68 12.44 -14.78
CA GLN A 118 -20.23 13.42 -13.83
C GLN A 118 -21.47 14.03 -14.40
N GLU A 119 -21.32 14.57 -15.57
CA GLU A 119 -22.36 15.21 -16.28
C GLU A 119 -21.90 15.27 -17.72
N PRO A 120 -22.49 14.47 -18.61
CA PRO A 120 -22.11 14.46 -20.01
C PRO A 120 -22.37 15.80 -20.68
N VAL A 121 -21.30 16.41 -21.16
CA VAL A 121 -21.39 17.62 -21.95
C VAL A 121 -22.03 17.21 -23.24
N GLU A 122 -23.14 17.86 -23.58
CA GLU A 122 -23.97 17.46 -24.71
C GLU A 122 -24.50 16.04 -24.51
N PRO A 123 -25.60 15.87 -23.74
CA PRO A 123 -26.19 14.55 -23.55
C PRO A 123 -26.68 13.99 -24.88
N GLY A 124 -25.95 13.04 -25.41
CA GLY A 124 -26.26 12.48 -26.69
C GLY A 124 -27.34 11.44 -26.59
N GLY A 125 -28.57 11.88 -26.69
CA GLY A 125 -29.70 10.99 -26.63
C GLY A 125 -30.24 10.68 -28.01
N LEU A 126 -29.50 11.10 -29.01
CA LEU A 126 -29.87 10.91 -30.38
C LEU A 126 -28.71 10.27 -31.09
N ALA A 127 -28.94 9.74 -32.25
CA ALA A 127 -27.90 9.13 -33.03
C ALA A 127 -27.82 9.82 -34.36
N PRO A 1 20.46 3.85 -3.86
CA PRO A 1 20.02 2.55 -4.29
C PRO A 1 18.52 2.52 -4.42
N TRP A 2 17.81 2.78 -3.34
CA TRP A 2 16.37 2.85 -3.40
C TRP A 2 15.96 4.23 -2.88
N SER A 3 14.88 4.77 -3.36
CA SER A 3 14.46 6.05 -2.89
C SER A 3 13.31 5.89 -1.91
N GLY A 4 13.62 5.96 -0.64
CA GLY A 4 12.63 5.78 0.37
C GLY A 4 12.97 6.55 1.63
N PRO A 5 12.18 6.39 2.70
CA PRO A 5 12.38 7.11 3.95
C PRO A 5 13.50 6.49 4.78
N GLU A 6 13.99 7.24 5.75
CA GLU A 6 15.13 6.83 6.56
C GLU A 6 14.72 5.86 7.66
N GLU A 7 13.43 5.81 7.91
CA GLU A 7 12.85 4.90 8.88
C GLU A 7 12.85 3.50 8.29
N LEU A 8 13.02 3.45 7.00
CA LEU A 8 12.99 2.26 6.23
C LEU A 8 14.38 1.91 5.75
N GLU A 9 14.62 0.64 5.55
CA GLU A 9 15.91 0.18 5.09
C GLU A 9 15.80 -1.04 4.18
N LEU A 10 16.34 -0.90 2.99
CA LEU A 10 16.42 -1.99 2.05
C LEU A 10 17.73 -2.67 2.38
N ALA A 11 17.66 -3.84 2.93
CA ALA A 11 18.84 -4.52 3.34
C ALA A 11 18.96 -5.80 2.58
N LEU A 12 20.16 -6.15 2.24
CA LEU A 12 20.41 -7.39 1.59
C LEU A 12 20.96 -8.36 2.58
N GLN A 13 20.36 -9.49 2.64
CA GLN A 13 20.75 -10.53 3.53
C GLN A 13 21.02 -11.78 2.74
N ASP A 14 22.28 -11.98 2.39
CA ASP A 14 22.73 -13.15 1.61
C ASP A 14 22.04 -13.20 0.23
N GLY A 15 21.64 -12.05 -0.25
CA GLY A 15 20.99 -11.95 -1.53
C GLY A 15 19.52 -11.66 -1.42
N GLN A 16 18.99 -11.70 -0.21
CA GLN A 16 17.58 -11.44 0.00
C GLN A 16 17.36 -9.97 0.02
N ARG A 17 16.46 -9.49 -0.80
CA ARG A 17 16.10 -8.11 -0.74
C ARG A 17 15.01 -7.98 0.29
N CYS A 18 15.40 -7.63 1.46
CA CYS A 18 14.48 -7.54 2.54
C CYS A 18 14.30 -6.11 2.96
N VAL A 19 13.07 -5.66 2.92
CA VAL A 19 12.78 -4.33 3.33
C VAL A 19 12.45 -4.38 4.80
N ARG A 20 13.31 -3.83 5.60
CA ARG A 20 13.15 -3.86 7.02
C ARG A 20 12.83 -2.47 7.50
N ALA A 21 12.21 -2.39 8.64
CA ALA A 21 12.03 -1.13 9.29
C ALA A 21 13.29 -0.87 10.10
N ARG A 22 13.84 0.30 10.01
CA ARG A 22 15.04 0.61 10.74
C ARG A 22 14.69 1.00 12.17
N LEU A 23 13.54 1.62 12.32
CA LEU A 23 13.03 1.99 13.63
C LEU A 23 11.70 1.27 13.85
N SER A 24 11.17 1.30 15.04
CA SER A 24 9.90 0.68 15.31
C SER A 24 8.79 1.70 15.13
N LEU A 25 8.07 1.58 14.04
CA LEU A 25 7.03 2.53 13.73
C LEU A 25 5.74 2.14 14.40
N THR A 26 5.21 3.06 15.17
CA THR A 26 3.99 2.91 15.86
C THR A 26 2.82 2.96 14.86
N GLU A 27 1.74 2.30 15.18
CA GLU A 27 0.55 2.31 14.37
C GLU A 27 -0.07 3.72 14.41
N GLY A 28 -0.56 4.16 13.29
CA GLY A 28 -1.17 5.46 13.23
C GLY A 28 -0.18 6.51 12.79
N LEU A 29 0.96 6.07 12.35
CA LEU A 29 1.96 6.95 11.82
C LEU A 29 1.90 6.86 10.32
N SER A 30 1.78 7.96 9.67
CA SER A 30 1.68 7.99 8.25
C SER A 30 2.80 8.86 7.69
N TRP A 31 3.11 8.66 6.46
CA TRP A 31 4.11 9.44 5.77
C TRP A 31 3.48 10.55 4.99
N GLY A 32 4.31 11.40 4.42
CA GLY A 32 3.84 12.50 3.64
C GLY A 32 3.35 12.07 2.27
N PRO A 33 2.85 13.01 1.46
CA PRO A 33 2.28 12.70 0.15
C PRO A 33 3.33 12.28 -0.90
N PHE A 34 3.03 11.21 -1.57
CA PHE A 34 3.82 10.72 -2.67
C PHE A 34 3.01 10.92 -3.93
N TYR A 35 3.65 11.14 -5.04
CA TYR A 35 2.93 11.34 -6.26
C TYR A 35 3.02 10.12 -7.15
N GLY A 36 1.87 9.57 -7.43
CA GLY A 36 1.76 8.40 -8.24
C GLY A 36 0.31 8.17 -8.53
N SER A 37 -0.07 6.98 -8.91
CA SER A 37 -1.48 6.69 -9.18
C SER A 37 -1.81 5.23 -8.84
N ILE A 38 -2.92 5.02 -8.16
CA ILE A 38 -3.39 3.69 -7.82
C ILE A 38 -4.58 3.37 -8.70
N GLN A 39 -4.42 2.42 -9.57
CA GLN A 39 -5.51 2.04 -10.43
C GLN A 39 -6.41 1.06 -9.67
N THR A 40 -7.56 1.58 -9.26
CA THR A 40 -8.52 0.84 -8.48
C THR A 40 -9.05 -0.37 -9.27
N ARG A 41 -9.18 -1.49 -8.57
CA ARG A 41 -9.68 -2.75 -9.09
C ARG A 41 -8.72 -3.32 -10.14
N ALA A 42 -8.89 -2.89 -11.42
CA ALA A 42 -8.10 -3.38 -12.58
C ALA A 42 -8.03 -4.92 -12.66
N LEU A 43 -9.01 -5.55 -12.03
CA LEU A 43 -9.10 -6.98 -11.87
C LEU A 43 -9.40 -7.59 -13.22
N SER A 44 -9.07 -8.84 -13.42
CA SER A 44 -9.28 -9.40 -14.71
C SER A 44 -10.30 -10.52 -14.74
N PRO A 45 -11.50 -10.23 -15.26
CA PRO A 45 -12.47 -11.26 -15.60
C PRO A 45 -12.36 -11.64 -17.09
N GLU A 46 -11.55 -10.88 -17.83
CA GLU A 46 -11.34 -11.14 -19.24
C GLU A 46 -9.96 -11.73 -19.48
N ARG A 47 -8.96 -11.16 -18.83
CA ARG A 47 -7.59 -11.58 -19.01
C ARG A 47 -7.15 -12.62 -17.96
N GLU A 48 -5.91 -13.05 -18.08
CA GLU A 48 -5.30 -14.10 -17.23
C GLU A 48 -5.09 -13.68 -15.78
N GLU A 49 -5.19 -12.38 -15.52
CA GLU A 49 -4.92 -11.77 -14.21
C GLU A 49 -3.40 -11.77 -13.99
N PRO A 50 -2.79 -10.58 -13.95
CA PRO A 50 -1.32 -10.46 -13.85
C PRO A 50 -0.79 -10.68 -12.43
N GLY A 51 -1.67 -11.10 -11.55
CA GLY A 51 -1.31 -11.19 -10.18
C GLY A 51 -1.94 -10.03 -9.49
N PRO A 52 -1.16 -9.07 -9.01
CA PRO A 52 -1.69 -7.86 -8.43
C PRO A 52 -2.35 -6.99 -9.52
N ALA A 53 -3.65 -6.98 -9.53
CA ALA A 53 -4.42 -6.23 -10.48
C ALA A 53 -4.36 -4.76 -10.12
N VAL A 54 -4.57 -4.47 -8.86
CA VAL A 54 -4.48 -3.11 -8.38
C VAL A 54 -3.00 -2.80 -8.29
N THR A 55 -2.58 -1.83 -9.04
CA THR A 55 -1.20 -1.53 -9.09
C THR A 55 -0.95 -0.07 -8.76
N LEU A 56 0.05 0.16 -7.96
CA LEU A 56 0.49 1.48 -7.67
C LEU A 56 1.50 1.90 -8.73
N MET A 57 1.06 2.75 -9.60
CA MET A 57 1.85 3.21 -10.70
C MET A 57 2.74 4.31 -10.21
N VAL A 58 3.88 3.93 -9.72
CA VAL A 58 4.86 4.84 -9.19
C VAL A 58 6.21 4.56 -9.82
N ASP A 59 7.14 5.47 -9.59
CA ASP A 59 8.51 5.40 -10.11
C ASP A 59 9.20 4.14 -9.68
N GLU A 60 10.09 3.63 -10.53
CA GLU A 60 10.90 2.43 -10.23
C GLU A 60 11.81 2.67 -9.03
N SER A 61 12.04 3.94 -8.76
CA SER A 61 12.85 4.38 -7.65
C SER A 61 12.05 4.40 -6.35
N CYS A 62 10.72 4.45 -6.46
CA CYS A 62 9.85 4.61 -5.33
C CYS A 62 9.76 3.33 -4.51
N TRP A 63 9.93 3.49 -3.22
CA TRP A 63 9.98 2.38 -2.27
C TRP A 63 8.64 1.64 -2.15
N LEU A 64 7.55 2.30 -2.54
CA LEU A 64 6.21 1.73 -2.43
C LEU A 64 6.05 0.48 -3.29
N ARG A 65 6.78 0.43 -4.39
CA ARG A 65 6.71 -0.74 -5.27
C ARG A 65 7.86 -1.69 -4.97
N MET A 66 8.65 -1.34 -3.98
CA MET A 66 9.76 -2.17 -3.57
C MET A 66 9.36 -2.99 -2.37
N LEU A 67 8.14 -2.77 -1.91
CA LEU A 67 7.59 -3.48 -0.81
C LEU A 67 6.84 -4.67 -1.38
N PRO A 68 6.82 -5.82 -0.71
CA PRO A 68 6.04 -6.96 -1.15
C PRO A 68 4.55 -6.70 -0.89
N GLN A 69 3.76 -6.86 -1.92
CA GLN A 69 2.33 -6.57 -1.86
C GLN A 69 1.58 -7.74 -1.29
N VAL A 70 0.68 -7.44 -0.40
CA VAL A 70 -0.14 -8.44 0.25
C VAL A 70 -1.59 -7.98 0.29
N LEU A 71 -2.50 -8.89 0.48
CA LEU A 71 -3.90 -8.53 0.62
C LEU A 71 -4.35 -8.65 2.06
N THR A 72 -3.59 -9.39 2.81
CA THR A 72 -3.86 -9.64 4.19
C THR A 72 -3.29 -8.53 5.09
N GLU A 73 -4.10 -8.08 6.01
CA GLU A 73 -3.75 -7.00 6.93
C GLU A 73 -2.83 -7.45 8.03
N GLU A 74 -2.83 -8.75 8.29
CA GLU A 74 -1.96 -9.33 9.29
C GLU A 74 -0.50 -9.23 8.85
N ALA A 75 -0.31 -9.16 7.55
CA ALA A 75 1.00 -9.03 6.98
C ALA A 75 1.27 -7.58 6.62
N ALA A 76 0.24 -6.92 6.11
CA ALA A 76 0.35 -5.53 5.74
C ALA A 76 0.31 -4.64 6.93
N ASN A 77 1.45 -4.32 7.38
CA ASN A 77 1.56 -3.39 8.48
C ASN A 77 1.59 -1.96 7.96
N SER A 78 1.81 -1.81 6.66
CA SER A 78 1.84 -0.51 6.04
C SER A 78 0.85 -0.49 4.84
N GLU A 79 -0.06 0.45 4.85
CA GLU A 79 -1.07 0.57 3.81
C GLU A 79 -0.92 1.88 3.04
N ILE A 80 -1.30 1.87 1.78
CA ILE A 80 -1.24 3.04 0.93
C ILE A 80 -2.65 3.51 0.65
N TYR A 81 -2.91 4.74 0.94
CA TYR A 81 -4.19 5.33 0.66
C TYR A 81 -3.95 6.59 -0.14
N ARG A 82 -4.98 7.22 -0.56
CA ARG A 82 -4.86 8.42 -1.32
C ARG A 82 -5.68 9.50 -0.70
N LYS A 83 -5.13 10.67 -0.71
CA LYS A 83 -5.74 11.80 -0.08
C LYS A 83 -5.20 13.04 -0.76
N ASP A 84 -6.09 13.96 -1.13
CA ASP A 84 -5.71 15.24 -1.77
C ASP A 84 -4.96 15.00 -3.09
N ASP A 85 -5.38 13.92 -3.79
CA ASP A 85 -4.83 13.48 -5.11
C ASP A 85 -3.37 12.98 -4.99
N ALA A 86 -2.96 12.69 -3.80
CA ALA A 86 -1.64 12.19 -3.54
C ALA A 86 -1.72 10.90 -2.78
N LEU A 87 -0.66 10.14 -2.79
CA LEU A 87 -0.62 8.87 -2.10
C LEU A 87 0.02 9.06 -0.75
N TRP A 88 -0.50 8.42 0.22
CA TRP A 88 -0.01 8.51 1.58
C TRP A 88 0.08 7.09 2.12
N CYS A 89 0.96 6.85 3.06
CA CYS A 89 1.11 5.52 3.60
C CYS A 89 0.97 5.54 5.11
N ARG A 90 0.11 4.68 5.65
CA ARG A 90 -0.06 4.56 7.09
C ARG A 90 0.62 3.32 7.55
N VAL A 91 1.16 3.38 8.71
CA VAL A 91 1.59 2.21 9.38
C VAL A 91 0.39 1.81 10.22
N THR A 92 -0.32 0.84 9.72
CA THR A 92 -1.58 0.45 10.30
C THR A 92 -1.34 -0.50 11.48
N LYS A 93 -0.23 -1.21 11.47
CA LYS A 93 0.14 -2.09 12.54
C LYS A 93 1.60 -1.88 12.85
N VAL A 94 1.96 -1.92 14.12
CA VAL A 94 3.32 -1.62 14.59
C VAL A 94 4.36 -2.52 13.92
N VAL A 95 5.34 -1.91 13.32
CA VAL A 95 6.43 -2.64 12.71
C VAL A 95 7.71 -2.40 13.52
N PRO A 96 8.27 -3.45 14.15
CA PRO A 96 9.47 -3.34 14.97
C PRO A 96 10.73 -3.11 14.13
N SER A 97 11.72 -2.48 14.72
CA SER A 97 13.00 -2.28 14.10
C SER A 97 13.66 -3.62 13.77
N GLY A 98 13.84 -3.89 12.50
CA GLY A 98 14.40 -5.12 12.07
C GLY A 98 13.35 -6.02 11.48
N GLY A 99 12.11 -5.67 11.75
CA GLY A 99 11.00 -6.42 11.26
C GLY A 99 10.69 -6.04 9.84
N LEU A 100 10.04 -6.93 9.15
CA LEU A 100 9.71 -6.71 7.77
C LEU A 100 8.34 -6.09 7.65
N LEU A 101 8.12 -5.44 6.54
CA LEU A 101 6.87 -4.82 6.25
C LEU A 101 6.37 -5.27 4.91
N TYR A 102 5.08 -5.15 4.75
CA TYR A 102 4.39 -5.54 3.54
C TYR A 102 3.41 -4.43 3.21
N VAL A 103 3.16 -4.23 1.93
CA VAL A 103 2.36 -3.11 1.50
C VAL A 103 0.92 -3.54 1.12
N ARG A 104 -0.04 -2.79 1.62
CA ARG A 104 -1.45 -2.95 1.28
C ARG A 104 -1.91 -1.69 0.60
N LEU A 105 -2.82 -1.78 -0.31
CA LEU A 105 -3.31 -0.61 -0.99
C LEU A 105 -4.78 -0.43 -0.68
N VAL A 106 -5.26 0.79 -0.73
CA VAL A 106 -6.68 1.07 -0.67
C VAL A 106 -7.31 0.41 -1.89
N THR A 107 -8.12 -0.59 -1.63
CA THR A 107 -8.55 -1.53 -2.64
C THR A 107 -7.34 -2.43 -2.96
N GLU A 108 -7.26 -3.51 -2.23
CA GLU A 108 -6.11 -4.39 -2.26
C GLU A 108 -6.18 -5.38 -3.42
N PRO A 109 -5.03 -5.83 -3.94
CA PRO A 109 -4.99 -6.78 -5.04
C PRO A 109 -5.32 -8.20 -4.56
N HIS A 110 -6.52 -8.63 -4.85
CA HIS A 110 -6.97 -9.95 -4.48
C HIS A 110 -7.07 -10.84 -5.72
N GLY A 111 -7.06 -12.11 -5.52
CA GLY A 111 -7.10 -13.03 -6.60
C GLY A 111 -5.86 -13.87 -6.60
N ALA A 112 -4.74 -13.18 -6.55
CA ALA A 112 -3.43 -13.78 -6.49
C ALA A 112 -2.43 -12.73 -6.05
N PRO A 113 -2.12 -12.65 -4.74
CA PRO A 113 -1.17 -11.65 -4.19
C PRO A 113 0.31 -11.99 -4.47
N ARG A 114 0.55 -12.57 -5.62
CA ARG A 114 1.88 -12.96 -6.03
C ARG A 114 2.65 -11.76 -6.55
N HIS A 115 3.82 -11.55 -6.05
CA HIS A 115 4.63 -10.47 -6.54
C HIS A 115 5.45 -10.99 -7.71
N PRO A 116 5.40 -10.32 -8.87
CA PRO A 116 6.17 -10.72 -10.05
C PRO A 116 7.68 -10.76 -9.76
N VAL A 117 8.28 -11.92 -9.89
CA VAL A 117 9.71 -12.08 -9.69
C VAL A 117 10.44 -11.58 -10.92
N GLN A 118 9.73 -11.65 -12.03
CA GLN A 118 10.15 -11.11 -13.28
C GLN A 118 8.98 -10.31 -13.83
N GLU A 119 9.22 -9.06 -14.05
CA GLU A 119 8.17 -8.15 -14.47
C GLU A 119 7.92 -8.28 -15.97
N PRO A 120 6.66 -8.42 -16.37
CA PRO A 120 6.27 -8.54 -17.77
C PRO A 120 6.61 -7.29 -18.58
N VAL A 121 7.46 -7.46 -19.55
CA VAL A 121 7.86 -6.39 -20.41
C VAL A 121 7.12 -6.49 -21.72
N GLU A 122 6.19 -5.59 -21.91
CA GLU A 122 5.41 -5.52 -23.11
C GLU A 122 6.29 -4.93 -24.22
N PRO A 123 6.16 -5.41 -25.47
CA PRO A 123 6.96 -4.91 -26.60
C PRO A 123 6.79 -3.40 -26.80
N GLY A 124 7.88 -2.74 -27.11
CA GLY A 124 7.85 -1.33 -27.30
C GLY A 124 7.33 -0.97 -28.67
N GLY A 125 8.18 -1.08 -29.65
CA GLY A 125 7.81 -0.76 -31.01
C GLY A 125 7.95 0.71 -31.30
N LEU A 126 7.30 1.52 -30.50
CA LEU A 126 7.37 2.97 -30.62
C LEU A 126 8.75 3.46 -30.20
N ALA A 127 9.26 2.84 -29.16
CA ALA A 127 10.58 3.11 -28.67
C ALA A 127 11.33 1.80 -28.56
N PRO A 1 20.73 0.72 1.83
CA PRO A 1 20.89 1.82 0.89
C PRO A 1 19.91 1.64 -0.25
N TRP A 2 19.11 2.68 -0.51
CA TRP A 2 18.05 2.65 -1.50
C TRP A 2 17.35 4.00 -1.47
N SER A 3 16.35 4.16 -2.29
CA SER A 3 15.57 5.36 -2.29
C SER A 3 14.31 5.10 -1.45
N GLY A 4 14.38 5.42 -0.18
CA GLY A 4 13.28 5.16 0.68
C GLY A 4 13.35 5.96 1.95
N PRO A 5 12.45 5.71 2.91
CA PRO A 5 12.40 6.43 4.16
C PRO A 5 13.37 5.87 5.21
N GLU A 6 13.71 6.69 6.18
CA GLU A 6 14.70 6.37 7.21
C GLU A 6 14.18 5.29 8.18
N GLU A 7 12.87 5.11 8.21
CA GLU A 7 12.24 4.14 9.10
C GLU A 7 12.36 2.75 8.52
N LEU A 8 12.54 2.73 7.24
CA LEU A 8 12.63 1.54 6.44
C LEU A 8 14.07 1.37 5.99
N GLU A 9 14.47 0.18 5.59
CA GLU A 9 15.81 0.01 5.08
C GLU A 9 15.90 -1.19 4.17
N LEU A 10 16.76 -1.06 3.21
CA LEU A 10 17.04 -2.07 2.26
C LEU A 10 18.33 -2.72 2.76
N ALA A 11 18.19 -3.87 3.33
CA ALA A 11 19.34 -4.59 3.83
C ALA A 11 19.83 -5.53 2.78
N LEU A 12 21.12 -5.73 2.76
CA LEU A 12 21.72 -6.64 1.82
C LEU A 12 22.22 -7.84 2.59
N GLN A 13 21.52 -8.91 2.46
CA GLN A 13 21.86 -10.14 3.11
C GLN A 13 22.39 -11.09 2.07
N ASP A 14 23.73 -11.19 2.01
CA ASP A 14 24.46 -12.04 1.03
C ASP A 14 24.25 -11.57 -0.39
N GLY A 15 23.91 -10.31 -0.52
CA GLY A 15 23.70 -9.74 -1.82
C GLY A 15 22.24 -9.60 -2.15
N GLN A 16 21.40 -10.21 -1.35
CA GLN A 16 19.98 -10.13 -1.57
C GLN A 16 19.36 -8.98 -0.82
N ARG A 17 18.40 -8.37 -1.43
CA ARG A 17 17.73 -7.23 -0.88
C ARG A 17 16.64 -7.69 0.07
N CYS A 18 16.57 -7.07 1.21
CA CYS A 18 15.52 -7.34 2.16
C CYS A 18 14.95 -6.01 2.64
N VAL A 19 13.66 -5.81 2.44
CA VAL A 19 13.00 -4.59 2.90
C VAL A 19 12.56 -4.74 4.36
N ARG A 20 13.37 -4.26 5.23
CA ARG A 20 13.11 -4.42 6.63
C ARG A 20 12.84 -3.11 7.29
N ALA A 21 12.19 -3.19 8.41
CA ALA A 21 12.00 -2.05 9.24
C ALA A 21 13.32 -1.73 9.90
N ARG A 22 13.82 -0.56 9.66
CA ARG A 22 15.07 -0.14 10.26
C ARG A 22 14.75 0.38 11.64
N LEU A 23 13.65 1.07 11.70
CA LEU A 23 13.12 1.59 12.90
C LEU A 23 11.76 0.97 13.04
N SER A 24 11.26 0.86 14.23
CA SER A 24 9.97 0.28 14.43
C SER A 24 8.92 1.28 14.04
N LEU A 25 8.06 0.89 13.13
CA LEU A 25 6.98 1.72 12.68
C LEU A 25 5.96 1.86 13.79
N THR A 26 5.72 3.09 14.16
CA THR A 26 4.84 3.44 15.21
C THR A 26 3.43 3.65 14.66
N GLU A 27 2.45 3.19 15.39
CA GLU A 27 1.06 3.38 15.02
C GLU A 27 0.76 4.87 14.97
N GLY A 28 0.33 5.34 13.83
CA GLY A 28 0.04 6.73 13.68
C GLY A 28 1.01 7.41 12.77
N LEU A 29 2.20 6.81 12.62
CA LEU A 29 3.21 7.34 11.73
C LEU A 29 2.71 7.29 10.32
N SER A 30 2.75 8.40 9.68
CA SER A 30 2.35 8.46 8.33
C SER A 30 3.36 9.30 7.58
N TRP A 31 3.59 8.95 6.35
CA TRP A 31 4.48 9.68 5.50
C TRP A 31 3.68 10.74 4.74
N GLY A 32 4.37 11.58 3.99
CA GLY A 32 3.71 12.65 3.27
C GLY A 32 3.06 12.20 1.96
N PRO A 33 2.57 13.14 1.16
CA PRO A 33 1.91 12.82 -0.10
C PRO A 33 2.92 12.48 -1.21
N PHE A 34 2.79 11.31 -1.76
CA PHE A 34 3.61 10.87 -2.87
C PHE A 34 2.77 10.98 -4.12
N TYR A 35 3.40 11.21 -5.22
CA TYR A 35 2.71 11.28 -6.46
C TYR A 35 2.93 10.03 -7.27
N GLY A 36 1.91 9.25 -7.33
CA GLY A 36 1.88 8.00 -8.02
C GLY A 36 0.46 7.55 -8.03
N SER A 37 0.14 6.45 -8.63
CA SER A 37 -1.24 6.05 -8.67
C SER A 37 -1.45 4.60 -8.23
N ILE A 38 -2.43 4.41 -7.38
CA ILE A 38 -2.89 3.11 -7.01
C ILE A 38 -4.24 3.01 -7.64
N GLN A 39 -4.28 2.43 -8.79
CA GLN A 39 -5.47 2.42 -9.57
C GLN A 39 -6.31 1.22 -9.24
N THR A 40 -7.29 1.44 -8.40
CA THR A 40 -8.23 0.40 -8.07
C THR A 40 -9.11 0.18 -9.28
N ARG A 41 -9.44 -1.03 -9.52
CA ARG A 41 -10.18 -1.33 -10.69
C ARG A 41 -11.16 -2.42 -10.43
N ALA A 42 -12.33 -2.01 -10.00
CA ALA A 42 -13.39 -2.91 -9.75
C ALA A 42 -14.26 -2.95 -10.98
N LEU A 43 -13.92 -3.86 -11.84
CA LEU A 43 -14.58 -4.04 -13.11
C LEU A 43 -15.15 -5.46 -13.06
N SER A 44 -15.15 -6.16 -14.17
CA SER A 44 -15.57 -7.52 -14.19
C SER A 44 -14.52 -8.37 -13.42
N PRO A 45 -14.95 -9.14 -12.39
CA PRO A 45 -14.06 -9.96 -11.54
C PRO A 45 -13.09 -10.84 -12.33
N GLU A 46 -13.58 -11.48 -13.39
CA GLU A 46 -12.76 -12.38 -14.20
C GLU A 46 -11.70 -11.62 -15.01
N ARG A 47 -11.92 -10.32 -15.18
CA ARG A 47 -11.09 -9.41 -15.97
C ARG A 47 -11.04 -9.80 -17.45
N GLU A 48 -10.28 -10.84 -17.73
CA GLU A 48 -9.94 -11.28 -19.07
C GLU A 48 -9.00 -12.46 -18.89
N GLU A 49 -8.08 -12.30 -17.97
CA GLU A 49 -7.13 -13.30 -17.59
C GLU A 49 -7.03 -13.25 -16.08
N PRO A 50 -6.58 -14.34 -15.41
CA PRO A 50 -6.38 -14.36 -13.96
C PRO A 50 -5.23 -13.44 -13.53
N GLY A 51 -4.39 -13.07 -14.50
CA GLY A 51 -3.29 -12.18 -14.25
C GLY A 51 -3.78 -10.80 -13.84
N PRO A 52 -3.09 -10.14 -12.91
CA PRO A 52 -3.51 -8.85 -12.38
C PRO A 52 -3.31 -7.70 -13.37
N ALA A 53 -4.41 -7.12 -13.83
CA ALA A 53 -4.35 -5.94 -14.70
C ALA A 53 -4.34 -4.68 -13.84
N VAL A 54 -4.51 -4.89 -12.57
CA VAL A 54 -4.41 -3.85 -11.59
C VAL A 54 -2.96 -3.80 -11.14
N THR A 55 -2.36 -2.65 -11.22
CA THR A 55 -0.98 -2.49 -10.86
C THR A 55 -0.77 -1.07 -10.37
N LEU A 56 0.13 -0.90 -9.43
CA LEU A 56 0.45 0.42 -8.96
C LEU A 56 1.41 1.09 -9.91
N MET A 57 1.24 2.36 -10.10
CA MET A 57 2.11 3.10 -10.99
C MET A 57 2.87 4.13 -10.21
N VAL A 58 4.06 3.76 -9.81
CA VAL A 58 4.93 4.62 -9.07
C VAL A 58 6.30 4.63 -9.73
N ASP A 59 7.17 5.51 -9.28
CA ASP A 59 8.52 5.64 -9.81
C ASP A 59 9.29 4.33 -9.61
N GLU A 60 10.19 4.05 -10.54
CA GLU A 60 11.00 2.85 -10.53
C GLU A 60 11.81 2.72 -9.23
N SER A 61 12.21 3.85 -8.68
CA SER A 61 13.01 3.87 -7.49
C SER A 61 12.16 4.17 -6.24
N CYS A 62 10.85 4.10 -6.39
CA CYS A 62 9.97 4.36 -5.27
C CYS A 62 9.90 3.12 -4.38
N TRP A 63 10.04 3.32 -3.09
CA TRP A 63 10.06 2.24 -2.12
C TRP A 63 8.74 1.48 -2.03
N LEU A 64 7.65 2.12 -2.43
CA LEU A 64 6.32 1.54 -2.36
C LEU A 64 6.18 0.28 -3.23
N ARG A 65 6.99 0.19 -4.26
CA ARG A 65 6.94 -0.96 -5.15
C ARG A 65 7.98 -2.02 -4.75
N MET A 66 8.69 -1.75 -3.66
CA MET A 66 9.74 -2.66 -3.17
C MET A 66 9.22 -3.59 -2.09
N LEU A 67 8.15 -3.20 -1.43
CA LEU A 67 7.59 -4.01 -0.34
C LEU A 67 6.57 -5.03 -0.87
N PRO A 68 6.38 -6.17 -0.16
CA PRO A 68 5.42 -7.19 -0.58
C PRO A 68 3.98 -6.72 -0.39
N GLN A 69 3.19 -6.86 -1.42
CA GLN A 69 1.82 -6.43 -1.42
C GLN A 69 0.90 -7.44 -0.78
N VAL A 70 -0.01 -6.93 -0.01
CA VAL A 70 -1.05 -7.70 0.65
C VAL A 70 -2.33 -6.87 0.58
N LEU A 71 -3.48 -7.48 0.69
CA LEU A 71 -4.73 -6.74 0.64
C LEU A 71 -5.50 -6.83 1.97
N THR A 72 -5.02 -7.63 2.88
CA THR A 72 -5.62 -7.78 4.18
C THR A 72 -5.07 -6.73 5.14
N GLU A 73 -5.86 -6.33 6.12
CA GLU A 73 -5.38 -5.35 7.08
C GLU A 73 -4.56 -6.05 8.14
N GLU A 74 -4.82 -7.31 8.30
CA GLU A 74 -4.15 -8.14 9.30
C GLU A 74 -2.70 -8.37 8.94
N ALA A 75 -2.43 -8.57 7.67
CA ALA A 75 -1.07 -8.76 7.23
C ALA A 75 -0.40 -7.41 7.01
N ALA A 76 -1.19 -6.45 6.57
CA ALA A 76 -0.64 -5.15 6.29
C ALA A 76 -0.56 -4.30 7.49
N ASN A 77 0.60 -4.25 8.02
CA ASN A 77 0.92 -3.39 9.13
C ASN A 77 1.03 -1.93 8.69
N SER A 78 1.24 -1.74 7.40
CA SER A 78 1.24 -0.43 6.82
C SER A 78 0.35 -0.43 5.58
N GLU A 79 -0.35 0.64 5.35
CA GLU A 79 -1.29 0.72 4.25
C GLU A 79 -1.11 2.00 3.47
N ILE A 80 -1.23 1.90 2.17
CA ILE A 80 -1.07 3.04 1.32
C ILE A 80 -2.42 3.38 0.75
N TYR A 81 -2.82 4.59 0.92
CA TYR A 81 -4.08 5.03 0.43
C TYR A 81 -3.87 6.30 -0.34
N ARG A 82 -4.90 6.82 -0.89
CA ARG A 82 -4.81 8.04 -1.61
C ARG A 82 -5.75 9.08 -1.02
N LYS A 83 -5.33 10.29 -1.07
CA LYS A 83 -6.11 11.41 -0.63
C LYS A 83 -5.68 12.58 -1.48
N ASP A 84 -6.66 13.28 -2.07
CA ASP A 84 -6.40 14.46 -2.93
C ASP A 84 -5.63 14.01 -4.18
N ASP A 85 -5.81 12.74 -4.52
CA ASP A 85 -5.17 12.04 -5.65
C ASP A 85 -3.68 11.84 -5.44
N ALA A 86 -3.23 12.04 -4.23
CA ALA A 86 -1.87 11.80 -3.86
C ALA A 86 -1.84 10.59 -2.96
N LEU A 87 -0.73 9.92 -2.89
CA LEU A 87 -0.62 8.72 -2.10
C LEU A 87 -0.09 9.06 -0.74
N TRP A 88 -0.70 8.49 0.24
CA TRP A 88 -0.30 8.67 1.60
C TRP A 88 -0.09 7.32 2.22
N CYS A 89 0.92 7.21 3.00
CA CYS A 89 1.27 5.95 3.61
C CYS A 89 1.13 6.07 5.13
N ARG A 90 0.34 5.23 5.73
CA ARG A 90 0.14 5.27 7.17
C ARG A 90 0.45 3.91 7.80
N VAL A 91 0.94 3.94 9.00
CA VAL A 91 1.24 2.74 9.76
C VAL A 91 0.08 2.48 10.70
N THR A 92 -0.53 1.32 10.57
CA THR A 92 -1.71 1.02 11.33
C THR A 92 -1.52 -0.09 12.34
N LYS A 93 -0.53 -0.93 12.13
CA LYS A 93 -0.23 -2.01 13.05
C LYS A 93 1.24 -1.85 13.43
N VAL A 94 1.66 -2.47 14.51
CA VAL A 94 3.03 -2.35 14.99
C VAL A 94 3.97 -3.21 14.14
N VAL A 95 5.07 -2.63 13.70
CA VAL A 95 6.07 -3.33 12.93
C VAL A 95 7.33 -3.50 13.77
N PRO A 96 7.77 -4.74 14.03
CA PRO A 96 8.98 -5.01 14.80
C PRO A 96 10.24 -4.56 14.06
N SER A 97 11.18 -4.00 14.79
CA SER A 97 12.43 -3.51 14.23
C SER A 97 13.22 -4.70 13.63
N GLY A 98 13.39 -4.67 12.33
CA GLY A 98 14.10 -5.73 11.66
C GLY A 98 13.18 -6.62 10.85
N GLY A 99 11.90 -6.54 11.12
CA GLY A 99 10.96 -7.37 10.42
C GLY A 99 10.57 -6.79 9.08
N LEU A 100 10.07 -7.62 8.21
CA LEU A 100 9.63 -7.19 6.90
C LEU A 100 8.18 -6.82 6.97
N LEU A 101 7.90 -5.63 6.56
CA LEU A 101 6.55 -5.13 6.60
C LEU A 101 5.90 -5.26 5.25
N TYR A 102 4.61 -5.17 5.23
CA TYR A 102 3.89 -5.43 4.02
C TYR A 102 3.09 -4.21 3.63
N VAL A 103 2.99 -4.01 2.34
CA VAL A 103 2.32 -2.86 1.81
C VAL A 103 0.91 -3.25 1.33
N ARG A 104 -0.09 -2.59 1.88
CA ARG A 104 -1.44 -2.82 1.43
C ARG A 104 -1.82 -1.73 0.50
N LEU A 105 -2.45 -2.08 -0.56
CA LEU A 105 -2.96 -1.10 -1.46
C LEU A 105 -4.41 -0.90 -1.10
N VAL A 106 -4.88 0.32 -1.26
CA VAL A 106 -6.26 0.66 -0.96
C VAL A 106 -7.26 -0.29 -1.67
N THR A 107 -8.07 -0.92 -0.86
CA THR A 107 -9.10 -1.79 -1.32
C THR A 107 -10.38 -0.98 -1.52
N GLU A 108 -11.45 -1.59 -1.97
CA GLU A 108 -12.70 -0.87 -2.09
C GLU A 108 -13.28 -0.61 -0.71
N PRO A 109 -13.55 0.66 -0.40
CA PRO A 109 -14.04 1.06 0.90
C PRO A 109 -15.46 0.57 1.19
N HIS A 110 -15.60 -0.20 2.22
CA HIS A 110 -16.89 -0.64 2.67
C HIS A 110 -17.19 0.05 4.01
N GLY A 111 -16.21 0.79 4.48
CA GLY A 111 -16.31 1.48 5.74
C GLY A 111 -15.74 0.63 6.83
N ALA A 112 -16.32 -0.52 6.99
CA ALA A 112 -15.89 -1.51 7.92
C ALA A 112 -16.23 -2.85 7.32
N PRO A 113 -15.30 -3.82 7.35
CA PRO A 113 -15.54 -5.16 6.80
C PRO A 113 -16.69 -5.88 7.52
N ARG A 114 -16.88 -5.56 8.78
CA ARG A 114 -17.92 -6.15 9.57
C ARG A 114 -18.91 -5.07 10.01
N HIS A 115 -20.03 -4.97 9.30
CA HIS A 115 -21.16 -4.05 9.60
C HIS A 115 -20.73 -2.60 9.87
N PRO A 116 -20.52 -1.81 8.81
CA PRO A 116 -20.12 -0.41 8.96
C PRO A 116 -21.27 0.48 9.44
N VAL A 117 -22.45 0.26 8.87
CA VAL A 117 -23.64 1.07 9.10
C VAL A 117 -23.34 2.52 8.70
N GLN A 118 -23.17 2.71 7.41
CA GLN A 118 -22.89 4.02 6.85
C GLN A 118 -23.85 4.31 5.70
N GLU A 119 -24.48 3.27 5.19
CA GLU A 119 -25.38 3.40 4.07
C GLU A 119 -26.40 2.27 4.11
N PRO A 120 -27.67 2.60 4.31
CA PRO A 120 -28.71 1.60 4.30
C PRO A 120 -29.03 1.17 2.88
N VAL A 121 -28.82 -0.09 2.58
CA VAL A 121 -29.08 -0.59 1.25
C VAL A 121 -30.59 -0.71 1.03
N GLU A 122 -31.10 0.16 0.23
CA GLU A 122 -32.53 0.21 -0.02
C GLU A 122 -32.98 -0.68 -1.19
N PRO A 123 -32.34 -0.59 -2.41
CA PRO A 123 -32.69 -1.48 -3.53
C PRO A 123 -32.55 -2.94 -3.15
N GLY A 124 -33.57 -3.71 -3.43
CA GLY A 124 -33.60 -5.10 -3.06
C GLY A 124 -32.73 -5.95 -3.94
N GLY A 125 -31.96 -6.81 -3.34
CA GLY A 125 -31.10 -7.69 -4.08
C GLY A 125 -29.67 -7.22 -4.04
N LEU A 126 -29.44 -6.09 -3.43
CA LEU A 126 -28.09 -5.53 -3.36
C LEU A 126 -27.45 -5.79 -2.02
N ALA A 127 -26.17 -5.45 -1.94
CA ALA A 127 -25.32 -5.63 -0.77
C ALA A 127 -25.41 -7.05 -0.23
N PRO A 1 21.70 2.99 -1.59
CA PRO A 1 20.78 4.10 -1.62
C PRO A 1 19.50 3.67 -2.29
N TRP A 2 18.39 4.26 -1.89
CA TRP A 2 17.09 3.94 -2.42
C TRP A 2 16.16 5.10 -2.17
N SER A 3 15.08 5.15 -2.88
CA SER A 3 14.14 6.22 -2.72
C SER A 3 13.14 5.83 -1.65
N GLY A 4 13.40 6.27 -0.46
CA GLY A 4 12.54 5.95 0.64
C GLY A 4 12.83 6.80 1.84
N PRO A 5 12.23 6.48 2.98
CA PRO A 5 12.42 7.22 4.21
C PRO A 5 13.65 6.73 4.97
N GLU A 6 14.14 7.53 5.89
CA GLU A 6 15.34 7.21 6.65
C GLU A 6 15.01 6.25 7.80
N GLU A 7 13.74 6.18 8.11
CA GLU A 7 13.21 5.30 9.15
C GLU A 7 13.27 3.85 8.67
N LEU A 8 13.24 3.73 7.37
CA LEU A 8 13.22 2.47 6.68
C LEU A 8 14.63 2.07 6.30
N GLU A 9 14.84 0.80 6.09
CA GLU A 9 16.17 0.31 5.76
C GLU A 9 16.14 -0.72 4.64
N LEU A 10 17.04 -0.54 3.71
CA LEU A 10 17.22 -1.47 2.63
C LEU A 10 18.42 -2.32 3.03
N ALA A 11 18.22 -3.59 3.08
CA ALA A 11 19.24 -4.50 3.48
C ALA A 11 19.39 -5.57 2.45
N LEU A 12 20.56 -6.12 2.33
CA LEU A 12 20.77 -7.19 1.42
C LEU A 12 20.93 -8.45 2.20
N GLN A 13 19.87 -9.18 2.31
CA GLN A 13 19.84 -10.39 3.07
C GLN A 13 19.75 -11.51 2.10
N ASP A 14 20.58 -12.53 2.27
CA ASP A 14 20.63 -13.71 1.36
C ASP A 14 21.12 -13.32 -0.01
N GLY A 15 21.67 -12.12 -0.11
CA GLY A 15 22.14 -11.63 -1.36
C GLY A 15 21.00 -11.08 -2.21
N GLN A 16 19.91 -10.70 -1.58
CA GLN A 16 18.77 -10.12 -2.28
C GLN A 16 18.30 -8.87 -1.55
N ARG A 17 17.46 -8.09 -2.18
CA ARG A 17 16.93 -6.86 -1.59
C ARG A 17 15.90 -7.20 -0.54
N CYS A 18 16.15 -6.80 0.67
CA CYS A 18 15.22 -7.00 1.72
C CYS A 18 14.89 -5.64 2.31
N VAL A 19 13.68 -5.49 2.76
CA VAL A 19 13.21 -4.23 3.29
C VAL A 19 12.83 -4.39 4.75
N ARG A 20 13.49 -3.64 5.59
CA ARG A 20 13.26 -3.74 7.01
C ARG A 20 13.02 -2.38 7.59
N ALA A 21 12.29 -2.33 8.66
CA ALA A 21 12.06 -1.10 9.35
C ALA A 21 13.10 -0.95 10.43
N ARG A 22 14.01 -0.02 10.24
CA ARG A 22 15.06 0.21 11.19
C ARG A 22 14.48 0.89 12.41
N LEU A 23 13.71 1.92 12.19
CA LEU A 23 13.02 2.54 13.26
C LEU A 23 11.69 1.85 13.41
N SER A 24 11.38 1.46 14.61
CA SER A 24 10.14 0.75 14.88
C SER A 24 8.96 1.70 14.68
N LEU A 25 8.04 1.28 13.87
CA LEU A 25 6.92 2.09 13.45
C LEU A 25 5.70 1.76 14.29
N THR A 26 5.02 2.79 14.76
CA THR A 26 3.85 2.64 15.59
C THR A 26 2.57 2.81 14.74
N GLU A 27 1.45 2.32 15.27
CA GLU A 27 0.15 2.39 14.59
C GLU A 27 -0.28 3.84 14.39
N GLY A 28 -0.63 4.17 13.17
CA GLY A 28 -1.13 5.50 12.89
C GLY A 28 -0.08 6.40 12.32
N LEU A 29 1.16 5.97 12.39
CA LEU A 29 2.26 6.72 11.86
C LEU A 29 2.17 6.72 10.35
N SER A 30 2.27 7.86 9.75
CA SER A 30 2.15 7.95 8.33
C SER A 30 3.22 8.86 7.77
N TRP A 31 3.47 8.70 6.50
CA TRP A 31 4.40 9.53 5.79
C TRP A 31 3.67 10.61 5.02
N GLY A 32 4.42 11.50 4.40
CA GLY A 32 3.84 12.57 3.63
C GLY A 32 3.30 12.11 2.28
N PRO A 33 2.67 13.01 1.53
CA PRO A 33 2.06 12.67 0.25
C PRO A 33 3.09 12.34 -0.86
N PHE A 34 2.96 11.17 -1.41
CA PHE A 34 3.77 10.73 -2.53
C PHE A 34 2.95 10.95 -3.78
N TYR A 35 3.58 11.20 -4.89
CA TYR A 35 2.83 11.39 -6.11
C TYR A 35 2.97 10.23 -7.05
N GLY A 36 1.91 9.47 -7.12
CA GLY A 36 1.84 8.31 -7.96
C GLY A 36 0.40 8.03 -8.32
N SER A 37 0.09 6.82 -8.69
CA SER A 37 -1.26 6.49 -9.09
C SER A 37 -1.64 5.07 -8.68
N ILE A 38 -2.86 4.90 -8.20
CA ILE A 38 -3.38 3.59 -7.86
C ILE A 38 -4.83 3.52 -8.34
N GLN A 39 -5.03 2.97 -9.50
CA GLN A 39 -6.35 2.82 -10.05
C GLN A 39 -6.99 1.55 -9.54
N THR A 40 -7.79 1.71 -8.54
CA THR A 40 -8.39 0.61 -7.89
C THR A 40 -9.67 0.15 -8.53
N ARG A 41 -9.61 -1.01 -9.14
CA ARG A 41 -10.79 -1.67 -9.56
C ARG A 41 -10.88 -2.95 -8.73
N ALA A 42 -10.09 -3.98 -9.12
CA ALA A 42 -9.96 -5.25 -8.39
C ALA A 42 -11.33 -5.89 -8.10
N LEU A 43 -12.25 -5.65 -8.98
CA LEU A 43 -13.59 -6.15 -8.82
C LEU A 43 -13.79 -7.24 -9.84
N SER A 44 -13.75 -8.46 -9.41
CA SER A 44 -13.95 -9.55 -10.30
C SER A 44 -15.12 -10.44 -9.84
N PRO A 45 -16.28 -10.34 -10.51
CA PRO A 45 -17.44 -11.19 -10.23
C PRO A 45 -17.19 -12.61 -10.70
N GLU A 46 -16.37 -12.76 -11.71
CA GLU A 46 -16.05 -14.06 -12.27
C GLU A 46 -14.87 -14.67 -11.52
N ARG A 47 -14.25 -13.85 -10.68
CA ARG A 47 -13.12 -14.26 -9.82
C ARG A 47 -11.92 -14.73 -10.64
N GLU A 48 -11.76 -14.17 -11.85
CA GLU A 48 -10.64 -14.54 -12.72
C GLU A 48 -9.30 -14.17 -12.09
N GLU A 49 -9.32 -13.15 -11.25
CA GLU A 49 -8.18 -12.75 -10.49
C GLU A 49 -8.68 -12.03 -9.24
N PRO A 50 -8.86 -12.77 -8.15
CA PRO A 50 -9.32 -12.22 -6.90
C PRO A 50 -8.17 -11.61 -6.11
N GLY A 51 -7.73 -10.50 -6.58
CA GLY A 51 -6.68 -9.78 -5.95
C GLY A 51 -6.36 -8.54 -6.74
N PRO A 52 -5.19 -7.91 -6.51
CA PRO A 52 -4.82 -6.73 -7.24
C PRO A 52 -4.35 -7.07 -8.66
N ALA A 53 -5.31 -7.11 -9.57
CA ALA A 53 -5.04 -7.36 -10.97
C ALA A 53 -4.18 -6.25 -11.51
N VAL A 54 -4.57 -5.05 -11.17
CA VAL A 54 -3.82 -3.89 -11.46
C VAL A 54 -3.16 -3.44 -10.16
N THR A 55 -1.88 -3.30 -10.19
CA THR A 55 -1.13 -2.95 -9.02
C THR A 55 -0.84 -1.45 -9.00
N LEU A 56 -0.29 -0.97 -7.89
CA LEU A 56 0.02 0.43 -7.73
C LEU A 56 1.06 0.88 -8.74
N MET A 57 0.86 2.04 -9.30
CA MET A 57 1.76 2.57 -10.29
C MET A 57 2.52 3.72 -9.70
N VAL A 58 3.69 3.42 -9.20
CA VAL A 58 4.56 4.41 -8.61
C VAL A 58 5.92 4.36 -9.32
N ASP A 59 6.80 5.23 -8.91
CA ASP A 59 8.15 5.32 -9.47
C ASP A 59 8.91 4.01 -9.29
N GLU A 60 9.65 3.62 -10.32
CA GLU A 60 10.44 2.36 -10.35
C GLU A 60 11.35 2.18 -9.13
N SER A 61 11.92 3.26 -8.64
CA SER A 61 12.88 3.14 -7.59
C SER A 61 12.26 3.54 -6.25
N CYS A 62 10.94 3.73 -6.24
CA CYS A 62 10.25 4.09 -5.02
C CYS A 62 10.05 2.87 -4.15
N TRP A 63 10.28 3.05 -2.87
CA TRP A 63 10.19 1.99 -1.87
C TRP A 63 8.80 1.35 -1.77
N LEU A 64 7.75 2.10 -2.11
CA LEU A 64 6.35 1.62 -1.97
C LEU A 64 6.10 0.32 -2.75
N ARG A 65 6.79 0.16 -3.85
CA ARG A 65 6.62 -1.02 -4.69
C ARG A 65 7.69 -2.06 -4.40
N MET A 66 8.59 -1.75 -3.48
CA MET A 66 9.69 -2.66 -3.15
C MET A 66 9.34 -3.50 -1.95
N LEU A 67 8.20 -3.20 -1.35
CA LEU A 67 7.67 -3.95 -0.26
C LEU A 67 6.69 -4.99 -0.79
N PRO A 68 6.67 -6.20 -0.22
CA PRO A 68 5.75 -7.25 -0.66
C PRO A 68 4.30 -6.83 -0.46
N GLN A 69 3.54 -6.84 -1.53
CA GLN A 69 2.15 -6.46 -1.50
C GLN A 69 1.29 -7.61 -0.97
N VAL A 70 0.50 -7.31 0.01
CA VAL A 70 -0.37 -8.27 0.62
C VAL A 70 -1.80 -7.81 0.47
N LEU A 71 -2.72 -8.74 0.53
CA LEU A 71 -4.12 -8.45 0.33
C LEU A 71 -4.74 -7.95 1.63
N THR A 72 -4.37 -8.55 2.75
CA THR A 72 -5.01 -8.21 4.01
C THR A 72 -4.26 -7.11 4.75
N GLU A 73 -4.99 -6.42 5.60
CA GLU A 73 -4.48 -5.29 6.37
C GLU A 73 -3.86 -5.79 7.67
N GLU A 74 -4.18 -7.01 8.04
CA GLU A 74 -3.64 -7.62 9.24
C GLU A 74 -2.24 -8.15 8.94
N ALA A 75 -2.01 -8.50 7.70
CA ALA A 75 -0.70 -8.96 7.27
C ALA A 75 0.17 -7.77 6.95
N ALA A 76 -0.48 -6.74 6.46
CA ALA A 76 0.17 -5.51 6.10
C ALA A 76 0.48 -4.72 7.31
N ASN A 77 1.58 -4.06 7.28
CA ASN A 77 1.94 -3.17 8.35
C ASN A 77 2.08 -1.77 7.83
N SER A 78 1.82 -1.61 6.56
CA SER A 78 1.84 -0.35 5.91
C SER A 78 0.85 -0.40 4.75
N GLU A 79 0.04 0.62 4.58
CA GLU A 79 -0.88 0.63 3.47
C GLU A 79 -0.75 1.93 2.71
N ILE A 80 -1.02 1.88 1.43
CA ILE A 80 -0.96 3.06 0.60
C ILE A 80 -2.37 3.43 0.21
N TYR A 81 -2.81 4.56 0.64
CA TYR A 81 -4.11 5.03 0.27
C TYR A 81 -3.96 6.36 -0.40
N ARG A 82 -4.92 6.72 -1.17
CA ARG A 82 -4.87 7.96 -1.88
C ARG A 82 -5.75 8.98 -1.18
N LYS A 83 -5.31 10.20 -1.20
CA LYS A 83 -6.02 11.29 -0.60
C LYS A 83 -5.48 12.57 -1.19
N ASP A 84 -6.37 13.38 -1.73
CA ASP A 84 -6.04 14.70 -2.32
C ASP A 84 -5.16 14.54 -3.55
N ASP A 85 -5.36 13.43 -4.29
CA ASP A 85 -4.64 13.12 -5.55
C ASP A 85 -3.21 12.66 -5.25
N ALA A 86 -2.94 12.43 -3.99
CA ALA A 86 -1.63 12.02 -3.56
C ALA A 86 -1.75 10.71 -2.79
N LEU A 87 -0.65 10.03 -2.64
CA LEU A 87 -0.64 8.77 -1.95
C LEU A 87 -0.05 8.96 -0.58
N TRP A 88 -0.65 8.34 0.37
CA TRP A 88 -0.22 8.42 1.73
C TRP A 88 0.02 7.00 2.24
N CYS A 89 1.13 6.81 2.89
CA CYS A 89 1.45 5.53 3.45
C CYS A 89 1.28 5.60 4.95
N ARG A 90 0.52 4.69 5.51
CA ARG A 90 0.35 4.66 6.94
C ARG A 90 0.64 3.30 7.48
N VAL A 91 1.16 3.27 8.67
CA VAL A 91 1.49 2.06 9.37
C VAL A 91 0.24 1.53 10.08
N THR A 92 -0.22 0.37 9.65
CA THR A 92 -1.42 -0.22 10.18
C THR A 92 -1.17 -0.95 11.50
N LYS A 93 0.00 -1.52 11.64
CA LYS A 93 0.35 -2.24 12.85
C LYS A 93 1.83 -2.07 13.12
N VAL A 94 2.20 -2.17 14.38
CA VAL A 94 3.55 -1.93 14.84
C VAL A 94 4.56 -2.86 14.16
N VAL A 95 5.60 -2.27 13.63
CA VAL A 95 6.64 -3.01 12.96
C VAL A 95 7.82 -3.14 13.91
N PRO A 96 8.30 -4.37 14.18
CA PRO A 96 9.45 -4.62 15.07
C PRO A 96 10.75 -3.98 14.57
N SER A 97 11.72 -3.89 15.46
CA SER A 97 13.04 -3.37 15.17
C SER A 97 13.75 -4.31 14.19
N GLY A 98 13.77 -3.96 12.92
CA GLY A 98 14.36 -4.81 11.94
C GLY A 98 13.32 -5.73 11.34
N GLY A 99 12.05 -5.39 11.55
CA GLY A 99 10.96 -6.17 11.02
C GLY A 99 10.70 -5.83 9.57
N LEU A 100 10.10 -6.73 8.85
CA LEU A 100 9.85 -6.54 7.44
C LEU A 100 8.46 -6.00 7.21
N LEU A 101 8.36 -5.12 6.28
CA LEU A 101 7.13 -4.47 5.96
C LEU A 101 6.42 -5.14 4.82
N TYR A 102 5.13 -5.06 4.88
CA TYR A 102 4.26 -5.57 3.86
C TYR A 102 3.30 -4.47 3.53
N VAL A 103 3.12 -4.20 2.27
CA VAL A 103 2.34 -3.08 1.84
C VAL A 103 0.93 -3.52 1.37
N ARG A 104 -0.06 -2.79 1.82
CA ARG A 104 -1.45 -3.01 1.45
C ARG A 104 -1.87 -1.94 0.45
N LEU A 105 -2.66 -2.31 -0.51
CA LEU A 105 -3.23 -1.35 -1.43
C LEU A 105 -4.63 -1.03 -0.95
N VAL A 106 -4.99 0.24 -1.03
CA VAL A 106 -6.32 0.70 -0.62
C VAL A 106 -7.43 -0.01 -1.42
N THR A 107 -8.53 -0.28 -0.77
CA THR A 107 -9.63 -0.94 -1.41
C THR A 107 -10.64 0.12 -1.86
N GLU A 108 -11.32 -0.16 -2.94
CA GLU A 108 -12.29 0.76 -3.47
C GLU A 108 -13.65 0.48 -2.83
N PRO A 109 -14.23 1.42 -2.06
CA PRO A 109 -15.52 1.25 -1.40
C PRO A 109 -16.61 0.86 -2.40
N HIS A 110 -17.25 -0.25 -2.15
CA HIS A 110 -18.25 -0.78 -3.05
C HIS A 110 -19.63 -0.28 -2.64
N GLY A 111 -20.02 -0.59 -1.44
CA GLY A 111 -21.33 -0.20 -0.96
C GLY A 111 -21.25 0.84 0.10
N ALA A 112 -21.07 2.07 -0.28
CA ALA A 112 -20.98 3.17 0.65
C ALA A 112 -22.11 4.17 0.35
N PRO A 113 -23.24 4.06 1.08
CA PRO A 113 -24.41 4.93 0.85
C PRO A 113 -24.10 6.40 1.11
N ARG A 114 -23.56 6.70 2.26
CA ARG A 114 -23.24 8.06 2.61
C ARG A 114 -21.77 8.26 2.64
N HIS A 115 -21.32 9.22 1.90
CA HIS A 115 -19.93 9.57 1.86
C HIS A 115 -19.80 11.00 2.38
N PRO A 116 -19.08 11.21 3.49
CA PRO A 116 -18.93 12.53 4.09
C PRO A 116 -18.17 13.48 3.18
N VAL A 117 -18.21 14.74 3.51
CA VAL A 117 -17.58 15.76 2.72
C VAL A 117 -16.07 15.70 2.93
N GLN A 118 -15.37 15.52 1.84
CA GLN A 118 -13.93 15.42 1.86
C GLN A 118 -13.29 16.66 1.24
N GLU A 119 -14.01 17.28 0.33
CA GLU A 119 -13.58 18.48 -0.32
C GLU A 119 -14.30 19.66 0.30
N PRO A 120 -13.58 20.59 0.93
CA PRO A 120 -14.21 21.76 1.53
C PRO A 120 -14.81 22.68 0.47
N VAL A 121 -15.93 23.31 0.78
CA VAL A 121 -16.56 24.24 -0.14
C VAL A 121 -15.62 25.42 -0.38
N GLU A 122 -15.31 25.64 -1.61
CA GLU A 122 -14.39 26.65 -2.01
C GLU A 122 -15.13 27.96 -2.25
N PRO A 123 -14.90 28.99 -1.44
CA PRO A 123 -15.53 30.31 -1.60
C PRO A 123 -14.75 31.15 -2.62
N GLY A 124 -14.19 30.48 -3.61
CA GLY A 124 -13.35 31.14 -4.57
C GLY A 124 -12.00 31.44 -3.96
N GLY A 125 -11.55 30.52 -3.13
CA GLY A 125 -10.32 30.70 -2.43
C GLY A 125 -9.17 30.07 -3.14
N LEU A 126 -8.08 30.80 -3.22
CA LEU A 126 -6.86 30.29 -3.85
C LEU A 126 -6.15 29.39 -2.88
N ALA A 127 -6.38 29.65 -1.63
CA ALA A 127 -5.89 28.86 -0.56
C ALA A 127 -7.05 28.04 -0.04
N PRO A 1 20.24 3.88 -3.38
CA PRO A 1 19.71 2.70 -4.01
C PRO A 1 18.21 2.83 -4.31
N TRP A 2 17.43 3.26 -3.33
CA TRP A 2 15.98 3.31 -3.49
C TRP A 2 15.47 4.65 -2.99
N SER A 3 14.29 5.03 -3.36
CA SER A 3 13.74 6.22 -2.81
C SER A 3 12.93 5.83 -1.59
N GLY A 4 13.63 5.67 -0.50
CA GLY A 4 13.02 5.26 0.72
C GLY A 4 13.20 6.30 1.79
N PRO A 5 12.39 6.27 2.82
CA PRO A 5 12.48 7.21 3.92
C PRO A 5 13.53 6.80 4.96
N GLU A 6 13.86 7.74 5.83
CA GLU A 6 14.85 7.54 6.89
C GLU A 6 14.42 6.49 7.92
N GLU A 7 13.16 6.19 7.96
CA GLU A 7 12.61 5.23 8.89
C GLU A 7 12.81 3.81 8.36
N LEU A 8 13.05 3.72 7.08
CA LEU A 8 13.09 2.46 6.39
C LEU A 8 14.49 2.15 5.87
N GLU A 9 14.75 0.88 5.65
CA GLU A 9 16.03 0.43 5.17
C GLU A 9 15.89 -0.73 4.18
N LEU A 10 16.48 -0.57 3.02
CA LEU A 10 16.56 -1.61 2.04
C LEU A 10 17.92 -2.26 2.26
N ALA A 11 17.92 -3.43 2.78
CA ALA A 11 19.14 -4.10 3.09
C ALA A 11 19.08 -5.52 2.66
N LEU A 12 20.23 -6.09 2.39
CA LEU A 12 20.30 -7.46 2.03
C LEU A 12 20.51 -8.30 3.23
N GLN A 13 19.45 -8.86 3.65
CA GLN A 13 19.44 -9.72 4.80
C GLN A 13 19.32 -11.12 4.30
N ASP A 14 20.26 -11.96 4.70
CA ASP A 14 20.33 -13.37 4.31
C ASP A 14 20.70 -13.48 2.81
N GLY A 15 21.13 -12.37 2.25
CA GLY A 15 21.52 -12.34 0.87
C GLY A 15 20.42 -11.85 -0.04
N GLN A 16 19.28 -11.50 0.51
CA GLN A 16 18.18 -11.06 -0.30
C GLN A 16 17.87 -9.62 -0.04
N ARG A 17 17.43 -8.91 -1.06
CA ARG A 17 17.06 -7.53 -0.89
C ARG A 17 15.73 -7.49 -0.21
N CYS A 18 15.68 -6.89 0.93
CA CYS A 18 14.46 -6.82 1.67
C CYS A 18 14.28 -5.45 2.28
N VAL A 19 13.04 -5.06 2.42
CA VAL A 19 12.70 -3.80 2.98
C VAL A 19 12.39 -4.02 4.44
N ARG A 20 13.24 -3.52 5.28
CA ARG A 20 13.06 -3.67 6.70
C ARG A 20 12.87 -2.32 7.34
N ALA A 21 12.28 -2.32 8.49
CA ALA A 21 12.14 -1.12 9.26
C ALA A 21 13.47 -0.83 9.97
N ARG A 22 14.02 0.36 9.76
CA ARG A 22 15.29 0.74 10.38
C ARG A 22 15.05 1.09 11.83
N LEU A 23 13.91 1.66 12.08
CA LEU A 23 13.45 1.97 13.40
C LEU A 23 12.08 1.35 13.53
N SER A 24 11.66 1.06 14.73
CA SER A 24 10.39 0.43 14.93
C SER A 24 9.22 1.34 14.53
N LEU A 25 8.53 0.95 13.50
CA LEU A 25 7.40 1.68 12.98
C LEU A 25 6.21 1.38 13.86
N THR A 26 5.43 2.38 14.15
CA THR A 26 4.29 2.18 15.01
C THR A 26 3.03 2.72 14.34
N GLU A 27 1.89 2.23 14.81
CA GLU A 27 0.59 2.61 14.30
C GLU A 27 0.40 4.11 14.42
N GLY A 28 0.08 4.75 13.33
CA GLY A 28 -0.17 6.16 13.36
C GLY A 28 0.92 6.96 12.70
N LEU A 29 2.03 6.31 12.46
CA LEU A 29 3.10 6.95 11.76
C LEU A 29 2.78 6.95 10.29
N SER A 30 2.71 8.10 9.71
CA SER A 30 2.43 8.21 8.33
C SER A 30 3.45 9.10 7.70
N TRP A 31 3.68 8.86 6.48
CA TRP A 31 4.61 9.65 5.74
C TRP A 31 3.87 10.71 4.97
N GLY A 32 4.59 11.59 4.32
CA GLY A 32 3.99 12.64 3.55
C GLY A 32 3.57 12.15 2.19
N PRO A 33 2.91 12.98 1.39
CA PRO A 33 2.41 12.58 0.08
C PRO A 33 3.51 12.31 -0.95
N PHE A 34 3.42 11.18 -1.61
CA PHE A 34 4.35 10.77 -2.63
C PHE A 34 3.66 10.88 -3.99
N TYR A 35 4.44 10.94 -5.06
CA TYR A 35 3.91 10.99 -6.40
C TYR A 35 3.57 9.62 -6.94
N GLY A 36 2.40 9.55 -7.48
CA GLY A 36 1.93 8.39 -8.14
C GLY A 36 0.45 8.46 -8.26
N SER A 37 -0.15 7.46 -8.80
CA SER A 37 -1.57 7.42 -8.90
C SER A 37 -2.11 6.02 -8.72
N ILE A 38 -3.08 5.90 -7.84
CA ILE A 38 -3.78 4.65 -7.69
C ILE A 38 -5.01 4.76 -8.56
N GLN A 39 -4.93 4.21 -9.73
CA GLN A 39 -6.03 4.29 -10.66
C GLN A 39 -7.15 3.39 -10.23
N THR A 40 -8.36 3.91 -10.28
CA THR A 40 -9.53 3.16 -9.96
C THR A 40 -9.70 2.10 -11.02
N ARG A 41 -9.56 0.89 -10.62
CA ARG A 41 -9.63 -0.24 -11.52
C ARG A 41 -10.70 -1.19 -11.01
N ALA A 42 -11.78 -0.63 -10.53
CA ALA A 42 -12.88 -1.41 -10.01
C ALA A 42 -13.81 -1.79 -11.14
N LEU A 43 -13.35 -2.71 -11.94
CA LEU A 43 -14.06 -3.19 -13.11
C LEU A 43 -13.76 -4.64 -13.32
N SER A 44 -14.45 -5.21 -14.23
CA SER A 44 -14.22 -6.56 -14.62
C SER A 44 -13.47 -6.49 -15.97
N PRO A 45 -12.41 -7.30 -16.17
CA PRO A 45 -11.62 -7.28 -17.38
C PRO A 45 -12.23 -8.23 -18.43
N GLU A 46 -11.43 -8.71 -19.36
CA GLU A 46 -11.92 -9.69 -20.32
C GLU A 46 -11.78 -11.09 -19.73
N ARG A 47 -11.14 -11.14 -18.58
CA ARG A 47 -10.97 -12.36 -17.81
C ARG A 47 -12.07 -12.40 -16.76
N GLU A 48 -12.12 -13.46 -15.99
CA GLU A 48 -13.15 -13.60 -14.98
C GLU A 48 -12.68 -12.89 -13.72
N GLU A 49 -11.51 -13.31 -13.27
CA GLU A 49 -10.89 -12.75 -12.09
C GLU A 49 -10.04 -11.56 -12.47
N PRO A 50 -10.32 -10.39 -11.91
CA PRO A 50 -9.46 -9.25 -12.10
C PRO A 50 -8.19 -9.41 -11.27
N GLY A 51 -8.39 -9.92 -10.04
CA GLY A 51 -7.31 -10.09 -9.13
C GLY A 51 -7.02 -8.75 -8.50
N PRO A 52 -5.79 -8.51 -8.03
CA PRO A 52 -5.37 -7.21 -7.56
C PRO A 52 -5.09 -6.29 -8.75
N ALA A 53 -6.16 -5.90 -9.42
CA ALA A 53 -6.11 -5.09 -10.61
C ALA A 53 -5.87 -3.64 -10.28
N VAL A 54 -6.16 -3.25 -9.06
CA VAL A 54 -5.91 -1.90 -8.62
C VAL A 54 -4.41 -1.76 -8.39
N THR A 55 -3.81 -0.86 -9.12
CA THR A 55 -2.38 -0.75 -9.12
C THR A 55 -1.93 0.63 -8.65
N LEU A 56 -0.90 0.64 -7.84
CA LEU A 56 -0.28 1.86 -7.39
C LEU A 56 0.82 2.28 -8.34
N MET A 57 0.47 3.08 -9.31
CA MET A 57 1.44 3.47 -10.30
C MET A 57 2.18 4.69 -9.81
N VAL A 58 3.18 4.43 -9.00
CA VAL A 58 3.97 5.46 -8.38
C VAL A 58 5.34 5.56 -9.05
N ASP A 59 6.16 6.51 -8.59
CA ASP A 59 7.53 6.72 -9.13
C ASP A 59 8.31 5.42 -9.18
N GLU A 60 9.08 5.23 -10.23
CA GLU A 60 9.83 4.00 -10.49
C GLU A 60 10.79 3.60 -9.37
N SER A 61 11.19 4.52 -8.53
CA SER A 61 12.09 4.19 -7.45
C SER A 61 11.42 4.36 -6.10
N CYS A 62 10.11 4.60 -6.11
CA CYS A 62 9.38 4.81 -4.88
C CYS A 62 9.27 3.51 -4.12
N TRP A 63 9.63 3.57 -2.86
CA TRP A 63 9.65 2.42 -1.97
C TRP A 63 8.29 1.69 -1.88
N LEU A 64 7.21 2.41 -2.10
CA LEU A 64 5.86 1.88 -1.98
C LEU A 64 5.62 0.74 -2.99
N ARG A 65 6.25 0.80 -4.15
CA ARG A 65 6.01 -0.20 -5.17
C ARG A 65 7.02 -1.33 -5.10
N MET A 66 7.93 -1.25 -4.18
CA MET A 66 8.93 -2.31 -4.05
C MET A 66 8.70 -3.09 -2.77
N LEU A 67 7.62 -2.76 -2.09
CA LEU A 67 7.20 -3.50 -0.93
C LEU A 67 6.46 -4.73 -1.42
N PRO A 68 6.58 -5.88 -0.75
CA PRO A 68 5.85 -7.08 -1.14
C PRO A 68 4.35 -6.90 -0.86
N GLN A 69 3.54 -7.11 -1.86
CA GLN A 69 2.13 -6.84 -1.76
C GLN A 69 1.37 -8.03 -1.22
N VAL A 70 0.43 -7.73 -0.38
CA VAL A 70 -0.44 -8.73 0.22
C VAL A 70 -1.88 -8.33 -0.04
N LEU A 71 -2.77 -9.29 -0.10
CA LEU A 71 -4.18 -9.00 -0.34
C LEU A 71 -4.94 -8.96 0.99
N THR A 72 -4.27 -9.35 2.03
CA THR A 72 -4.82 -9.33 3.35
C THR A 72 -4.19 -8.19 4.15
N GLU A 73 -5.01 -7.43 4.86
CA GLU A 73 -4.49 -6.30 5.64
C GLU A 73 -3.82 -6.78 6.92
N GLU A 74 -4.19 -7.97 7.35
CA GLU A 74 -3.65 -8.54 8.55
C GLU A 74 -2.16 -8.89 8.35
N ALA A 75 -1.80 -9.20 7.12
CA ALA A 75 -0.43 -9.54 6.80
C ALA A 75 0.39 -8.28 6.49
N ALA A 76 -0.31 -7.17 6.34
CA ALA A 76 0.30 -5.91 5.98
C ALA A 76 0.77 -5.18 7.21
N ASN A 77 1.70 -4.29 7.01
CA ASN A 77 2.20 -3.46 8.09
C ASN A 77 2.02 -2.00 7.75
N SER A 78 1.95 -1.71 6.47
CA SER A 78 1.76 -0.37 6.02
C SER A 78 0.62 -0.31 4.99
N GLU A 79 -0.28 0.60 5.18
CA GLU A 79 -1.38 0.77 4.28
C GLU A 79 -1.13 1.95 3.36
N ILE A 80 -1.17 1.68 2.08
CA ILE A 80 -0.95 2.68 1.07
C ILE A 80 -2.26 2.97 0.38
N TYR A 81 -2.61 4.20 0.40
CA TYR A 81 -3.86 4.67 -0.13
C TYR A 81 -3.61 6.01 -0.76
N ARG A 82 -4.57 6.49 -1.48
CA ARG A 82 -4.47 7.79 -2.01
C ARG A 82 -5.38 8.71 -1.23
N LYS A 83 -4.90 9.87 -0.97
CA LYS A 83 -5.65 10.87 -0.27
C LYS A 83 -5.38 12.17 -0.96
N ASP A 84 -6.45 12.80 -1.43
CA ASP A 84 -6.39 14.07 -2.21
C ASP A 84 -5.68 13.78 -3.54
N ASP A 85 -5.79 12.51 -3.93
CA ASP A 85 -5.11 11.89 -5.06
C ASP A 85 -3.63 12.15 -5.02
N ALA A 86 -3.02 11.56 -4.02
CA ALA A 86 -1.61 11.59 -3.74
C ALA A 86 -1.36 10.40 -2.87
N LEU A 87 -0.15 9.93 -2.81
CA LEU A 87 0.13 8.70 -2.09
C LEU A 87 0.54 8.94 -0.68
N TRP A 88 -0.10 8.26 0.21
CA TRP A 88 0.18 8.35 1.61
C TRP A 88 0.37 6.95 2.16
N CYS A 89 1.17 6.83 3.16
CA CYS A 89 1.48 5.55 3.75
C CYS A 89 1.43 5.64 5.25
N ARG A 90 0.48 4.94 5.85
CA ARG A 90 0.38 4.87 7.30
C ARG A 90 0.90 3.54 7.75
N VAL A 91 1.62 3.53 8.81
CA VAL A 91 2.00 2.32 9.44
C VAL A 91 0.78 1.86 10.22
N THR A 92 0.28 0.71 9.89
CA THR A 92 -0.96 0.27 10.44
C THR A 92 -0.72 -0.82 11.53
N LYS A 93 0.54 -1.16 11.75
CA LYS A 93 0.93 -2.15 12.75
C LYS A 93 2.18 -1.68 13.46
N VAL A 94 2.61 -2.42 14.43
CA VAL A 94 3.87 -2.14 15.09
C VAL A 94 4.92 -3.05 14.49
N VAL A 95 5.89 -2.47 13.85
CA VAL A 95 6.91 -3.20 13.16
C VAL A 95 8.22 -3.01 13.88
N PRO A 96 8.77 -4.06 14.51
CA PRO A 96 10.03 -3.97 15.21
C PRO A 96 11.19 -3.71 14.24
N SER A 97 12.11 -2.87 14.64
CA SER A 97 13.29 -2.56 13.83
C SER A 97 14.04 -3.84 13.43
N GLY A 98 14.23 -4.01 12.15
CA GLY A 98 14.86 -5.19 11.63
C GLY A 98 13.86 -6.11 10.98
N GLY A 99 12.59 -5.88 11.26
CA GLY A 99 11.53 -6.67 10.68
C GLY A 99 11.06 -6.06 9.38
N LEU A 100 10.37 -6.83 8.58
CA LEU A 100 9.93 -6.39 7.28
C LEU A 100 8.48 -5.93 7.33
N LEU A 101 8.06 -5.30 6.27
CA LEU A 101 6.73 -4.80 6.15
C LEU A 101 6.14 -5.18 4.80
N TYR A 102 4.85 -5.36 4.80
CA TYR A 102 4.11 -5.72 3.61
C TYR A 102 3.11 -4.62 3.31
N VAL A 103 2.85 -4.40 2.04
CA VAL A 103 2.02 -3.28 1.61
C VAL A 103 0.55 -3.70 1.37
N ARG A 104 -0.33 -2.95 2.00
CA ARG A 104 -1.75 -3.08 1.81
C ARG A 104 -2.22 -1.99 0.89
N LEU A 105 -2.65 -2.37 -0.29
CA LEU A 105 -3.20 -1.41 -1.21
C LEU A 105 -4.63 -1.19 -0.86
N VAL A 106 -4.92 0.00 -0.48
CA VAL A 106 -6.27 0.36 -0.18
C VAL A 106 -6.96 0.64 -1.49
N THR A 107 -7.78 -0.29 -1.90
CA THR A 107 -8.44 -0.25 -3.17
C THR A 107 -9.42 0.92 -3.25
N GLU A 108 -9.83 1.24 -4.43
CA GLU A 108 -10.67 2.36 -4.64
C GLU A 108 -12.01 1.89 -5.20
N PRO A 109 -13.07 1.86 -4.38
CA PRO A 109 -14.40 1.47 -4.82
C PRO A 109 -15.03 2.59 -5.66
N HIS A 110 -15.74 2.21 -6.68
CA HIS A 110 -16.34 3.16 -7.58
C HIS A 110 -17.84 3.27 -7.31
N GLY A 111 -18.54 2.15 -7.34
CA GLY A 111 -19.97 2.16 -7.17
C GLY A 111 -20.42 1.88 -5.76
N ALA A 112 -20.10 0.70 -5.27
CA ALA A 112 -20.50 0.28 -3.94
C ALA A 112 -19.39 0.54 -2.94
N PRO A 113 -19.61 1.44 -1.96
CA PRO A 113 -18.63 1.73 -0.93
C PRO A 113 -18.46 0.57 0.05
N ARG A 114 -17.40 -0.21 -0.16
CA ARG A 114 -17.01 -1.34 0.66
C ARG A 114 -18.10 -2.44 0.70
N HIS A 115 -18.94 -2.41 1.70
CA HIS A 115 -19.99 -3.39 1.89
C HIS A 115 -21.13 -2.72 2.59
N PRO A 116 -22.29 -2.66 1.97
CA PRO A 116 -23.46 -2.12 2.61
C PRO A 116 -24.12 -3.18 3.49
N VAL A 117 -24.99 -2.78 4.37
CA VAL A 117 -25.70 -3.74 5.22
C VAL A 117 -27.13 -3.86 4.69
N GLN A 118 -27.32 -3.20 3.55
CA GLN A 118 -28.58 -3.11 2.85
C GLN A 118 -29.61 -2.43 3.71
N GLU A 119 -29.27 -1.22 4.06
CA GLU A 119 -30.11 -0.35 4.84
C GLU A 119 -31.52 -0.26 4.21
N PRO A 120 -31.67 0.03 2.89
CA PRO A 120 -32.95 -0.13 2.23
C PRO A 120 -33.10 -1.59 1.85
N VAL A 121 -34.10 -2.25 2.40
CA VAL A 121 -34.27 -3.66 2.14
C VAL A 121 -35.74 -3.98 1.83
N GLU A 122 -36.56 -3.03 2.09
CA GLU A 122 -37.96 -3.13 1.85
C GLU A 122 -38.30 -2.40 0.55
N PRO A 123 -38.79 -3.12 -0.46
CA PRO A 123 -39.17 -2.53 -1.74
C PRO A 123 -40.40 -1.63 -1.62
N GLY A 124 -40.61 -0.80 -2.62
CA GLY A 124 -41.74 0.09 -2.62
C GLY A 124 -43.00 -0.59 -3.15
N GLY A 125 -43.31 -1.70 -2.55
CA GLY A 125 -44.47 -2.44 -2.92
C GLY A 125 -45.25 -2.77 -1.69
N LEU A 126 -46.43 -3.30 -1.84
CA LEU A 126 -47.24 -3.62 -0.69
C LEU A 126 -46.80 -4.93 -0.07
N ALA A 127 -46.82 -5.95 -0.86
CA ALA A 127 -46.41 -7.27 -0.45
C ALA A 127 -45.96 -8.02 -1.66
N PRO A 1 20.83 3.07 -0.71
CA PRO A 1 20.69 2.16 -1.83
C PRO A 1 19.25 2.16 -2.38
N TRP A 2 18.47 3.18 -2.07
CA TRP A 2 17.11 3.28 -2.54
C TRP A 2 16.63 4.68 -2.24
N SER A 3 15.52 5.04 -2.76
CA SER A 3 14.93 6.29 -2.44
C SER A 3 13.73 6.03 -1.56
N GLY A 4 13.98 6.01 -0.28
CA GLY A 4 12.94 5.74 0.66
C GLY A 4 13.16 6.51 1.92
N PRO A 5 12.32 6.31 2.93
CA PRO A 5 12.41 7.04 4.18
C PRO A 5 13.55 6.52 5.05
N GLU A 6 13.98 7.36 5.94
CA GLU A 6 15.08 7.11 6.82
C GLU A 6 14.67 6.19 7.99
N GLU A 7 13.38 6.06 8.21
CA GLU A 7 12.84 5.23 9.27
C GLU A 7 12.96 3.78 8.83
N LEU A 8 13.08 3.63 7.54
CA LEU A 8 13.16 2.37 6.88
C LEU A 8 14.56 2.15 6.36
N GLU A 9 14.89 0.91 6.10
CA GLU A 9 16.16 0.54 5.54
C GLU A 9 16.00 -0.50 4.48
N LEU A 10 16.63 -0.26 3.37
CA LEU A 10 16.73 -1.25 2.36
C LEU A 10 17.98 -2.03 2.72
N ALA A 11 17.78 -3.13 3.35
CA ALA A 11 18.87 -3.92 3.81
C ALA A 11 18.89 -5.22 3.10
N LEU A 12 20.05 -5.71 2.84
CA LEU A 12 20.18 -6.96 2.16
C LEU A 12 20.39 -8.06 3.13
N GLN A 13 19.57 -9.04 3.02
CA GLN A 13 19.69 -10.20 3.80
C GLN A 13 20.23 -11.27 2.90
N ASP A 14 21.54 -11.35 2.92
CA ASP A 14 22.37 -12.27 2.13
C ASP A 14 21.83 -12.54 0.73
N GLY A 15 21.97 -11.56 -0.13
CA GLY A 15 21.54 -11.69 -1.50
C GLY A 15 20.17 -11.11 -1.78
N GLN A 16 19.37 -10.90 -0.75
CA GLN A 16 18.02 -10.40 -0.96
C GLN A 16 17.84 -9.00 -0.42
N ARG A 17 17.42 -8.09 -1.28
CA ARG A 17 17.11 -6.73 -0.87
C ARG A 17 15.75 -6.72 -0.23
N CYS A 18 15.67 -6.26 0.98
CA CYS A 18 14.41 -6.22 1.67
C CYS A 18 14.23 -4.90 2.40
N VAL A 19 13.04 -4.39 2.35
CA VAL A 19 12.70 -3.19 3.05
C VAL A 19 12.32 -3.56 4.47
N ARG A 20 13.13 -3.18 5.40
CA ARG A 20 12.89 -3.51 6.78
C ARG A 20 12.92 -2.29 7.63
N ALA A 21 12.28 -2.39 8.76
CA ALA A 21 12.19 -1.33 9.72
C ALA A 21 13.54 -1.09 10.37
N ARG A 22 14.05 0.12 10.24
CA ARG A 22 15.26 0.49 10.93
C ARG A 22 14.85 0.96 12.28
N LEU A 23 13.92 1.87 12.27
CA LEU A 23 13.28 2.33 13.45
C LEU A 23 12.02 1.53 13.57
N SER A 24 11.55 1.35 14.75
CA SER A 24 10.37 0.59 14.95
C SER A 24 9.15 1.43 14.56
N LEU A 25 8.50 1.05 13.48
CA LEU A 25 7.33 1.76 13.00
C LEU A 25 6.18 1.53 13.94
N THR A 26 5.72 2.60 14.52
CA THR A 26 4.67 2.54 15.47
C THR A 26 3.32 2.84 14.83
N GLU A 27 2.29 2.39 15.51
CA GLU A 27 0.91 2.57 15.11
C GLU A 27 0.56 4.05 14.88
N GLY A 28 -0.03 4.34 13.75
CA GLY A 28 -0.49 5.67 13.46
C GLY A 28 0.54 6.51 12.73
N LEU A 29 1.80 6.11 12.80
CA LEU A 29 2.88 6.86 12.17
C LEU A 29 2.70 6.85 10.67
N SER A 30 2.76 8.00 10.08
CA SER A 30 2.53 8.14 8.69
C SER A 30 3.57 9.06 8.06
N TRP A 31 3.70 8.97 6.78
CA TRP A 31 4.59 9.81 6.01
C TRP A 31 3.79 10.81 5.21
N GLY A 32 4.51 11.68 4.52
CA GLY A 32 3.91 12.69 3.69
C GLY A 32 3.44 12.14 2.34
N PRO A 33 3.01 13.02 1.43
CA PRO A 33 2.45 12.61 0.14
C PRO A 33 3.50 12.16 -0.87
N PHE A 34 3.33 10.97 -1.39
CA PHE A 34 4.19 10.43 -2.41
C PHE A 34 3.47 10.55 -3.74
N TYR A 35 4.17 10.32 -4.81
CA TYR A 35 3.59 10.40 -6.12
C TYR A 35 3.40 9.03 -6.71
N GLY A 36 2.26 8.83 -7.29
CA GLY A 36 1.91 7.60 -7.89
C GLY A 36 0.42 7.47 -7.95
N SER A 37 -0.08 6.41 -8.49
CA SER A 37 -1.49 6.22 -8.56
C SER A 37 -1.89 4.78 -8.25
N ILE A 38 -3.03 4.63 -7.62
CA ILE A 38 -3.54 3.32 -7.30
C ILE A 38 -4.72 3.06 -8.19
N GLN A 39 -4.76 1.89 -8.77
CA GLN A 39 -5.83 1.52 -9.65
C GLN A 39 -6.91 0.81 -8.86
N THR A 40 -7.93 1.56 -8.51
CA THR A 40 -9.04 1.02 -7.80
C THR A 40 -9.91 0.23 -8.74
N ARG A 41 -10.07 -1.04 -8.42
CA ARG A 41 -10.80 -1.99 -9.23
C ARG A 41 -10.04 -2.27 -10.52
N ALA A 42 -9.19 -3.25 -10.47
CA ALA A 42 -8.36 -3.62 -11.58
C ALA A 42 -8.28 -5.13 -11.61
N LEU A 43 -7.76 -5.68 -12.72
CA LEU A 43 -7.59 -7.12 -12.89
C LEU A 43 -8.93 -7.85 -12.69
N SER A 44 -8.88 -9.06 -12.24
CA SER A 44 -10.08 -9.75 -11.90
C SER A 44 -9.98 -10.25 -10.46
N PRO A 45 -10.71 -9.61 -9.52
CA PRO A 45 -10.80 -10.07 -8.14
C PRO A 45 -12.08 -10.89 -7.87
N GLU A 46 -13.05 -10.78 -8.75
CA GLU A 46 -14.31 -11.49 -8.57
C GLU A 46 -14.24 -12.84 -9.23
N ARG A 47 -13.36 -12.94 -10.20
CA ARG A 47 -13.11 -14.14 -10.93
C ARG A 47 -11.63 -14.22 -11.11
N GLU A 48 -11.08 -15.43 -11.13
CA GLU A 48 -9.64 -15.67 -11.36
C GLU A 48 -8.74 -15.15 -10.22
N GLU A 49 -7.54 -15.67 -10.13
CA GLU A 49 -6.60 -15.24 -9.15
C GLU A 49 -5.26 -14.90 -9.81
N PRO A 50 -5.05 -13.63 -10.17
CA PRO A 50 -3.79 -13.18 -10.74
C PRO A 50 -2.74 -13.00 -9.65
N GLY A 51 -3.23 -12.80 -8.45
CA GLY A 51 -2.42 -12.52 -7.31
C GLY A 51 -3.01 -11.34 -6.58
N PRO A 52 -2.22 -10.30 -6.30
CA PRO A 52 -2.76 -9.07 -5.74
C PRO A 52 -3.72 -8.41 -6.74
N ALA A 53 -4.97 -8.28 -6.36
CA ALA A 53 -6.01 -7.77 -7.25
C ALA A 53 -5.90 -6.27 -7.48
N VAL A 54 -5.30 -5.58 -6.55
CA VAL A 54 -5.16 -4.14 -6.67
C VAL A 54 -3.85 -3.85 -7.38
N THR A 55 -3.85 -2.91 -8.28
CA THR A 55 -2.66 -2.60 -9.03
C THR A 55 -2.17 -1.20 -8.66
N LEU A 56 -0.88 -1.05 -8.52
CA LEU A 56 -0.30 0.23 -8.30
C LEU A 56 0.45 0.70 -9.54
N MET A 57 0.26 1.94 -9.86
CA MET A 57 0.95 2.57 -10.96
C MET A 57 1.84 3.62 -10.37
N VAL A 58 3.01 3.20 -9.97
CA VAL A 58 3.95 4.10 -9.37
C VAL A 58 5.29 3.92 -10.05
N ASP A 59 6.11 4.93 -9.96
CA ASP A 59 7.43 4.90 -10.55
C ASP A 59 8.27 3.77 -10.04
N GLU A 60 9.13 3.27 -10.90
CA GLU A 60 9.98 2.11 -10.67
C GLU A 60 10.75 2.23 -9.36
N SER A 61 11.31 3.40 -9.13
CA SER A 61 12.13 3.63 -7.97
C SER A 61 11.32 4.14 -6.76
N CYS A 62 10.00 4.07 -6.82
CA CYS A 62 9.19 4.47 -5.68
C CYS A 62 9.24 3.36 -4.65
N TRP A 63 9.58 3.70 -3.42
CA TRP A 63 9.80 2.71 -2.36
C TRP A 63 8.56 1.86 -2.08
N LEU A 64 7.40 2.41 -2.33
CA LEU A 64 6.13 1.74 -2.05
C LEU A 64 5.93 0.46 -2.86
N ARG A 65 6.57 0.36 -4.01
CA ARG A 65 6.46 -0.86 -4.81
C ARG A 65 7.60 -1.81 -4.54
N MET A 66 8.47 -1.42 -3.63
CA MET A 66 9.62 -2.23 -3.26
C MET A 66 9.25 -3.16 -2.11
N LEU A 67 8.06 -2.96 -1.59
CA LEU A 67 7.50 -3.81 -0.56
C LEU A 67 6.58 -4.80 -1.25
N PRO A 68 6.51 -6.06 -0.78
CA PRO A 68 5.62 -7.07 -1.36
C PRO A 68 4.16 -6.75 -1.06
N GLN A 69 3.33 -6.79 -2.10
CA GLN A 69 1.91 -6.51 -1.96
C GLN A 69 1.18 -7.69 -1.34
N VAL A 70 0.33 -7.38 -0.42
CA VAL A 70 -0.48 -8.37 0.23
C VAL A 70 -1.95 -8.07 0.03
N LEU A 71 -2.69 -9.09 -0.32
CA LEU A 71 -4.12 -8.97 -0.50
C LEU A 71 -4.81 -8.73 0.83
N THR A 72 -4.32 -9.36 1.86
CA THR A 72 -4.89 -9.25 3.14
C THR A 72 -4.31 -8.06 3.89
N GLU A 73 -5.18 -7.31 4.51
CA GLU A 73 -4.84 -6.12 5.25
C GLU A 73 -4.16 -6.53 6.56
N GLU A 74 -4.53 -7.71 7.02
CA GLU A 74 -3.98 -8.29 8.23
C GLU A 74 -2.52 -8.68 8.02
N ALA A 75 -2.14 -8.89 6.78
CA ALA A 75 -0.79 -9.28 6.43
C ALA A 75 0.03 -8.06 6.09
N ALA A 76 -0.59 -6.91 6.19
CA ALA A 76 0.07 -5.67 5.91
C ALA A 76 0.40 -4.98 7.19
N ASN A 77 1.43 -4.17 7.14
CA ASN A 77 1.82 -3.40 8.32
C ASN A 77 1.64 -1.93 8.04
N SER A 78 1.50 -1.61 6.79
CA SER A 78 1.34 -0.27 6.36
C SER A 78 0.41 -0.22 5.16
N GLU A 79 -0.59 0.60 5.24
CA GLU A 79 -1.51 0.75 4.16
C GLU A 79 -1.26 2.07 3.45
N ILE A 80 -1.38 2.05 2.16
CA ILE A 80 -1.16 3.21 1.35
C ILE A 80 -2.46 3.56 0.64
N TYR A 81 -2.96 4.69 0.95
CA TYR A 81 -4.16 5.14 0.33
C TYR A 81 -3.85 6.37 -0.47
N ARG A 82 -4.70 6.67 -1.40
CA ARG A 82 -4.51 7.85 -2.19
C ARG A 82 -5.44 8.93 -1.67
N LYS A 83 -4.93 10.10 -1.60
CA LYS A 83 -5.67 11.25 -1.15
C LYS A 83 -5.01 12.46 -1.72
N ASP A 84 -5.81 13.36 -2.29
CA ASP A 84 -5.33 14.61 -2.93
C ASP A 84 -4.54 14.25 -4.18
N ASP A 85 -4.81 13.02 -4.68
CA ASP A 85 -4.14 12.38 -5.82
C ASP A 85 -2.71 12.01 -5.51
N ALA A 86 -2.38 12.04 -4.24
CA ALA A 86 -1.07 11.66 -3.79
C ALA A 86 -1.21 10.40 -2.98
N LEU A 87 -0.13 9.72 -2.73
CA LEU A 87 -0.16 8.51 -1.96
C LEU A 87 0.30 8.78 -0.56
N TRP A 88 -0.40 8.21 0.38
CA TRP A 88 -0.10 8.38 1.78
C TRP A 88 0.09 7.02 2.43
N CYS A 89 1.21 6.84 3.07
CA CYS A 89 1.53 5.60 3.74
C CYS A 89 1.35 5.77 5.23
N ARG A 90 0.53 4.92 5.82
CA ARG A 90 0.33 4.95 7.26
C ARG A 90 0.60 3.58 7.83
N VAL A 91 1.25 3.56 8.95
CA VAL A 91 1.58 2.31 9.62
C VAL A 91 0.45 1.94 10.57
N THR A 92 -0.13 0.78 10.38
CA THR A 92 -1.26 0.35 11.16
C THR A 92 -0.89 -0.81 12.10
N LYS A 93 0.37 -1.19 12.10
CA LYS A 93 0.83 -2.28 12.93
C LYS A 93 2.08 -1.86 13.69
N VAL A 94 2.49 -2.67 14.63
CA VAL A 94 3.72 -2.44 15.34
C VAL A 94 4.82 -3.20 14.63
N VAL A 95 5.69 -2.50 13.96
CA VAL A 95 6.76 -3.14 13.21
C VAL A 95 8.06 -3.00 13.99
N PRO A 96 8.60 -4.11 14.52
CA PRO A 96 9.86 -4.08 15.25
C PRO A 96 11.04 -3.83 14.32
N SER A 97 12.11 -3.27 14.86
CA SER A 97 13.29 -3.00 14.07
C SER A 97 13.92 -4.30 13.62
N GLY A 98 14.14 -4.42 12.33
CA GLY A 98 14.66 -5.62 11.76
C GLY A 98 13.59 -6.42 11.06
N GLY A 99 12.34 -6.12 11.37
CA GLY A 99 11.24 -6.82 10.77
C GLY A 99 10.83 -6.21 9.46
N LEU A 100 10.15 -6.98 8.64
CA LEU A 100 9.69 -6.49 7.35
C LEU A 100 8.27 -5.98 7.45
N LEU A 101 7.88 -5.25 6.46
CA LEU A 101 6.55 -4.73 6.37
C LEU A 101 6.02 -4.96 4.98
N TYR A 102 4.74 -5.20 4.89
CA TYR A 102 4.10 -5.48 3.63
C TYR A 102 3.15 -4.36 3.28
N VAL A 103 2.96 -4.15 1.99
CA VAL A 103 2.18 -3.02 1.50
C VAL A 103 0.74 -3.42 1.14
N ARG A 104 -0.21 -2.66 1.65
CA ARG A 104 -1.61 -2.80 1.30
C ARG A 104 -2.07 -1.50 0.69
N LEU A 105 -2.67 -1.59 -0.44
CA LEU A 105 -3.21 -0.44 -1.11
C LEU A 105 -4.63 -0.24 -0.64
N VAL A 106 -5.13 0.99 -0.71
CA VAL A 106 -6.50 1.34 -0.31
C VAL A 106 -7.55 0.32 -0.81
N THR A 107 -8.53 0.05 0.02
CA THR A 107 -9.55 -0.88 -0.29
C THR A 107 -10.62 -0.24 -1.20
N GLU A 108 -11.70 -0.98 -1.40
CA GLU A 108 -12.85 -0.55 -2.18
C GLU A 108 -13.40 0.75 -1.56
N PRO A 109 -14.11 1.61 -2.35
CA PRO A 109 -14.65 2.91 -1.88
C PRO A 109 -15.38 2.84 -0.52
N HIS A 110 -16.02 1.74 -0.27
CA HIS A 110 -16.63 1.48 1.00
C HIS A 110 -16.19 0.10 1.45
N GLY A 111 -15.03 0.03 2.05
CA GLY A 111 -14.50 -1.26 2.43
C GLY A 111 -13.54 -1.14 3.57
N ALA A 112 -13.98 -0.42 4.59
CA ALA A 112 -13.26 -0.19 5.83
C ALA A 112 -14.08 0.79 6.64
N PRO A 113 -14.37 0.49 7.92
CA PRO A 113 -15.03 1.47 8.79
C PRO A 113 -14.04 2.57 9.14
N ARG A 114 -12.89 2.11 9.58
CA ARG A 114 -11.74 2.87 9.95
C ARG A 114 -10.79 1.84 10.48
N HIS A 115 -9.52 2.05 10.39
CA HIS A 115 -8.60 1.09 10.96
C HIS A 115 -8.16 1.52 12.34
N PRO A 116 -8.07 0.54 13.28
CA PRO A 116 -7.81 0.74 14.72
C PRO A 116 -6.84 1.85 15.07
N VAL A 117 -7.38 2.99 15.41
CA VAL A 117 -6.60 4.09 15.88
C VAL A 117 -6.72 4.18 17.39
N GLN A 118 -5.71 3.70 18.08
CA GLN A 118 -5.71 3.71 19.52
C GLN A 118 -5.53 5.11 20.07
N GLU A 119 -6.66 5.79 20.26
CA GLU A 119 -6.66 7.08 20.90
C GLU A 119 -6.16 6.92 22.34
N PRO A 120 -6.72 5.97 23.14
CA PRO A 120 -6.07 5.57 24.37
C PRO A 120 -4.73 4.93 23.99
N VAL A 121 -3.64 5.48 24.46
CA VAL A 121 -2.32 4.99 24.08
C VAL A 121 -1.99 3.70 24.87
N GLU A 122 -2.92 3.32 25.71
CA GLU A 122 -2.84 2.10 26.46
C GLU A 122 -3.06 0.96 25.46
N PRO A 123 -2.09 0.03 25.34
CA PRO A 123 -2.17 -1.08 24.39
C PRO A 123 -3.37 -1.97 24.68
N GLY A 124 -4.31 -2.01 23.75
CA GLY A 124 -5.48 -2.84 23.92
C GLY A 124 -5.68 -3.78 22.76
N GLY A 125 -5.65 -3.24 21.57
CA GLY A 125 -5.84 -4.03 20.39
C GLY A 125 -4.59 -4.06 19.57
N LEU A 126 -3.85 -5.14 19.69
CA LEU A 126 -2.62 -5.32 18.98
C LEU A 126 -2.80 -6.44 17.97
N ALA A 127 -1.84 -6.59 17.10
CA ALA A 127 -1.84 -7.64 16.12
C ALA A 127 -0.41 -8.06 15.91
N PRO A 1 21.03 5.35 -0.27
CA PRO A 1 21.33 4.13 -1.00
C PRO A 1 20.20 3.72 -1.95
N TRP A 2 19.03 3.43 -1.40
CA TRP A 2 17.93 2.87 -2.21
C TRP A 2 16.82 3.89 -2.47
N SER A 3 17.01 5.10 -1.97
CA SER A 3 16.02 6.16 -2.07
C SER A 3 14.72 5.80 -1.35
N GLY A 4 14.77 5.88 -0.05
CA GLY A 4 13.65 5.57 0.77
C GLY A 4 13.67 6.42 2.00
N PRO A 5 12.66 6.38 2.85
CA PRO A 5 12.62 7.18 4.08
C PRO A 5 13.56 6.60 5.16
N GLU A 6 13.89 7.42 6.13
CA GLU A 6 14.86 7.09 7.15
C GLU A 6 14.34 6.13 8.23
N GLU A 7 13.09 5.74 8.11
CA GLU A 7 12.50 4.78 9.05
C GLU A 7 12.75 3.39 8.53
N LEU A 8 12.93 3.31 7.25
CA LEU A 8 13.05 2.07 6.56
C LEU A 8 14.49 1.67 6.35
N GLU A 9 14.69 0.45 5.94
CA GLU A 9 16.00 -0.07 5.64
C GLU A 9 15.92 -1.15 4.57
N LEU A 10 16.72 -0.99 3.54
CA LEU A 10 16.86 -2.00 2.53
C LEU A 10 18.02 -2.83 2.97
N ALA A 11 17.79 -4.07 3.21
CA ALA A 11 18.83 -4.92 3.67
C ALA A 11 19.02 -6.06 2.71
N LEU A 12 20.24 -6.35 2.42
CA LEU A 12 20.56 -7.50 1.63
C LEU A 12 20.55 -8.67 2.55
N GLN A 13 19.49 -9.40 2.48
CA GLN A 13 19.28 -10.52 3.33
C GLN A 13 19.39 -11.74 2.49
N ASP A 14 20.34 -12.61 2.82
CA ASP A 14 20.54 -13.88 2.09
C ASP A 14 21.03 -13.60 0.66
N GLY A 15 21.53 -12.40 0.47
CA GLY A 15 22.05 -11.99 -0.80
C GLY A 15 21.02 -11.31 -1.68
N GLN A 16 19.79 -11.26 -1.23
CA GLN A 16 18.76 -10.65 -2.04
C GLN A 16 18.24 -9.40 -1.36
N ARG A 17 17.38 -8.69 -2.03
CA ARG A 17 16.82 -7.49 -1.51
C ARG A 17 15.65 -7.79 -0.60
N CYS A 18 15.61 -7.13 0.51
CA CYS A 18 14.53 -7.25 1.43
C CYS A 18 14.37 -5.89 2.08
N VAL A 19 13.17 -5.56 2.44
CA VAL A 19 12.92 -4.26 3.00
C VAL A 19 12.35 -4.43 4.38
N ARG A 20 12.90 -3.73 5.31
CA ARG A 20 12.48 -3.81 6.67
C ARG A 20 12.33 -2.44 7.25
N ALA A 21 11.75 -2.39 8.40
CA ALA A 21 11.66 -1.19 9.15
C ALA A 21 12.80 -1.23 10.14
N ARG A 22 13.68 -0.26 10.07
CA ARG A 22 14.81 -0.25 10.98
C ARG A 22 14.35 0.32 12.28
N LEU A 23 13.54 1.33 12.17
CA LEU A 23 12.92 1.95 13.31
C LEU A 23 11.58 1.31 13.47
N SER A 24 11.13 1.16 14.70
CA SER A 24 9.84 0.58 14.96
C SER A 24 8.76 1.50 14.44
N LEU A 25 7.98 1.02 13.50
CA LEU A 25 6.91 1.79 12.95
C LEU A 25 5.79 1.81 13.94
N THR A 26 5.65 2.94 14.58
CA THR A 26 4.71 3.13 15.63
C THR A 26 3.32 3.45 15.10
N GLU A 27 2.31 3.13 15.89
CA GLU A 27 0.93 3.35 15.52
C GLU A 27 0.65 4.84 15.38
N GLY A 28 0.16 5.24 14.24
CA GLY A 28 -0.13 6.63 14.04
C GLY A 28 0.94 7.32 13.24
N LEU A 29 2.04 6.63 13.04
CA LEU A 29 3.10 7.15 12.22
C LEU A 29 2.68 7.02 10.79
N SER A 30 3.02 7.96 9.98
CA SER A 30 2.71 7.92 8.59
C SER A 30 3.78 8.67 7.86
N TRP A 31 3.75 8.60 6.58
CA TRP A 31 4.63 9.35 5.76
C TRP A 31 3.84 10.36 4.98
N GLY A 32 4.51 11.31 4.40
CA GLY A 32 3.84 12.34 3.65
C GLY A 32 3.29 11.87 2.31
N PRO A 33 2.70 12.77 1.54
CA PRO A 33 2.09 12.43 0.26
C PRO A 33 3.11 12.08 -0.82
N PHE A 34 2.86 11.01 -1.51
CA PHE A 34 3.70 10.57 -2.58
C PHE A 34 2.96 10.78 -3.88
N TYR A 35 3.68 10.98 -4.94
CA TYR A 35 3.09 11.21 -6.23
C TYR A 35 3.04 9.90 -6.99
N GLY A 36 1.87 9.49 -7.35
CA GLY A 36 1.68 8.28 -8.07
C GLY A 36 0.22 7.95 -8.12
N SER A 37 -0.13 6.77 -8.53
CA SER A 37 -1.52 6.42 -8.59
C SER A 37 -1.79 4.95 -8.30
N ILE A 38 -2.77 4.68 -7.50
CA ILE A 38 -3.25 3.34 -7.31
C ILE A 38 -4.29 3.13 -8.39
N GLN A 39 -3.91 2.45 -9.43
CA GLN A 39 -4.80 2.30 -10.54
C GLN A 39 -5.53 0.99 -10.39
N THR A 40 -6.71 1.06 -9.89
CA THR A 40 -7.55 -0.07 -9.70
C THR A 40 -8.33 -0.34 -10.99
N ARG A 41 -8.64 -1.63 -11.24
CA ARG A 41 -9.47 -2.03 -12.38
C ARG A 41 -8.75 -1.67 -13.70
N ALA A 42 -7.43 -1.83 -13.71
CA ALA A 42 -6.59 -1.46 -14.86
C ALA A 42 -6.35 -2.64 -15.78
N LEU A 43 -7.08 -3.66 -15.56
CA LEU A 43 -6.94 -4.88 -16.28
C LEU A 43 -8.26 -5.62 -16.22
N SER A 44 -8.53 -6.42 -17.22
CA SER A 44 -9.74 -7.20 -17.28
C SER A 44 -9.81 -8.17 -16.07
N PRO A 45 -10.97 -8.23 -15.39
CA PRO A 45 -11.15 -8.95 -14.09
C PRO A 45 -10.77 -10.44 -14.05
N GLU A 46 -10.72 -11.08 -15.19
CA GLU A 46 -10.37 -12.50 -15.22
C GLU A 46 -8.86 -12.67 -15.39
N ARG A 47 -8.20 -11.62 -15.77
CA ARG A 47 -6.80 -11.64 -16.06
C ARG A 47 -5.99 -11.02 -14.94
N GLU A 48 -4.71 -11.38 -14.92
CA GLU A 48 -3.67 -10.90 -14.00
C GLU A 48 -2.35 -11.56 -14.33
N GLU A 49 -1.70 -11.05 -15.37
CA GLU A 49 -0.43 -11.59 -15.80
C GLU A 49 0.75 -10.65 -15.46
N PRO A 50 0.76 -9.35 -15.95
CA PRO A 50 1.91 -8.45 -15.75
C PRO A 50 1.86 -7.76 -14.39
N GLY A 51 0.97 -8.21 -13.59
CA GLY A 51 0.77 -7.68 -12.28
C GLY A 51 -0.67 -7.83 -11.91
N PRO A 52 -1.11 -7.19 -10.83
CA PRO A 52 -2.50 -7.25 -10.41
C PRO A 52 -3.38 -6.28 -11.22
N ALA A 53 -4.69 -6.42 -11.09
CA ALA A 53 -5.63 -5.53 -11.78
C ALA A 53 -5.63 -4.17 -11.12
N VAL A 54 -5.21 -4.16 -9.88
CA VAL A 54 -4.95 -2.94 -9.19
C VAL A 54 -3.43 -2.77 -9.18
N THR A 55 -2.97 -1.74 -9.79
CA THR A 55 -1.55 -1.57 -9.96
C THR A 55 -1.08 -0.27 -9.33
N LEU A 56 0.02 -0.34 -8.62
CA LEU A 56 0.62 0.83 -8.08
C LEU A 56 1.50 1.52 -9.11
N MET A 57 0.97 2.56 -9.69
CA MET A 57 1.68 3.29 -10.68
C MET A 57 2.51 4.33 -10.01
N VAL A 58 3.74 3.99 -9.78
CA VAL A 58 4.72 4.85 -9.20
C VAL A 58 5.96 4.70 -10.04
N ASP A 59 6.95 5.51 -9.85
CA ASP A 59 8.13 5.40 -10.69
C ASP A 59 9.04 4.25 -10.25
N GLU A 60 10.00 3.95 -11.09
CA GLU A 60 10.95 2.85 -10.89
C GLU A 60 11.76 3.01 -9.59
N SER A 61 12.06 4.22 -9.22
CA SER A 61 12.88 4.46 -8.07
C SER A 61 12.04 4.76 -6.82
N CYS A 62 10.74 4.58 -6.94
CA CYS A 62 9.85 4.79 -5.82
C CYS A 62 9.82 3.55 -4.93
N TRP A 63 10.12 3.77 -3.66
CA TRP A 63 10.24 2.70 -2.66
C TRP A 63 8.92 1.91 -2.47
N LEU A 64 7.80 2.54 -2.82
CA LEU A 64 6.47 1.93 -2.65
C LEU A 64 6.32 0.64 -3.46
N ARG A 65 6.98 0.55 -4.60
CA ARG A 65 6.89 -0.66 -5.42
C ARG A 65 8.04 -1.59 -5.11
N MET A 66 8.86 -1.21 -4.16
CA MET A 66 10.00 -2.01 -3.77
C MET A 66 9.64 -2.84 -2.55
N LEU A 67 8.42 -2.69 -2.13
CA LEU A 67 7.92 -3.38 -0.97
C LEU A 67 7.15 -4.62 -1.43
N PRO A 68 7.10 -5.68 -0.61
CA PRO A 68 6.31 -6.86 -0.91
C PRO A 68 4.81 -6.53 -0.82
N GLN A 69 4.07 -6.78 -1.89
CA GLN A 69 2.65 -6.43 -1.94
C GLN A 69 1.80 -7.45 -1.25
N VAL A 70 0.83 -6.97 -0.51
CA VAL A 70 -0.11 -7.81 0.20
C VAL A 70 -1.52 -7.27 0.05
N LEU A 71 -2.49 -8.15 0.04
CA LEU A 71 -3.89 -7.77 0.01
C LEU A 71 -4.48 -7.90 1.40
N THR A 72 -3.74 -8.56 2.26
CA THR A 72 -4.16 -8.77 3.60
C THR A 72 -3.51 -7.76 4.55
N GLU A 73 -4.29 -7.19 5.43
CA GLU A 73 -3.78 -6.21 6.37
C GLU A 73 -3.16 -6.89 7.56
N GLU A 74 -3.28 -8.19 7.60
CA GLU A 74 -2.72 -8.99 8.65
C GLU A 74 -1.21 -9.03 8.52
N ALA A 75 -0.74 -8.91 7.29
CA ALA A 75 0.68 -8.87 7.02
C ALA A 75 1.15 -7.44 6.83
N ALA A 76 0.24 -6.59 6.40
CA ALA A 76 0.54 -5.21 6.13
C ALA A 76 0.50 -4.37 7.37
N ASN A 77 1.63 -3.93 7.79
CA ASN A 77 1.67 -2.99 8.92
C ASN A 77 1.40 -1.56 8.44
N SER A 78 1.70 -1.32 7.17
CA SER A 78 1.51 -0.02 6.58
C SER A 78 0.70 -0.18 5.31
N GLU A 79 -0.13 0.78 5.00
CA GLU A 79 -0.97 0.70 3.83
C GLU A 79 -0.95 1.99 3.03
N ILE A 80 -1.05 1.83 1.71
CA ILE A 80 -1.01 2.94 0.78
C ILE A 80 -2.41 3.21 0.33
N TYR A 81 -2.87 4.38 0.58
CA TYR A 81 -4.17 4.78 0.17
C TYR A 81 -4.08 6.15 -0.46
N ARG A 82 -5.07 6.52 -1.18
CA ARG A 82 -5.08 7.80 -1.81
C ARG A 82 -5.98 8.71 -1.05
N LYS A 83 -5.45 9.78 -0.63
CA LYS A 83 -6.20 10.79 0.05
C LYS A 83 -6.13 12.02 -0.77
N ASP A 84 -7.13 12.18 -1.57
CA ASP A 84 -7.31 13.31 -2.46
C ASP A 84 -6.14 13.42 -3.45
N ASP A 85 -6.13 12.47 -4.39
CA ASP A 85 -5.16 12.40 -5.53
C ASP A 85 -3.76 11.88 -5.12
N ALA A 86 -3.39 12.10 -3.90
CA ALA A 86 -2.06 11.80 -3.44
C ALA A 86 -2.04 10.50 -2.69
N LEU A 87 -0.90 9.84 -2.73
CA LEU A 87 -0.74 8.59 -2.04
C LEU A 87 -0.16 8.85 -0.69
N TRP A 88 -0.79 8.32 0.30
CA TRP A 88 -0.35 8.47 1.65
C TRP A 88 -0.12 7.09 2.23
N CYS A 89 0.95 6.95 2.96
CA CYS A 89 1.26 5.70 3.60
C CYS A 89 1.14 5.88 5.08
N ARG A 90 0.34 5.07 5.72
CA ARG A 90 0.15 5.18 7.13
C ARG A 90 0.44 3.84 7.78
N VAL A 91 0.96 3.89 8.98
CA VAL A 91 1.24 2.71 9.74
C VAL A 91 0.04 2.45 10.62
N THR A 92 -0.57 1.32 10.43
CA THR A 92 -1.76 0.99 11.16
C THR A 92 -1.45 0.02 12.29
N LYS A 93 -0.46 -0.82 12.07
CA LYS A 93 -0.08 -1.83 13.03
C LYS A 93 1.39 -1.69 13.32
N VAL A 94 1.77 -1.88 14.56
CA VAL A 94 3.13 -1.64 14.99
C VAL A 94 4.06 -2.82 14.65
N VAL A 95 5.14 -2.50 14.00
CA VAL A 95 6.14 -3.49 13.70
C VAL A 95 7.46 -3.07 14.38
N PRO A 96 8.07 -3.97 15.16
CA PRO A 96 9.31 -3.67 15.87
C PRO A 96 10.53 -3.51 14.95
N SER A 97 11.62 -3.07 15.53
CA SER A 97 12.85 -2.81 14.83
C SER A 97 13.38 -4.09 14.17
N GLY A 98 13.55 -4.04 12.86
CA GLY A 98 14.07 -5.17 12.14
C GLY A 98 12.98 -5.96 11.46
N GLY A 99 11.74 -5.61 11.72
CA GLY A 99 10.61 -6.31 11.14
C GLY A 99 10.43 -5.97 9.69
N LEU A 100 9.85 -6.88 8.95
CA LEU A 100 9.65 -6.69 7.52
C LEU A 100 8.29 -6.07 7.28
N LEU A 101 8.22 -5.13 6.36
CA LEU A 101 6.97 -4.50 6.07
C LEU A 101 6.44 -5.00 4.76
N TYR A 102 5.16 -4.83 4.60
CA TYR A 102 4.47 -5.26 3.42
C TYR A 102 3.57 -4.13 3.01
N VAL A 103 3.42 -3.94 1.73
CA VAL A 103 2.65 -2.84 1.21
C VAL A 103 1.23 -3.27 0.85
N ARG A 104 0.28 -2.68 1.53
CA ARG A 104 -1.12 -2.95 1.28
C ARG A 104 -1.66 -1.94 0.28
N LEU A 105 -2.22 -2.43 -0.80
CA LEU A 105 -2.85 -1.55 -1.77
C LEU A 105 -4.29 -1.34 -1.40
N VAL A 106 -4.59 -0.16 -0.98
CA VAL A 106 -5.91 0.18 -0.52
C VAL A 106 -6.76 0.72 -1.68
N THR A 107 -7.96 0.22 -1.76
CA THR A 107 -8.91 0.62 -2.71
C THR A 107 -10.25 0.13 -2.14
N GLU A 108 -11.35 0.40 -2.80
CA GLU A 108 -12.65 -0.01 -2.38
C GLU A 108 -12.73 -1.53 -2.39
N PRO A 109 -13.02 -2.17 -1.24
CA PRO A 109 -13.20 -3.63 -1.17
C PRO A 109 -14.31 -4.09 -2.10
N HIS A 110 -13.99 -5.01 -2.96
CA HIS A 110 -14.95 -5.53 -3.92
C HIS A 110 -15.92 -6.47 -3.20
N GLY A 111 -15.38 -7.46 -2.54
CA GLY A 111 -16.19 -8.43 -1.88
C GLY A 111 -16.24 -8.21 -0.40
N ALA A 112 -17.19 -7.44 0.05
CA ALA A 112 -17.41 -7.19 1.46
C ALA A 112 -18.90 -7.11 1.70
N PRO A 113 -19.43 -7.96 2.63
CA PRO A 113 -20.86 -8.08 2.97
C PRO A 113 -21.65 -6.77 2.92
N ARG A 114 -21.23 -5.79 3.68
CA ARG A 114 -21.90 -4.52 3.68
C ARG A 114 -21.01 -3.41 3.15
N HIS A 115 -20.47 -3.61 1.98
CA HIS A 115 -19.76 -2.55 1.32
C HIS A 115 -20.74 -1.44 0.84
N PRO A 116 -21.87 -1.81 0.14
CA PRO A 116 -22.83 -0.81 -0.30
C PRO A 116 -23.74 -0.37 0.84
N VAL A 117 -23.25 0.55 1.63
CA VAL A 117 -24.02 1.13 2.70
C VAL A 117 -24.82 2.26 2.11
N GLN A 118 -26.02 1.97 1.72
CA GLN A 118 -26.85 2.94 1.07
C GLN A 118 -27.65 3.70 2.09
N GLU A 119 -28.29 2.97 2.97
CA GLU A 119 -29.11 3.53 4.01
C GLU A 119 -29.26 2.44 5.06
N PRO A 120 -28.56 2.56 6.20
CA PRO A 120 -28.66 1.56 7.28
C PRO A 120 -30.09 1.46 7.79
N VAL A 121 -30.69 0.30 7.64
CA VAL A 121 -32.07 0.13 8.00
C VAL A 121 -32.24 -0.35 9.43
N GLU A 122 -33.42 -0.17 9.94
CA GLU A 122 -33.75 -0.59 11.28
C GLU A 122 -34.45 -1.97 11.32
N PRO A 123 -35.50 -2.25 10.45
CA PRO A 123 -36.15 -3.56 10.41
C PRO A 123 -35.17 -4.71 10.17
N GLY A 124 -35.25 -5.72 11.01
CA GLY A 124 -34.40 -6.88 10.87
C GLY A 124 -35.05 -7.92 10.00
N GLY A 125 -36.33 -7.70 9.72
CA GLY A 125 -37.07 -8.61 8.90
C GLY A 125 -36.84 -8.37 7.43
N LEU A 126 -35.72 -8.84 6.96
CA LEU A 126 -35.38 -8.74 5.57
C LEU A 126 -35.09 -10.12 5.05
N ALA A 127 -36.10 -10.78 4.58
CA ALA A 127 -35.96 -12.11 4.07
C ALA A 127 -36.68 -12.21 2.75
N PRO A 1 21.72 2.74 -1.28
CA PRO A 1 20.72 3.78 -1.30
C PRO A 1 19.50 3.30 -2.04
N TRP A 2 18.38 3.87 -1.74
CA TRP A 2 17.11 3.52 -2.32
C TRP A 2 16.19 4.69 -2.11
N SER A 3 15.10 4.75 -2.82
CA SER A 3 14.17 5.81 -2.59
C SER A 3 13.20 5.42 -1.50
N GLY A 4 13.67 5.51 -0.27
CA GLY A 4 12.89 5.15 0.86
C GLY A 4 13.30 5.96 2.08
N PRO A 5 12.41 6.07 3.07
CA PRO A 5 12.66 6.87 4.27
C PRO A 5 13.63 6.18 5.22
N GLU A 6 14.18 6.94 6.13
CA GLU A 6 15.19 6.42 7.04
C GLU A 6 14.60 5.66 8.20
N GLU A 7 13.29 5.56 8.26
CA GLU A 7 12.64 4.74 9.28
C GLU A 7 12.74 3.29 8.84
N LEU A 8 12.96 3.15 7.58
CA LEU A 8 13.04 1.91 6.88
C LEU A 8 14.49 1.67 6.46
N GLU A 9 14.88 0.42 6.34
CA GLU A 9 16.19 0.09 5.88
C GLU A 9 16.10 -0.89 4.73
N LEU A 10 16.96 -0.71 3.77
CA LEU A 10 17.04 -1.61 2.67
C LEU A 10 18.17 -2.57 3.00
N ALA A 11 17.88 -3.82 3.03
CA ALA A 11 18.84 -4.79 3.41
C ALA A 11 19.15 -5.71 2.28
N LEU A 12 20.39 -5.84 1.99
CA LEU A 12 20.86 -6.74 0.97
C LEU A 12 21.46 -7.94 1.61
N GLN A 13 20.74 -9.00 1.59
CA GLN A 13 21.23 -10.23 2.13
C GLN A 13 21.59 -11.16 1.01
N ASP A 14 22.86 -11.11 0.68
CA ASP A 14 23.49 -11.88 -0.38
C ASP A 14 22.79 -11.67 -1.72
N GLY A 15 22.76 -10.42 -2.14
CA GLY A 15 22.17 -10.04 -3.41
C GLY A 15 20.68 -9.76 -3.35
N GLN A 16 20.01 -10.28 -2.34
CA GLN A 16 18.58 -10.17 -2.25
C GLN A 16 18.16 -8.91 -1.53
N ARG A 17 17.27 -8.17 -2.17
CA ARG A 17 16.72 -6.96 -1.60
C ARG A 17 15.59 -7.31 -0.66
N CYS A 18 15.77 -7.07 0.59
CA CYS A 18 14.74 -7.25 1.55
C CYS A 18 14.48 -5.94 2.26
N VAL A 19 13.24 -5.69 2.61
CA VAL A 19 12.87 -4.45 3.24
C VAL A 19 12.54 -4.69 4.69
N ARG A 20 13.20 -3.97 5.54
CA ARG A 20 13.08 -4.17 6.92
C ARG A 20 13.01 -2.84 7.63
N ALA A 21 12.35 -2.80 8.75
CA ALA A 21 12.22 -1.60 9.52
C ALA A 21 13.44 -1.43 10.41
N ARG A 22 14.08 -0.27 10.34
CA ARG A 22 15.21 -0.01 11.22
C ARG A 22 14.73 0.68 12.48
N LEU A 23 13.72 1.48 12.30
CA LEU A 23 13.02 2.11 13.39
C LEU A 23 11.68 1.41 13.55
N SER A 24 11.03 1.59 14.67
CA SER A 24 9.78 0.92 14.90
C SER A 24 8.61 1.77 14.38
N LEU A 25 7.77 1.17 13.57
CA LEU A 25 6.63 1.88 13.01
C LEU A 25 5.45 1.73 13.94
N THR A 26 4.84 2.85 14.28
CA THR A 26 3.75 2.88 15.22
C THR A 26 2.43 3.26 14.58
N GLU A 27 1.34 2.91 15.24
CA GLU A 27 -0.01 3.18 14.77
C GLU A 27 -0.24 4.68 14.70
N GLY A 28 -0.52 5.16 13.52
CA GLY A 28 -0.79 6.58 13.38
C GLY A 28 0.41 7.33 12.86
N LEU A 29 1.49 6.62 12.62
CA LEU A 29 2.64 7.23 12.02
C LEU A 29 2.40 7.24 10.52
N SER A 30 2.76 8.31 9.87
CA SER A 30 2.52 8.41 8.47
C SER A 30 3.64 9.15 7.79
N TRP A 31 3.77 8.91 6.52
CA TRP A 31 4.69 9.64 5.70
C TRP A 31 3.91 10.64 4.88
N GLY A 32 4.60 11.47 4.13
CA GLY A 32 3.97 12.51 3.36
C GLY A 32 3.44 12.01 2.02
N PRO A 33 3.10 12.92 1.11
CA PRO A 33 2.55 12.56 -0.17
C PRO A 33 3.63 12.11 -1.17
N PHE A 34 3.47 10.92 -1.68
CA PHE A 34 4.36 10.40 -2.70
C PHE A 34 3.71 10.58 -4.05
N TYR A 35 4.50 10.56 -5.07
CA TYR A 35 4.00 10.80 -6.38
C TYR A 35 3.87 9.52 -7.18
N GLY A 36 2.66 9.10 -7.29
CA GLY A 36 2.29 7.94 -7.99
C GLY A 36 0.79 7.94 -8.05
N SER A 37 0.23 7.05 -8.78
CA SER A 37 -1.20 7.03 -8.90
C SER A 37 -1.76 5.64 -8.73
N ILE A 38 -2.85 5.55 -8.00
CA ILE A 38 -3.51 4.30 -7.79
C ILE A 38 -4.47 4.07 -8.94
N GLN A 39 -4.20 3.04 -9.67
CA GLN A 39 -4.93 2.73 -10.85
C GLN A 39 -6.06 1.77 -10.58
N THR A 40 -7.25 2.28 -10.71
CA THR A 40 -8.42 1.49 -10.64
C THR A 40 -8.84 1.16 -12.08
N ARG A 41 -8.58 -0.06 -12.51
CA ARG A 41 -8.82 -0.43 -13.91
C ARG A 41 -10.28 -0.73 -14.21
N ALA A 42 -11.15 -0.55 -13.21
CA ALA A 42 -12.61 -0.68 -13.31
C ALA A 42 -13.05 -2.10 -13.68
N LEU A 43 -12.13 -3.01 -13.56
CA LEU A 43 -12.36 -4.39 -13.90
C LEU A 43 -12.41 -5.22 -12.61
N SER A 44 -12.23 -4.53 -11.52
CA SER A 44 -12.28 -5.12 -10.24
C SER A 44 -13.59 -4.68 -9.59
N PRO A 45 -14.55 -5.59 -9.45
CA PRO A 45 -15.81 -5.26 -8.85
C PRO A 45 -15.83 -5.66 -7.38
N GLU A 46 -16.95 -5.46 -6.77
CA GLU A 46 -17.11 -5.79 -5.37
C GLU A 46 -17.90 -7.08 -5.22
N ARG A 47 -18.44 -7.55 -6.34
CA ARG A 47 -19.17 -8.83 -6.38
C ARG A 47 -18.17 -9.99 -6.48
N GLU A 48 -16.93 -9.62 -6.67
CA GLU A 48 -15.86 -10.55 -6.84
C GLU A 48 -14.70 -10.10 -5.97
N GLU A 49 -13.89 -11.04 -5.57
CA GLU A 49 -12.68 -10.74 -4.86
C GLU A 49 -11.54 -11.09 -5.81
N PRO A 50 -10.98 -10.10 -6.52
CA PRO A 50 -9.93 -10.33 -7.49
C PRO A 50 -8.54 -10.25 -6.88
N GLY A 51 -8.49 -9.98 -5.59
CA GLY A 51 -7.23 -9.89 -4.91
C GLY A 51 -6.58 -8.55 -5.13
N PRO A 52 -5.24 -8.50 -5.20
CA PRO A 52 -4.49 -7.25 -5.43
C PRO A 52 -4.58 -6.76 -6.88
N ALA A 53 -5.80 -6.64 -7.35
CA ALA A 53 -6.10 -6.19 -8.70
C ALA A 53 -5.94 -4.68 -8.80
N VAL A 54 -5.92 -4.05 -7.66
CA VAL A 54 -5.64 -2.66 -7.60
C VAL A 54 -4.13 -2.50 -7.79
N THR A 55 -3.73 -1.59 -8.63
CA THR A 55 -2.32 -1.46 -8.96
C THR A 55 -1.85 -0.04 -8.70
N LEU A 56 -0.67 0.10 -8.19
CA LEU A 56 -0.12 1.40 -7.95
C LEU A 56 0.94 1.76 -8.98
N MET A 57 0.62 2.72 -9.78
CA MET A 57 1.54 3.16 -10.82
C MET A 57 2.43 4.21 -10.20
N VAL A 58 3.51 3.76 -9.66
CA VAL A 58 4.44 4.61 -8.97
C VAL A 58 5.78 4.61 -9.66
N ASP A 59 6.68 5.40 -9.15
CA ASP A 59 8.05 5.46 -9.63
C ASP A 59 8.76 4.13 -9.40
N GLU A 60 9.62 3.75 -10.33
CA GLU A 60 10.36 2.50 -10.31
C GLU A 60 11.20 2.31 -9.04
N SER A 61 11.67 3.39 -8.44
CA SER A 61 12.54 3.30 -7.30
C SER A 61 11.74 3.59 -6.02
N CYS A 62 10.47 3.93 -6.17
CA CYS A 62 9.64 4.27 -5.03
C CYS A 62 9.45 3.02 -4.17
N TRP A 63 9.88 3.12 -2.92
CA TRP A 63 9.88 2.03 -1.96
C TRP A 63 8.51 1.36 -1.79
N LEU A 64 7.45 2.11 -2.07
CA LEU A 64 6.07 1.63 -1.92
C LEU A 64 5.81 0.38 -2.78
N ARG A 65 6.49 0.27 -3.91
CA ARG A 65 6.26 -0.87 -4.80
C ARG A 65 7.24 -1.99 -4.53
N MET A 66 8.24 -1.74 -3.70
CA MET A 66 9.26 -2.76 -3.47
C MET A 66 9.01 -3.45 -2.15
N LEU A 67 7.96 -3.05 -1.49
CA LEU A 67 7.52 -3.68 -0.29
C LEU A 67 6.70 -4.89 -0.73
N PRO A 68 6.62 -5.95 0.07
CA PRO A 68 5.82 -7.10 -0.28
C PRO A 68 4.35 -6.77 -0.19
N GLN A 69 3.66 -6.87 -1.31
CA GLN A 69 2.24 -6.54 -1.37
C GLN A 69 1.43 -7.71 -0.90
N VAL A 70 0.51 -7.43 -0.04
CA VAL A 70 -0.33 -8.45 0.53
C VAL A 70 -1.79 -8.11 0.32
N LEU A 71 -2.64 -9.08 0.49
CA LEU A 71 -4.06 -8.87 0.37
C LEU A 71 -4.68 -8.73 1.74
N THR A 72 -4.10 -9.40 2.70
CA THR A 72 -4.62 -9.41 4.03
C THR A 72 -4.04 -8.27 4.87
N GLU A 73 -4.92 -7.61 5.60
CA GLU A 73 -4.57 -6.48 6.45
C GLU A 73 -3.79 -6.92 7.68
N GLU A 74 -3.87 -8.20 7.96
CA GLU A 74 -3.13 -8.81 9.03
C GLU A 74 -1.67 -8.92 8.64
N ALA A 75 -1.45 -9.12 7.38
CA ALA A 75 -0.10 -9.29 6.90
C ALA A 75 0.54 -7.92 6.74
N ALA A 76 -0.26 -6.98 6.29
CA ALA A 76 0.18 -5.62 6.06
C ALA A 76 0.43 -4.90 7.36
N ASN A 77 1.37 -3.99 7.32
CA ASN A 77 1.67 -3.17 8.50
C ASN A 77 1.48 -1.70 8.16
N SER A 78 1.30 -1.42 6.88
CA SER A 78 1.10 -0.08 6.41
C SER A 78 0.29 -0.14 5.12
N GLU A 79 -0.68 0.74 4.98
CA GLU A 79 -1.49 0.78 3.78
C GLU A 79 -1.32 2.10 3.03
N ILE A 80 -1.34 2.01 1.71
CA ILE A 80 -1.15 3.15 0.83
C ILE A 80 -2.49 3.59 0.31
N TYR A 81 -2.84 4.81 0.53
CA TYR A 81 -4.08 5.31 0.03
C TYR A 81 -3.85 6.63 -0.66
N ARG A 82 -4.75 7.02 -1.50
CA ARG A 82 -4.62 8.26 -2.18
C ARG A 82 -5.49 9.31 -1.55
N LYS A 83 -4.95 10.46 -1.41
CA LYS A 83 -5.59 11.59 -0.82
C LYS A 83 -5.09 12.79 -1.59
N ASP A 84 -6.01 13.48 -2.25
CA ASP A 84 -5.69 14.60 -3.17
C ASP A 84 -4.93 14.05 -4.36
N ASP A 85 -5.18 12.76 -4.64
CA ASP A 85 -4.55 11.95 -5.72
C ASP A 85 -3.08 11.62 -5.40
N ALA A 86 -2.60 12.13 -4.29
CA ALA A 86 -1.25 11.87 -3.85
C ALA A 86 -1.27 10.64 -2.97
N LEU A 87 -0.16 9.96 -2.87
CA LEU A 87 -0.11 8.74 -2.10
C LEU A 87 0.34 9.01 -0.70
N TRP A 88 -0.41 8.53 0.22
CA TRP A 88 -0.09 8.66 1.62
C TRP A 88 -0.08 7.29 2.24
N CYS A 89 0.86 7.06 3.09
CA CYS A 89 0.98 5.80 3.76
C CYS A 89 0.92 5.97 5.25
N ARG A 90 0.06 5.22 5.87
CA ARG A 90 -0.09 5.22 7.30
C ARG A 90 0.23 3.86 7.83
N VAL A 91 0.83 3.83 8.98
CA VAL A 91 1.13 2.60 9.66
C VAL A 91 -0.09 2.20 10.46
N THR A 92 -0.60 1.04 10.18
CA THR A 92 -1.79 0.57 10.79
C THR A 92 -1.49 -0.14 12.10
N LYS A 93 -0.49 -0.99 12.09
CA LYS A 93 -0.11 -1.71 13.28
C LYS A 93 1.37 -1.73 13.46
N VAL A 94 1.77 -1.83 14.71
CA VAL A 94 3.17 -1.72 15.11
C VAL A 94 4.02 -2.84 14.57
N VAL A 95 5.10 -2.45 13.97
CA VAL A 95 6.11 -3.36 13.53
C VAL A 95 7.45 -2.87 14.11
N PRO A 96 8.08 -3.69 14.95
CA PRO A 96 9.32 -3.31 15.63
C PRO A 96 10.52 -3.29 14.69
N SER A 97 11.58 -2.68 15.17
CA SER A 97 12.82 -2.60 14.44
C SER A 97 13.34 -4.01 14.20
N GLY A 98 13.67 -4.30 12.96
CA GLY A 98 14.13 -5.61 12.62
C GLY A 98 13.06 -6.39 11.90
N GLY A 99 11.83 -5.95 12.02
CA GLY A 99 10.74 -6.64 11.42
C GLY A 99 10.51 -6.22 9.98
N LEU A 100 10.01 -7.14 9.19
CA LEU A 100 9.62 -6.86 7.83
C LEU A 100 8.18 -6.40 7.81
N LEU A 101 7.88 -5.53 6.92
CA LEU A 101 6.56 -4.98 6.81
C LEU A 101 6.02 -5.18 5.43
N TYR A 102 4.75 -5.37 5.37
CA TYR A 102 4.08 -5.68 4.15
C TYR A 102 3.16 -4.53 3.80
N VAL A 103 3.04 -4.25 2.53
CA VAL A 103 2.29 -3.12 2.07
C VAL A 103 0.88 -3.54 1.61
N ARG A 104 -0.10 -2.79 2.04
CA ARG A 104 -1.46 -3.00 1.64
C ARG A 104 -1.84 -1.87 0.72
N LEU A 105 -2.52 -2.16 -0.32
CA LEU A 105 -2.96 -1.15 -1.23
C LEU A 105 -4.34 -0.73 -0.80
N VAL A 106 -4.72 0.51 -1.12
CA VAL A 106 -6.00 1.09 -0.75
C VAL A 106 -7.14 0.11 -0.92
N THR A 107 -7.77 -0.16 0.16
CA THR A 107 -8.88 -1.00 0.18
C THR A 107 -10.11 -0.15 0.35
N GLU A 108 -10.84 0.06 -0.72
CA GLU A 108 -12.06 0.82 -0.69
C GLU A 108 -13.03 0.13 0.28
N PRO A 109 -13.52 0.85 1.30
CA PRO A 109 -14.38 0.26 2.36
C PRO A 109 -15.81 -0.03 1.88
N HIS A 110 -15.90 -0.59 0.69
CA HIS A 110 -17.15 -0.86 -0.01
C HIS A 110 -17.81 0.40 -0.47
N GLY A 111 -17.67 0.65 -1.74
CA GLY A 111 -18.14 1.89 -2.30
C GLY A 111 -19.54 1.76 -2.81
N ALA A 112 -19.79 0.72 -3.55
CA ALA A 112 -21.10 0.49 -4.10
C ALA A 112 -22.15 0.10 -3.03
N PRO A 113 -21.89 -0.91 -2.15
CA PRO A 113 -22.89 -1.38 -1.15
C PRO A 113 -23.38 -0.29 -0.19
N ARG A 114 -22.53 0.68 0.11
CA ARG A 114 -22.92 1.71 1.08
C ARG A 114 -23.71 2.84 0.43
N HIS A 115 -23.89 2.73 -0.86
CA HIS A 115 -24.59 3.73 -1.63
C HIS A 115 -25.74 3.07 -2.38
N PRO A 116 -26.73 3.86 -2.85
CA PRO A 116 -27.82 3.31 -3.65
C PRO A 116 -27.27 2.69 -4.94
N VAL A 117 -27.66 1.48 -5.21
CA VAL A 117 -27.20 0.79 -6.41
C VAL A 117 -28.32 0.79 -7.46
N GLN A 118 -29.55 0.67 -7.00
CA GLN A 118 -30.69 0.68 -7.91
C GLN A 118 -31.29 2.09 -8.03
N GLU A 119 -30.46 3.03 -7.68
CA GLU A 119 -30.75 4.44 -7.74
C GLU A 119 -29.37 5.07 -7.87
N PRO A 120 -29.17 6.10 -8.70
CA PRO A 120 -27.87 6.74 -8.83
C PRO A 120 -27.46 7.49 -7.56
N VAL A 121 -26.17 7.72 -7.40
CA VAL A 121 -25.69 8.51 -6.28
C VAL A 121 -25.94 9.99 -6.54
N GLU A 122 -27.14 10.40 -6.25
CA GLU A 122 -27.58 11.74 -6.49
C GLU A 122 -27.03 12.70 -5.39
N PRO A 123 -27.23 12.42 -4.05
CA PRO A 123 -26.71 13.31 -3.00
C PRO A 123 -25.17 13.31 -2.96
N GLY A 124 -24.62 14.24 -2.24
CA GLY A 124 -23.20 14.34 -2.11
C GLY A 124 -22.67 15.60 -2.75
N GLY A 125 -21.59 15.47 -3.46
CA GLY A 125 -20.99 16.61 -4.10
C GLY A 125 -19.67 16.95 -3.48
N LEU A 126 -19.44 18.21 -3.28
CA LEU A 126 -18.20 18.66 -2.65
C LEU A 126 -18.48 19.13 -1.24
N ALA A 127 -19.69 19.62 -1.04
CA ALA A 127 -20.14 20.11 0.23
C ALA A 127 -21.65 20.03 0.26
N PRO A 1 20.79 1.03 -1.52
CA PRO A 1 20.00 2.19 -1.82
C PRO A 1 18.72 1.76 -2.50
N TRP A 2 17.66 2.51 -2.29
CA TRP A 2 16.35 2.19 -2.85
C TRP A 2 15.45 3.43 -2.89
N SER A 3 16.03 4.60 -2.59
CA SER A 3 15.33 5.89 -2.57
C SER A 3 14.15 5.88 -1.56
N GLY A 4 14.40 5.27 -0.42
CA GLY A 4 13.37 5.15 0.59
C GLY A 4 13.57 6.07 1.76
N PRO A 5 12.79 5.87 2.84
CA PRO A 5 12.88 6.68 4.03
C PRO A 5 13.95 6.19 5.01
N GLU A 6 14.14 6.92 6.08
CA GLU A 6 15.16 6.58 7.09
C GLU A 6 14.67 5.53 8.05
N GLU A 7 13.39 5.36 8.12
CA GLU A 7 12.77 4.47 9.08
C GLU A 7 12.80 3.05 8.55
N LEU A 8 13.02 2.95 7.27
CA LEU A 8 12.99 1.71 6.56
C LEU A 8 14.31 1.45 5.88
N GLU A 9 14.64 0.22 5.66
CA GLU A 9 15.84 -0.12 4.96
C GLU A 9 15.65 -1.30 4.04
N LEU A 10 16.26 -1.21 2.89
CA LEU A 10 16.31 -2.29 1.96
C LEU A 10 17.61 -2.99 2.29
N ALA A 11 17.50 -4.03 3.03
CA ALA A 11 18.65 -4.72 3.53
C ALA A 11 18.85 -5.94 2.73
N LEU A 12 20.04 -6.14 2.27
CA LEU A 12 20.35 -7.32 1.55
C LEU A 12 20.80 -8.36 2.51
N GLN A 13 20.01 -9.37 2.65
CA GLN A 13 20.33 -10.45 3.50
C GLN A 13 20.70 -11.61 2.63
N ASP A 14 22.00 -11.78 2.45
CA ASP A 14 22.57 -12.83 1.59
C ASP A 14 22.13 -12.58 0.12
N GLY A 15 21.91 -11.31 -0.17
CA GLY A 15 21.49 -10.94 -1.49
C GLY A 15 19.99 -10.81 -1.63
N GLN A 16 19.27 -11.29 -0.63
CA GLN A 16 17.84 -11.23 -0.66
C GLN A 16 17.41 -9.85 -0.23
N ARG A 17 16.55 -9.26 -1.00
CA ARG A 17 16.08 -7.92 -0.75
C ARG A 17 15.00 -7.93 0.33
N CYS A 18 15.39 -7.57 1.52
CA CYS A 18 14.50 -7.59 2.64
C CYS A 18 14.18 -6.17 3.06
N VAL A 19 12.93 -5.83 3.07
CA VAL A 19 12.54 -4.51 3.50
C VAL A 19 12.19 -4.59 4.94
N ARG A 20 13.09 -4.18 5.76
CA ARG A 20 12.92 -4.30 7.16
C ARG A 20 12.99 -2.97 7.83
N ALA A 21 12.23 -2.81 8.87
CA ALA A 21 12.17 -1.59 9.61
C ALA A 21 13.44 -1.37 10.38
N ARG A 22 13.91 -0.15 10.43
CA ARG A 22 15.07 0.20 11.23
C ARG A 22 14.60 0.68 12.56
N LEU A 23 13.52 1.38 12.54
CA LEU A 23 12.91 1.90 13.71
C LEU A 23 11.57 1.22 13.86
N SER A 24 11.06 1.17 15.07
CA SER A 24 9.77 0.58 15.31
C SER A 24 8.69 1.54 14.83
N LEU A 25 8.09 1.21 13.71
CA LEU A 25 7.05 2.02 13.14
C LEU A 25 5.82 1.92 13.99
N THR A 26 5.43 3.02 14.55
CA THR A 26 4.28 3.07 15.39
C THR A 26 3.05 3.41 14.57
N GLU A 27 1.92 2.89 14.95
CA GLU A 27 0.69 3.14 14.23
C GLU A 27 0.30 4.62 14.31
N GLY A 28 0.03 5.19 13.18
CA GLY A 28 -0.31 6.58 13.10
C GLY A 28 0.78 7.35 12.40
N LEU A 29 1.97 6.78 12.35
CA LEU A 29 3.06 7.39 11.66
C LEU A 29 2.79 7.28 10.17
N SER A 30 2.82 8.39 9.50
CA SER A 30 2.56 8.41 8.10
C SER A 30 3.61 9.26 7.43
N TRP A 31 3.93 8.95 6.22
CA TRP A 31 4.90 9.71 5.47
C TRP A 31 4.20 10.79 4.66
N GLY A 32 4.97 11.61 3.99
CA GLY A 32 4.40 12.66 3.19
C GLY A 32 3.73 12.12 1.95
N PRO A 33 2.69 12.81 1.46
CA PRO A 33 1.94 12.36 0.28
C PRO A 33 2.83 12.18 -0.93
N PHE A 34 2.74 11.03 -1.53
CA PHE A 34 3.54 10.67 -2.66
C PHE A 34 2.75 10.88 -3.93
N TYR A 35 3.46 11.12 -5.00
CA TYR A 35 2.84 11.30 -6.29
C TYR A 35 2.82 9.99 -7.03
N GLY A 36 1.64 9.51 -7.28
CA GLY A 36 1.46 8.28 -7.96
C GLY A 36 0.02 7.98 -8.03
N SER A 37 -0.32 6.82 -8.49
CA SER A 37 -1.71 6.46 -8.57
C SER A 37 -1.91 5.00 -8.28
N ILE A 38 -2.87 4.67 -7.46
CA ILE A 38 -3.22 3.28 -7.26
C ILE A 38 -4.16 2.96 -8.38
N GLN A 39 -3.64 2.27 -9.35
CA GLN A 39 -4.34 2.13 -10.58
C GLN A 39 -4.97 0.77 -10.75
N THR A 40 -6.27 0.77 -10.72
CA THR A 40 -7.03 -0.37 -11.12
C THR A 40 -6.86 -0.43 -12.63
N ARG A 41 -6.51 -1.55 -13.14
CA ARG A 41 -6.11 -1.63 -14.52
C ARG A 41 -6.86 -2.74 -15.24
N ALA A 42 -6.71 -2.80 -16.54
CA ALA A 42 -7.41 -3.74 -17.35
C ALA A 42 -6.78 -5.13 -17.32
N LEU A 43 -7.17 -5.86 -16.30
CA LEU A 43 -6.89 -7.27 -16.11
C LEU A 43 -7.53 -7.63 -14.78
N SER A 44 -7.90 -8.86 -14.62
CA SER A 44 -8.58 -9.24 -13.42
C SER A 44 -7.71 -10.13 -12.51
N PRO A 45 -7.26 -9.61 -11.34
CA PRO A 45 -6.43 -10.39 -10.38
C PRO A 45 -7.24 -11.51 -9.72
N GLU A 46 -8.53 -11.46 -9.93
CA GLU A 46 -9.45 -12.43 -9.37
C GLU A 46 -9.61 -13.66 -10.26
N ARG A 47 -9.13 -13.61 -11.50
CA ARG A 47 -9.32 -14.77 -12.41
C ARG A 47 -8.28 -14.85 -13.53
N GLU A 48 -7.82 -13.72 -14.03
CA GLU A 48 -6.84 -13.70 -15.11
C GLU A 48 -5.48 -14.07 -14.52
N GLU A 49 -4.96 -13.19 -13.70
CA GLU A 49 -3.70 -13.38 -13.03
C GLU A 49 -3.94 -13.31 -11.54
N PRO A 50 -4.04 -14.47 -10.86
CA PRO A 50 -4.29 -14.54 -9.42
C PRO A 50 -3.07 -14.11 -8.59
N GLY A 51 -2.75 -12.87 -8.67
CA GLY A 51 -1.66 -12.32 -7.94
C GLY A 51 -1.73 -10.82 -7.85
N PRO A 52 -0.67 -10.16 -7.36
CA PRO A 52 -0.61 -8.71 -7.23
C PRO A 52 -0.40 -8.04 -8.59
N ALA A 53 -1.49 -7.89 -9.31
CA ALA A 53 -1.48 -7.26 -10.61
C ALA A 53 -1.93 -5.81 -10.52
N VAL A 54 -2.93 -5.57 -9.72
CA VAL A 54 -3.40 -4.23 -9.45
C VAL A 54 -2.40 -3.59 -8.51
N THR A 55 -1.96 -2.41 -8.82
CA THR A 55 -0.91 -1.82 -8.05
C THR A 55 -0.83 -0.33 -8.35
N LEU A 56 0.09 0.31 -7.69
CA LEU A 56 0.32 1.69 -7.86
C LEU A 56 1.28 1.96 -9.00
N MET A 57 0.89 2.88 -9.83
CA MET A 57 1.67 3.31 -10.93
C MET A 57 2.56 4.43 -10.44
N VAL A 58 3.74 4.06 -10.04
CA VAL A 58 4.69 4.99 -9.50
C VAL A 58 5.99 4.88 -10.24
N ASP A 59 6.90 5.77 -9.91
CA ASP A 59 8.23 5.78 -10.47
C ASP A 59 9.03 4.62 -9.88
N GLU A 60 10.01 4.14 -10.62
CA GLU A 60 10.83 3.01 -10.20
C GLU A 60 11.60 3.27 -8.89
N SER A 61 11.85 4.53 -8.58
CA SER A 61 12.57 4.86 -7.36
C SER A 61 11.60 5.11 -6.19
N CYS A 62 10.34 4.78 -6.37
CA CYS A 62 9.39 4.96 -5.31
C CYS A 62 9.37 3.69 -4.45
N TRP A 63 9.85 3.85 -3.22
CA TRP A 63 10.02 2.75 -2.26
C TRP A 63 8.71 2.01 -1.94
N LEU A 64 7.58 2.65 -2.19
CA LEU A 64 6.26 2.08 -1.90
C LEU A 64 6.05 0.78 -2.67
N ARG A 65 6.65 0.65 -3.85
CA ARG A 65 6.49 -0.57 -4.61
C ARG A 65 7.66 -1.53 -4.37
N MET A 66 8.57 -1.12 -3.51
CA MET A 66 9.74 -1.93 -3.20
C MET A 66 9.42 -2.97 -2.14
N LEU A 67 8.36 -2.72 -1.39
CA LEU A 67 7.90 -3.65 -0.39
C LEU A 67 7.04 -4.71 -1.07
N PRO A 68 7.00 -5.93 -0.54
CA PRO A 68 6.11 -6.97 -1.06
C PRO A 68 4.66 -6.51 -0.86
N GLN A 69 3.90 -6.54 -1.92
CA GLN A 69 2.54 -6.02 -1.87
C GLN A 69 1.56 -7.09 -1.45
N VAL A 70 0.62 -6.70 -0.64
CA VAL A 70 -0.40 -7.60 -0.12
C VAL A 70 -1.77 -6.98 -0.28
N LEU A 71 -2.77 -7.83 -0.29
CA LEU A 71 -4.16 -7.41 -0.37
C LEU A 71 -4.79 -7.47 1.01
N THR A 72 -4.24 -8.32 1.85
CA THR A 72 -4.69 -8.47 3.20
C THR A 72 -3.97 -7.46 4.09
N GLU A 73 -4.55 -7.11 5.20
CA GLU A 73 -3.92 -6.14 6.05
C GLU A 73 -3.09 -6.80 7.11
N GLU A 74 -3.37 -8.08 7.36
CA GLU A 74 -2.66 -8.88 8.36
C GLU A 74 -1.15 -8.80 8.15
N ALA A 75 -0.75 -8.94 6.91
CA ALA A 75 0.68 -8.95 6.57
C ALA A 75 1.18 -7.52 6.32
N ALA A 76 0.25 -6.63 6.15
CA ALA A 76 0.59 -5.27 5.85
C ALA A 76 0.78 -4.47 7.10
N ASN A 77 1.95 -4.02 7.28
CA ASN A 77 2.24 -3.17 8.43
C ASN A 77 2.15 -1.73 8.01
N SER A 78 2.17 -1.51 6.71
CA SER A 78 1.99 -0.23 6.12
C SER A 78 1.12 -0.39 4.88
N GLU A 79 0.31 0.59 4.60
CA GLU A 79 -0.61 0.55 3.51
C GLU A 79 -0.63 1.88 2.79
N ILE A 80 -1.02 1.85 1.54
CA ILE A 80 -1.08 3.03 0.73
C ILE A 80 -2.52 3.30 0.39
N TYR A 81 -2.99 4.46 0.72
CA TYR A 81 -4.31 4.86 0.36
C TYR A 81 -4.21 6.19 -0.32
N ARG A 82 -5.10 6.47 -1.24
CA ARG A 82 -5.06 7.73 -1.89
C ARG A 82 -6.05 8.65 -1.22
N LYS A 83 -5.62 9.82 -0.94
CA LYS A 83 -6.42 10.79 -0.28
C LYS A 83 -6.03 12.11 -0.86
N ASP A 84 -7.02 12.83 -1.32
CA ASP A 84 -6.84 14.08 -2.10
C ASP A 84 -6.03 13.81 -3.36
N ASP A 85 -6.17 12.56 -3.88
CA ASP A 85 -5.47 12.05 -5.08
C ASP A 85 -3.99 11.68 -4.81
N ALA A 86 -3.52 12.04 -3.64
CA ALA A 86 -2.14 11.80 -3.27
C ALA A 86 -2.04 10.48 -2.54
N LEU A 87 -0.89 9.85 -2.59
CA LEU A 87 -0.71 8.58 -1.93
C LEU A 87 -0.16 8.78 -0.55
N TRP A 88 -0.81 8.24 0.39
CA TRP A 88 -0.38 8.34 1.76
C TRP A 88 -0.05 6.98 2.28
N CYS A 89 1.14 6.83 2.77
CA CYS A 89 1.58 5.61 3.36
C CYS A 89 1.47 5.76 4.86
N ARG A 90 0.54 5.06 5.45
CA ARG A 90 0.35 5.14 6.87
C ARG A 90 0.77 3.82 7.50
N VAL A 91 1.34 3.87 8.67
CA VAL A 91 1.64 2.68 9.40
C VAL A 91 0.38 2.28 10.15
N THR A 92 -0.18 1.15 9.76
CA THR A 92 -1.42 0.69 10.35
C THR A 92 -1.20 0.01 11.71
N LYS A 93 -0.09 -0.69 11.85
CA LYS A 93 0.23 -1.37 13.09
C LYS A 93 1.72 -1.41 13.29
N VAL A 94 2.11 -1.61 14.52
CA VAL A 94 3.50 -1.51 14.95
C VAL A 94 4.35 -2.68 14.43
N VAL A 95 5.39 -2.34 13.71
CA VAL A 95 6.35 -3.30 13.29
C VAL A 95 7.69 -2.99 13.99
N PRO A 96 8.23 -3.94 14.77
CA PRO A 96 9.48 -3.76 15.52
C PRO A 96 10.70 -3.57 14.63
N SER A 97 11.72 -2.97 15.22
CA SER A 97 12.98 -2.74 14.55
C SER A 97 13.59 -4.10 14.13
N GLY A 98 13.68 -4.30 12.84
CA GLY A 98 14.22 -5.53 12.33
C GLY A 98 13.18 -6.34 11.60
N GLY A 99 11.93 -6.10 11.93
CA GLY A 99 10.84 -6.82 11.31
C GLY A 99 10.61 -6.36 9.90
N LEU A 100 10.10 -7.24 9.08
CA LEU A 100 9.80 -6.95 7.71
C LEU A 100 8.36 -6.58 7.59
N LEU A 101 8.03 -5.84 6.59
CA LEU A 101 6.71 -5.38 6.43
C LEU A 101 6.29 -5.44 4.99
N TYR A 102 5.05 -5.70 4.80
CA TYR A 102 4.45 -5.75 3.51
C TYR A 102 3.59 -4.51 3.34
N VAL A 103 3.38 -4.09 2.11
CA VAL A 103 2.61 -2.90 1.83
C VAL A 103 1.25 -3.28 1.22
N ARG A 104 0.19 -2.73 1.75
CA ARG A 104 -1.14 -2.99 1.24
C ARG A 104 -1.62 -1.84 0.39
N LEU A 105 -2.27 -2.14 -0.70
CA LEU A 105 -2.92 -1.10 -1.48
C LEU A 105 -4.36 -1.08 -1.04
N VAL A 106 -4.88 0.13 -0.83
CA VAL A 106 -6.24 0.36 -0.30
C VAL A 106 -7.34 -0.55 -0.91
N THR A 107 -7.82 -1.42 -0.07
CA THR A 107 -8.89 -2.29 -0.39
C THR A 107 -10.18 -1.69 0.17
N GLU A 108 -11.05 -1.27 -0.71
CA GLU A 108 -12.27 -0.63 -0.29
C GLU A 108 -13.30 -1.63 0.30
N PRO A 109 -14.17 -1.16 1.23
CA PRO A 109 -15.17 -2.02 1.89
C PRO A 109 -16.43 -2.18 1.03
N HIS A 110 -16.19 -2.40 -0.27
CA HIS A 110 -17.21 -2.46 -1.30
C HIS A 110 -17.80 -1.08 -1.46
N GLY A 111 -17.06 -0.23 -2.13
CA GLY A 111 -17.46 1.14 -2.33
C GLY A 111 -18.06 1.34 -3.68
N ALA A 112 -17.63 0.53 -4.61
CA ALA A 112 -18.14 0.56 -5.95
C ALA A 112 -18.22 -0.85 -6.46
N PRO A 113 -19.43 -1.39 -6.64
CA PRO A 113 -19.63 -2.74 -7.17
C PRO A 113 -19.05 -2.81 -8.58
N ARG A 114 -19.42 -1.85 -9.37
CA ARG A 114 -18.92 -1.71 -10.71
C ARG A 114 -18.35 -0.32 -10.84
N HIS A 115 -17.03 -0.24 -10.85
CA HIS A 115 -16.33 1.06 -10.92
C HIS A 115 -16.68 1.87 -12.18
N PRO A 116 -16.57 1.30 -13.42
CA PRO A 116 -17.03 2.00 -14.61
C PRO A 116 -18.55 2.12 -14.61
N VAL A 117 -19.06 3.33 -14.65
CA VAL A 117 -20.50 3.54 -14.66
C VAL A 117 -21.10 3.22 -16.03
N GLN A 118 -21.45 1.97 -16.17
CA GLN A 118 -22.01 1.44 -17.37
C GLN A 118 -23.11 0.49 -16.93
N GLU A 119 -24.25 0.53 -17.59
CA GLU A 119 -25.36 -0.34 -17.17
C GLU A 119 -25.39 -1.63 -17.98
N PRO A 120 -25.07 -2.77 -17.37
CA PRO A 120 -25.28 -4.06 -18.00
C PRO A 120 -26.76 -4.38 -17.87
N VAL A 121 -27.39 -4.76 -18.97
CA VAL A 121 -28.82 -5.01 -18.95
C VAL A 121 -29.12 -6.35 -18.31
N GLU A 122 -29.19 -6.34 -17.03
CA GLU A 122 -29.59 -7.47 -16.25
C GLU A 122 -31.09 -7.32 -16.03
N PRO A 123 -31.89 -8.31 -16.44
CA PRO A 123 -33.37 -8.21 -16.42
C PRO A 123 -34.01 -8.38 -15.02
N GLY A 124 -33.21 -8.36 -13.98
CA GLY A 124 -33.73 -8.53 -12.64
C GLY A 124 -33.89 -9.99 -12.31
N GLY A 125 -34.85 -10.60 -12.94
CA GLY A 125 -35.11 -11.98 -12.76
C GLY A 125 -36.47 -12.31 -13.30
N LEU A 126 -36.92 -13.49 -13.03
CA LEU A 126 -38.22 -13.94 -13.47
C LEU A 126 -38.86 -14.79 -12.38
N ALA A 127 -40.14 -14.66 -12.21
CA ALA A 127 -40.82 -15.38 -11.17
C ALA A 127 -41.99 -16.12 -11.74
N PRO A 1 20.66 4.31 -4.35
CA PRO A 1 19.61 4.95 -3.57
C PRO A 1 18.35 4.14 -3.73
N TRP A 2 17.68 3.82 -2.63
CA TRP A 2 16.45 3.09 -2.76
C TRP A 2 15.28 4.06 -2.66
N SER A 3 15.32 4.94 -1.66
CA SER A 3 14.31 5.91 -1.45
C SER A 3 14.75 6.84 -0.31
N GLY A 4 13.92 7.81 -0.02
CA GLY A 4 14.25 8.82 0.94
C GLY A 4 14.00 8.51 2.43
N PRO A 5 12.87 7.83 2.86
CA PRO A 5 12.57 7.66 4.28
C PRO A 5 13.68 7.01 5.08
N GLU A 6 14.20 7.79 6.00
CA GLU A 6 15.31 7.43 6.88
C GLU A 6 14.83 6.52 8.01
N GLU A 7 13.54 6.29 8.04
CA GLU A 7 12.91 5.48 9.09
C GLU A 7 12.97 4.02 8.67
N LEU A 8 13.25 3.81 7.42
CA LEU A 8 13.26 2.49 6.84
C LEU A 8 14.64 2.14 6.32
N GLU A 9 14.85 0.86 6.06
CA GLU A 9 16.10 0.40 5.53
C GLU A 9 15.87 -0.76 4.56
N LEU A 10 16.54 -0.71 3.44
CA LEU A 10 16.47 -1.75 2.45
C LEU A 10 17.48 -2.81 2.85
N ALA A 11 17.08 -4.04 2.88
CA ALA A 11 17.94 -5.09 3.33
C ALA A 11 18.16 -6.10 2.22
N LEU A 12 19.40 -6.45 2.03
CA LEU A 12 19.74 -7.46 1.08
C LEU A 12 20.19 -8.69 1.82
N GLN A 13 19.42 -9.73 1.71
CA GLN A 13 19.74 -10.99 2.31
C GLN A 13 20.00 -11.98 1.21
N ASP A 14 21.26 -12.32 1.00
CA ASP A 14 21.70 -13.21 -0.09
C ASP A 14 21.46 -12.57 -1.43
N GLY A 15 21.40 -11.26 -1.43
CA GLY A 15 21.14 -10.50 -2.62
C GLY A 15 19.67 -10.24 -2.81
N GLN A 16 18.85 -10.86 -1.98
CA GLN A 16 17.42 -10.74 -2.09
C GLN A 16 16.96 -9.47 -1.42
N ARG A 17 16.33 -8.63 -2.20
CA ARG A 17 15.80 -7.36 -1.76
C ARG A 17 14.57 -7.52 -0.87
N CYS A 18 14.70 -7.06 0.35
CA CYS A 18 13.63 -7.04 1.30
C CYS A 18 13.66 -5.71 2.04
N VAL A 19 12.57 -5.36 2.65
CA VAL A 19 12.47 -4.10 3.38
C VAL A 19 12.34 -4.35 4.86
N ARG A 20 13.15 -3.70 5.63
CA ARG A 20 13.20 -3.91 7.03
C ARG A 20 13.01 -2.59 7.78
N ALA A 21 12.28 -2.65 8.87
CA ALA A 21 12.06 -1.51 9.72
C ALA A 21 13.23 -1.41 10.67
N ARG A 22 13.95 -0.30 10.63
CA ARG A 22 15.14 -0.12 11.46
C ARG A 22 14.76 0.16 12.90
N LEU A 23 13.69 0.87 13.05
CA LEU A 23 13.12 1.14 14.35
C LEU A 23 11.69 0.64 14.35
N SER A 24 11.02 0.72 15.46
CA SER A 24 9.67 0.23 15.55
C SER A 24 8.69 1.29 15.04
N LEU A 25 8.09 1.01 13.91
CA LEU A 25 7.10 1.89 13.34
C LEU A 25 5.78 1.59 14.03
N THR A 26 5.07 2.60 14.46
CA THR A 26 3.84 2.38 15.19
C THR A 26 2.64 3.00 14.46
N GLU A 27 1.45 2.58 14.89
CA GLU A 27 0.18 3.00 14.32
C GLU A 27 0.01 4.50 14.48
N GLY A 28 -0.08 5.20 13.39
CA GLY A 28 -0.26 6.63 13.43
C GLY A 28 0.83 7.34 12.69
N LEU A 29 1.96 6.67 12.53
CA LEU A 29 3.06 7.23 11.81
C LEU A 29 2.76 7.15 10.33
N SER A 30 2.89 8.24 9.66
CA SER A 30 2.60 8.30 8.27
C SER A 30 3.59 9.18 7.55
N TRP A 31 3.72 8.96 6.28
CA TRP A 31 4.58 9.75 5.45
C TRP A 31 3.74 10.68 4.61
N GLY A 32 4.38 11.61 3.94
CA GLY A 32 3.66 12.58 3.14
C GLY A 32 3.19 12.01 1.82
N PRO A 33 2.62 12.86 0.96
CA PRO A 33 2.04 12.44 -0.29
C PRO A 33 3.08 12.09 -1.36
N PHE A 34 3.00 10.89 -1.85
CA PHE A 34 3.84 10.43 -2.92
C PHE A 34 3.07 10.59 -4.20
N TYR A 35 3.70 11.11 -5.21
CA TYR A 35 3.01 11.30 -6.48
C TYR A 35 3.11 10.05 -7.33
N GLY A 36 2.08 9.28 -7.23
CA GLY A 36 1.95 8.06 -7.96
C GLY A 36 0.52 7.64 -7.85
N SER A 37 0.13 6.64 -8.57
CA SER A 37 -1.27 6.28 -8.54
C SER A 37 -1.50 4.80 -8.38
N ILE A 38 -2.47 4.46 -7.56
CA ILE A 38 -2.91 3.09 -7.41
C ILE A 38 -4.06 2.92 -8.37
N GLN A 39 -3.77 2.35 -9.49
CA GLN A 39 -4.76 2.19 -10.51
C GLN A 39 -5.44 0.86 -10.34
N THR A 40 -6.64 0.93 -9.87
CA THR A 40 -7.42 -0.21 -9.59
C THR A 40 -8.09 -0.74 -10.85
N ARG A 41 -7.84 -1.98 -11.15
CA ARG A 41 -8.45 -2.65 -12.27
C ARG A 41 -9.35 -3.74 -11.67
N ALA A 42 -9.84 -3.44 -10.48
CA ALA A 42 -10.64 -4.37 -9.72
C ALA A 42 -12.06 -4.41 -10.23
N LEU A 43 -12.22 -5.08 -11.32
CA LEU A 43 -13.47 -5.31 -11.96
C LEU A 43 -13.28 -6.54 -12.80
N SER A 44 -13.93 -7.61 -12.41
CA SER A 44 -13.79 -8.86 -13.10
C SER A 44 -14.81 -8.94 -14.24
N PRO A 45 -14.37 -8.83 -15.51
CA PRO A 45 -15.26 -8.90 -16.65
C PRO A 45 -15.66 -10.34 -16.91
N GLU A 46 -14.75 -11.12 -17.48
CA GLU A 46 -15.00 -12.50 -17.71
C GLU A 46 -14.15 -13.36 -16.80
N ARG A 47 -13.23 -12.72 -16.12
CA ARG A 47 -12.28 -13.44 -15.33
C ARG A 47 -11.90 -12.57 -14.14
N GLU A 48 -11.46 -13.20 -13.07
CA GLU A 48 -10.99 -12.49 -11.89
C GLU A 48 -9.62 -11.90 -12.15
N GLU A 49 -8.70 -12.79 -12.55
CA GLU A 49 -7.30 -12.45 -12.84
C GLU A 49 -6.57 -11.94 -11.57
N PRO A 50 -6.11 -12.89 -10.70
CA PRO A 50 -5.44 -12.58 -9.40
C PRO A 50 -4.01 -12.04 -9.55
N GLY A 51 -3.86 -11.18 -10.50
CA GLY A 51 -2.60 -10.58 -10.80
C GLY A 51 -2.72 -9.07 -10.74
N PRO A 52 -2.59 -8.37 -11.89
CA PRO A 52 -2.70 -6.90 -11.97
C PRO A 52 -4.13 -6.36 -11.72
N ALA A 53 -4.75 -6.84 -10.69
CA ALA A 53 -6.07 -6.39 -10.29
C ALA A 53 -5.93 -5.02 -9.64
N VAL A 54 -4.88 -4.86 -8.89
CA VAL A 54 -4.55 -3.61 -8.28
C VAL A 54 -3.12 -3.32 -8.68
N THR A 55 -2.91 -2.21 -9.33
CA THR A 55 -1.58 -1.90 -9.82
C THR A 55 -1.12 -0.54 -9.36
N LEU A 56 0.08 -0.49 -8.85
CA LEU A 56 0.63 0.77 -8.47
C LEU A 56 1.57 1.30 -9.55
N MET A 57 1.34 2.51 -9.95
CA MET A 57 2.17 3.17 -10.89
C MET A 57 2.94 4.23 -10.16
N VAL A 58 4.15 3.90 -9.82
CA VAL A 58 5.04 4.77 -9.09
C VAL A 58 6.44 4.63 -9.68
N ASP A 59 7.30 5.57 -9.34
CA ASP A 59 8.70 5.57 -9.79
C ASP A 59 9.47 4.44 -9.10
N GLU A 60 10.57 4.01 -9.72
CA GLU A 60 11.46 2.97 -9.20
C GLU A 60 11.86 3.26 -7.75
N SER A 61 12.22 4.51 -7.48
CA SER A 61 12.74 4.90 -6.19
C SER A 61 11.59 5.23 -5.21
N CYS A 62 10.38 4.96 -5.62
CA CYS A 62 9.28 5.13 -4.73
C CYS A 62 9.13 3.81 -4.00
N TRP A 63 9.70 3.77 -2.81
CA TRP A 63 9.83 2.59 -1.93
C TRP A 63 8.53 1.79 -1.72
N LEU A 64 7.40 2.40 -2.00
CA LEU A 64 6.10 1.76 -1.84
C LEU A 64 6.02 0.50 -2.72
N ARG A 65 6.72 0.52 -3.86
CA ARG A 65 6.74 -0.62 -4.77
C ARG A 65 7.79 -1.63 -4.32
N MET A 66 8.61 -1.24 -3.37
CA MET A 66 9.67 -2.11 -2.87
C MET A 66 9.16 -2.92 -1.71
N LEU A 67 8.03 -2.49 -1.19
CA LEU A 67 7.38 -3.18 -0.12
C LEU A 67 6.55 -4.30 -0.75
N PRO A 68 6.61 -5.53 -0.24
CA PRO A 68 5.82 -6.63 -0.79
C PRO A 68 4.33 -6.43 -0.55
N GLN A 69 3.54 -6.58 -1.59
CA GLN A 69 2.11 -6.35 -1.53
C GLN A 69 1.39 -7.57 -1.02
N VAL A 70 0.52 -7.36 -0.08
CA VAL A 70 -0.26 -8.41 0.53
C VAL A 70 -1.74 -8.09 0.45
N LEU A 71 -2.57 -9.11 0.51
CA LEU A 71 -4.01 -8.94 0.44
C LEU A 71 -4.61 -9.02 1.83
N THR A 72 -3.77 -9.29 2.80
CA THR A 72 -4.20 -9.40 4.16
C THR A 72 -3.73 -8.19 4.95
N GLU A 73 -4.47 -7.82 5.97
CA GLU A 73 -4.07 -6.72 6.82
C GLU A 73 -3.21 -7.26 7.96
N GLU A 74 -3.10 -8.56 7.99
CA GLU A 74 -2.31 -9.28 8.98
C GLU A 74 -0.83 -9.09 8.72
N ALA A 75 -0.49 -9.04 7.47
CA ALA A 75 0.91 -8.91 7.07
C ALA A 75 1.26 -7.47 6.79
N ALA A 76 0.28 -6.72 6.38
CA ALA A 76 0.48 -5.35 6.03
C ALA A 76 0.66 -4.49 7.25
N ASN A 77 1.84 -4.01 7.39
CA ASN A 77 2.18 -3.13 8.49
C ASN A 77 2.06 -1.70 8.04
N SER A 78 2.11 -1.51 6.75
CA SER A 78 1.99 -0.22 6.14
C SER A 78 0.96 -0.28 5.01
N GLU A 79 0.02 0.63 5.01
CA GLU A 79 -0.98 0.66 3.98
C GLU A 79 -0.92 1.98 3.23
N ILE A 80 -1.20 1.93 1.96
CA ILE A 80 -1.14 3.09 1.11
C ILE A 80 -2.54 3.43 0.66
N TYR A 81 -2.98 4.59 0.99
CA TYR A 81 -4.26 5.04 0.52
C TYR A 81 -4.06 6.19 -0.42
N ARG A 82 -4.93 6.30 -1.38
CA ARG A 82 -4.85 7.37 -2.33
C ARG A 82 -5.75 8.47 -1.90
N LYS A 83 -5.29 9.66 -2.04
CA LYS A 83 -6.03 10.81 -1.64
C LYS A 83 -5.45 12.04 -2.28
N ASP A 84 -6.26 12.69 -3.08
CA ASP A 84 -5.94 13.94 -3.76
C ASP A 84 -4.75 13.79 -4.70
N ASP A 85 -4.91 12.84 -5.63
CA ASP A 85 -3.94 12.53 -6.71
C ASP A 85 -2.60 12.05 -6.17
N ALA A 86 -2.56 11.66 -4.93
CA ALA A 86 -1.34 11.27 -4.31
C ALA A 86 -1.56 10.05 -3.48
N LEU A 87 -0.48 9.48 -3.01
CA LEU A 87 -0.51 8.32 -2.18
C LEU A 87 0.03 8.66 -0.83
N TRP A 88 -0.59 8.19 0.18
CA TRP A 88 -0.17 8.44 1.54
C TRP A 88 0.12 7.12 2.22
N CYS A 89 1.28 7.01 2.83
CA CYS A 89 1.70 5.78 3.48
C CYS A 89 1.52 5.89 4.98
N ARG A 90 0.77 4.97 5.55
CA ARG A 90 0.58 4.94 6.98
C ARG A 90 1.04 3.64 7.55
N VAL A 91 1.62 3.70 8.70
CA VAL A 91 1.94 2.51 9.44
C VAL A 91 0.65 2.14 10.14
N THR A 92 0.01 1.13 9.65
CA THR A 92 -1.27 0.76 10.12
C THR A 92 -1.15 -0.19 11.31
N LYS A 93 -0.04 -0.93 11.38
CA LYS A 93 0.21 -1.85 12.46
C LYS A 93 1.66 -1.80 12.85
N VAL A 94 1.92 -1.99 14.13
CA VAL A 94 3.24 -1.84 14.70
C VAL A 94 4.18 -2.94 14.22
N VAL A 95 5.23 -2.53 13.58
CA VAL A 95 6.28 -3.42 13.15
C VAL A 95 7.54 -3.11 13.97
N PRO A 96 8.02 -4.10 14.75
CA PRO A 96 9.20 -3.93 15.59
C PRO A 96 10.48 -3.74 14.79
N SER A 97 11.53 -3.33 15.47
CA SER A 97 12.82 -3.12 14.88
C SER A 97 13.37 -4.46 14.38
N GLY A 98 13.79 -4.48 13.14
CA GLY A 98 14.34 -5.68 12.58
C GLY A 98 13.29 -6.50 11.89
N GLY A 99 12.07 -6.01 11.89
CA GLY A 99 11.00 -6.72 11.27
C GLY A 99 10.78 -6.29 9.84
N LEU A 100 10.22 -7.16 9.06
CA LEU A 100 9.91 -6.90 7.68
C LEU A 100 8.48 -6.36 7.60
N LEU A 101 8.24 -5.47 6.68
CA LEU A 101 6.95 -4.89 6.55
C LEU A 101 6.37 -5.17 5.18
N TYR A 102 5.08 -5.36 5.14
CA TYR A 102 4.38 -5.60 3.92
C TYR A 102 3.43 -4.45 3.67
N VAL A 103 3.14 -4.19 2.43
CA VAL A 103 2.32 -3.06 2.07
C VAL A 103 0.92 -3.52 1.63
N ARG A 104 -0.08 -2.79 2.05
CA ARG A 104 -1.44 -3.04 1.63
C ARG A 104 -1.89 -1.83 0.84
N LEU A 105 -2.49 -2.05 -0.27
CA LEU A 105 -3.02 -0.96 -1.04
C LEU A 105 -4.49 -0.82 -0.68
N VAL A 106 -5.02 0.38 -0.81
CA VAL A 106 -6.41 0.63 -0.45
C VAL A 106 -7.40 0.05 -1.47
N THR A 107 -7.55 -1.22 -1.38
CA THR A 107 -8.44 -1.99 -2.18
C THR A 107 -8.68 -3.32 -1.47
N GLU A 108 -9.89 -3.76 -1.45
CA GLU A 108 -10.22 -5.02 -0.89
C GLU A 108 -10.27 -6.01 -2.05
N PRO A 109 -9.86 -7.32 -1.83
CA PRO A 109 -9.85 -8.35 -2.90
C PRO A 109 -11.22 -8.43 -3.59
N HIS A 110 -12.23 -8.31 -2.78
CA HIS A 110 -13.60 -8.21 -3.19
C HIS A 110 -14.25 -7.42 -2.10
N GLY A 111 -13.96 -7.85 -0.88
CA GLY A 111 -14.31 -7.14 0.32
C GLY A 111 -15.76 -6.82 0.46
N ALA A 112 -16.60 -7.81 0.28
CA ALA A 112 -18.01 -7.61 0.46
C ALA A 112 -18.28 -7.42 1.94
N PRO A 113 -18.74 -6.23 2.34
CA PRO A 113 -18.92 -5.87 3.74
C PRO A 113 -20.15 -6.52 4.38
N ARG A 114 -20.92 -7.20 3.58
CA ARG A 114 -22.07 -7.90 4.05
C ARG A 114 -21.83 -9.38 3.87
N HIS A 115 -22.42 -10.18 4.71
CA HIS A 115 -22.25 -11.60 4.65
C HIS A 115 -23.49 -12.24 4.03
N PRO A 116 -23.32 -13.26 3.15
CA PRO A 116 -24.44 -13.94 2.47
C PRO A 116 -25.40 -14.64 3.45
N VAL A 117 -24.93 -14.89 4.65
CA VAL A 117 -25.74 -15.51 5.67
C VAL A 117 -26.33 -14.48 6.61
N GLN A 118 -27.49 -13.97 6.26
CA GLN A 118 -28.21 -13.06 7.12
C GLN A 118 -29.05 -13.86 8.06
N GLU A 119 -29.67 -14.89 7.49
CA GLU A 119 -30.47 -15.91 8.18
C GLU A 119 -31.75 -15.40 8.84
N PRO A 120 -32.84 -16.14 8.66
CA PRO A 120 -34.13 -15.80 9.24
C PRO A 120 -34.14 -16.11 10.74
N VAL A 121 -34.92 -15.39 11.48
CA VAL A 121 -35.01 -15.60 12.90
C VAL A 121 -36.30 -16.31 13.22
N GLU A 122 -36.37 -16.85 14.41
CA GLU A 122 -37.58 -17.47 14.90
C GLU A 122 -38.26 -16.52 15.88
N PRO A 123 -39.28 -15.78 15.43
CA PRO A 123 -39.97 -14.81 16.26
C PRO A 123 -40.92 -15.48 17.27
N GLY A 124 -40.48 -15.57 18.51
CA GLY A 124 -41.31 -16.17 19.53
C GLY A 124 -42.18 -15.14 20.22
N GLY A 125 -41.92 -13.89 19.94
CA GLY A 125 -42.66 -12.83 20.54
C GLY A 125 -41.80 -12.06 21.48
N LEU A 126 -41.58 -12.60 22.63
CA LEU A 126 -40.79 -11.94 23.64
C LEU A 126 -39.43 -12.62 23.74
N ALA A 127 -38.44 -11.84 24.08
CA ALA A 127 -37.08 -12.30 24.24
C ALA A 127 -36.33 -11.27 25.04
#